data_3STR
# 
_entry.id   3STR 
# 
_audit_conform.dict_name       mmcif_pdbx.dic 
_audit_conform.dict_version    5.387 
_audit_conform.dict_location   http://mmcif.pdb.org/dictionaries/ascii/mmcif_pdbx.dic 
# 
loop_
_database_2.database_id 
_database_2.database_code 
_database_2.pdbx_database_accession 
_database_2.pdbx_DOI 
PDB   3STR         pdb_00003str 10.2210/pdb3str/pdb 
RCSB  RCSB066640   ?            ?                   
WWPDB D_1000066640 ?            ?                   
# 
loop_
_pdbx_audit_revision_history.ordinal 
_pdbx_audit_revision_history.data_content_type 
_pdbx_audit_revision_history.major_revision 
_pdbx_audit_revision_history.minor_revision 
_pdbx_audit_revision_history.revision_date 
1 'Structure model' 1 0 2011-07-27 
2 'Structure model' 1 1 2011-08-17 
3 'Structure model' 1 2 2014-04-16 
4 'Structure model' 1 3 2024-02-28 
# 
_pdbx_audit_revision_details.ordinal             1 
_pdbx_audit_revision_details.revision_ordinal    1 
_pdbx_audit_revision_details.data_content_type   'Structure model' 
_pdbx_audit_revision_details.provider            repository 
_pdbx_audit_revision_details.type                'Initial release' 
_pdbx_audit_revision_details.description         ? 
_pdbx_audit_revision_details.details             ? 
# 
loop_
_pdbx_audit_revision_group.ordinal 
_pdbx_audit_revision_group.revision_ordinal 
_pdbx_audit_revision_group.data_content_type 
_pdbx_audit_revision_group.group 
1 2 'Structure model' 'Database references'  
2 3 'Structure model' Other                  
3 4 'Structure model' 'Data collection'      
4 4 'Structure model' 'Database references'  
5 4 'Structure model' 'Derived calculations' 
# 
loop_
_pdbx_audit_revision_category.ordinal 
_pdbx_audit_revision_category.revision_ordinal 
_pdbx_audit_revision_category.data_content_type 
_pdbx_audit_revision_category.category 
1 4 'Structure model' chem_comp_atom         
2 4 'Structure model' chem_comp_bond         
3 4 'Structure model' database_2             
4 4 'Structure model' pdbx_struct_conn_angle 
5 4 'Structure model' struct_conn            
6 4 'Structure model' struct_site            
# 
loop_
_pdbx_audit_revision_item.ordinal 
_pdbx_audit_revision_item.revision_ordinal 
_pdbx_audit_revision_item.data_content_type 
_pdbx_audit_revision_item.item 
1  4 'Structure model' '_database_2.pdbx_DOI'                        
2  4 'Structure model' '_database_2.pdbx_database_accession'         
3  4 'Structure model' '_pdbx_struct_conn_angle.ptnr1_auth_comp_id'  
4  4 'Structure model' '_pdbx_struct_conn_angle.ptnr1_auth_seq_id'   
5  4 'Structure model' '_pdbx_struct_conn_angle.ptnr1_label_asym_id' 
6  4 'Structure model' '_pdbx_struct_conn_angle.ptnr1_label_atom_id' 
7  4 'Structure model' '_pdbx_struct_conn_angle.ptnr1_label_comp_id' 
8  4 'Structure model' '_pdbx_struct_conn_angle.ptnr1_label_seq_id'  
9  4 'Structure model' '_pdbx_struct_conn_angle.ptnr3_auth_comp_id'  
10 4 'Structure model' '_pdbx_struct_conn_angle.ptnr3_auth_seq_id'   
11 4 'Structure model' '_pdbx_struct_conn_angle.ptnr3_label_asym_id' 
12 4 'Structure model' '_pdbx_struct_conn_angle.ptnr3_label_atom_id' 
13 4 'Structure model' '_pdbx_struct_conn_angle.ptnr3_label_comp_id' 
14 4 'Structure model' '_pdbx_struct_conn_angle.ptnr3_label_seq_id'  
15 4 'Structure model' '_pdbx_struct_conn_angle.value'               
16 4 'Structure model' '_struct_conn.pdbx_dist_value'                
17 4 'Structure model' '_struct_conn.ptnr1_auth_comp_id'             
18 4 'Structure model' '_struct_conn.ptnr1_auth_seq_id'              
19 4 'Structure model' '_struct_conn.ptnr1_label_asym_id'            
20 4 'Structure model' '_struct_conn.ptnr1_label_atom_id'            
21 4 'Structure model' '_struct_conn.ptnr1_label_comp_id'            
22 4 'Structure model' '_struct_conn.ptnr1_label_seq_id'             
23 4 'Structure model' '_struct_conn.ptnr2_auth_comp_id'             
24 4 'Structure model' '_struct_conn.ptnr2_auth_seq_id'              
25 4 'Structure model' '_struct_conn.ptnr2_label_asym_id'            
26 4 'Structure model' '_struct_conn.ptnr2_label_atom_id'            
27 4 'Structure model' '_struct_conn.ptnr2_label_comp_id'            
28 4 'Structure model' '_struct_site.pdbx_auth_asym_id'              
29 4 'Structure model' '_struct_site.pdbx_auth_comp_id'              
30 4 'Structure model' '_struct_site.pdbx_auth_seq_id'               
# 
_pdbx_database_status.status_code                     REL 
_pdbx_database_status.entry_id                        3STR 
_pdbx_database_status.recvd_initial_deposition_date   2011-07-11 
_pdbx_database_status.deposit_site                    RCSB 
_pdbx_database_status.process_site                    RCSB 
_pdbx_database_status.status_code_sf                  REL 
_pdbx_database_status.status_code_mr                  ? 
_pdbx_database_status.SG_entry                        ? 
_pdbx_database_status.status_code_cs                  ? 
_pdbx_database_status.methods_development_category    ? 
_pdbx_database_status.pdb_format_compatible           Y 
_pdbx_database_status.status_code_nmr_data            ? 
# 
loop_
_audit_author.name 
_audit_author.pdbx_ordinal 
'Campobasso, N.' 1 
'Ward, P.'       2 
# 
_citation.id                        primary 
_citation.title                     'Understanding the origins of time-dependent inhibition by polypeptide deformylase inhibitors.' 
_citation.journal_abbrev            Biochemistry 
_citation.journal_volume            50 
_citation.page_first                6642 
_citation.page_last                 6654 
_citation.year                      2011 
_citation.journal_id_ASTM           BICHAW 
_citation.country                   US 
_citation.journal_id_ISSN           0006-2960 
_citation.journal_id_CSD            0033 
_citation.book_publisher            ? 
_citation.pdbx_database_id_PubMed   21711014 
_citation.pdbx_database_id_DOI      10.1021/bi200655g 
# 
loop_
_citation_author.citation_id 
_citation_author.name 
_citation_author.ordinal 
_citation_author.identifier_ORCID 
primary 'Totoritis, R.'        1  ? 
primary 'Duraiswami, C.'       2  ? 
primary 'Taylor, A.N.'         3  ? 
primary 'Kerrigan, J.J.'       4  ? 
primary 'Campobasso, N.'       5  ? 
primary 'Smith, K.J.'          6  ? 
primary 'Ward, P.'             7  ? 
primary 'King, B.W.'           8  ? 
primary 'Murrayz-Thompson, M.' 9  ? 
primary 'Jones, A.D.'          10 ? 
primary 'Van Aller, G.S.'      11 ? 
primary 'Aubart, K.M.'         12 ? 
primary 'Zalacain, M.'         13 ? 
primary 'Thrall, S.H.'         14 ? 
primary 'Meek, T.D.'           15 ? 
primary 'Schwartz, B.'         16 ? 
# 
loop_
_entity.id 
_entity.type 
_entity.src_method 
_entity.pdbx_description 
_entity.formula_weight 
_entity.pdbx_number_of_molecules 
_entity.pdbx_ec 
_entity.pdbx_mutation 
_entity.pdbx_fragment 
_entity.details 
1 polymer     man 'Peptide deformylase 3' 22721.049 1  3.5.1.88 ? ? ? 
2 non-polymer syn 'NICKEL (II) ION' 58.693    1  ?        ? ? ? 
3 non-polymer syn 'SULFATE ION' 96.063    4  ?        ? ? ? 
4 non-polymer syn 
;(4R)-3-(4-[4-(2-chlorophenyl)piperazin-1-yl]-6-{[2-methyl-6-(methylcarbamoyl)phenyl]amino}-1,3,5-triazin-2-yl)-N-[2-(hydroxyamino)-2-oxoethyl]-1,3-thiazolidine-4-carboxamide
;
641.144   1  ?        ? ? ? 
5 non-polymer syn GLYCEROL 92.094    1  ?        ? ? ? 
6 water       nat water 18.015    70 ?        ? ? ? 
# 
_entity_name_com.entity_id   1 
_entity_name_com.name        'PDF 3, Polypeptide deformylase 3' 
# 
_entity_poly.entity_id                      1 
_entity_poly.type                           'polypeptide(L)' 
_entity_poly.nstd_linkage                   no 
_entity_poly.nstd_monomer                   no 
_entity_poly.pdbx_seq_one_letter_code       
;MSAIERITKAAHLIDMNDIIREGNPTLRTVAEEVTFPLSDQEIILGEKMMQFLKHSQDPVMAEKMGLRGGVGLAAPQLDI
SKRIIAVLVPNIVEEGETPQEAYDLEAIMYNPKIVSHSVQDAALGEGEGCLSVDRNVPGYVVRHARVTVDYFDKDGEKHR
IKLKGYNSIVVQHEIDHINGIMFYDRINEKDPFAVKDGLLILE
;
_entity_poly.pdbx_seq_one_letter_code_can   
;MSAIERITKAAHLIDMNDIIREGNPTLRTVAEEVTFPLSDQEIILGEKMMQFLKHSQDPVMAEKMGLRGGVGLAAPQLDI
SKRIIAVLVPNIVEEGETPQEAYDLEAIMYNPKIVSHSVQDAALGEGEGCLSVDRNVPGYVVRHARVTVDYFDKDGEKHR
IKLKGYNSIVVQHEIDHINGIMFYDRINEKDPFAVKDGLLILE
;
_entity_poly.pdbx_strand_id                 P 
_entity_poly.pdbx_target_identifier         ? 
# 
loop_
_pdbx_entity_nonpoly.entity_id 
_pdbx_entity_nonpoly.name 
_pdbx_entity_nonpoly.comp_id 
2 'NICKEL (II) ION' NI  
3 'SULFATE ION' SO4 
4 
;(4R)-3-(4-[4-(2-chlorophenyl)piperazin-1-yl]-6-{[2-methyl-6-(methylcarbamoyl)phenyl]amino}-1,3,5-triazin-2-yl)-N-[2-(hydroxyamino)-2-oxoethyl]-1,3-thiazolidine-4-carboxamide
;
3LI 
5 GLYCEROL GOL 
6 water HOH 
# 
loop_
_entity_poly_seq.entity_id 
_entity_poly_seq.num 
_entity_poly_seq.mon_id 
_entity_poly_seq.hetero 
1 1   MET n 
1 2   SER n 
1 3   ALA n 
1 4   ILE n 
1 5   GLU n 
1 6   ARG n 
1 7   ILE n 
1 8   THR n 
1 9   LYS n 
1 10  ALA n 
1 11  ALA n 
1 12  HIS n 
1 13  LEU n 
1 14  ILE n 
1 15  ASP n 
1 16  MET n 
1 17  ASN n 
1 18  ASP n 
1 19  ILE n 
1 20  ILE n 
1 21  ARG n 
1 22  GLU n 
1 23  GLY n 
1 24  ASN n 
1 25  PRO n 
1 26  THR n 
1 27  LEU n 
1 28  ARG n 
1 29  THR n 
1 30  VAL n 
1 31  ALA n 
1 32  GLU n 
1 33  GLU n 
1 34  VAL n 
1 35  THR n 
1 36  PHE n 
1 37  PRO n 
1 38  LEU n 
1 39  SER n 
1 40  ASP n 
1 41  GLN n 
1 42  GLU n 
1 43  ILE n 
1 44  ILE n 
1 45  LEU n 
1 46  GLY n 
1 47  GLU n 
1 48  LYS n 
1 49  MET n 
1 50  MET n 
1 51  GLN n 
1 52  PHE n 
1 53  LEU n 
1 54  LYS n 
1 55  HIS n 
1 56  SER n 
1 57  GLN n 
1 58  ASP n 
1 59  PRO n 
1 60  VAL n 
1 61  MET n 
1 62  ALA n 
1 63  GLU n 
1 64  LYS n 
1 65  MET n 
1 66  GLY n 
1 67  LEU n 
1 68  ARG n 
1 69  GLY n 
1 70  GLY n 
1 71  VAL n 
1 72  GLY n 
1 73  LEU n 
1 74  ALA n 
1 75  ALA n 
1 76  PRO n 
1 77  GLN n 
1 78  LEU n 
1 79  ASP n 
1 80  ILE n 
1 81  SER n 
1 82  LYS n 
1 83  ARG n 
1 84  ILE n 
1 85  ILE n 
1 86  ALA n 
1 87  VAL n 
1 88  LEU n 
1 89  VAL n 
1 90  PRO n 
1 91  ASN n 
1 92  ILE n 
1 93  VAL n 
1 94  GLU n 
1 95  GLU n 
1 96  GLY n 
1 97  GLU n 
1 98  THR n 
1 99  PRO n 
1 100 GLN n 
1 101 GLU n 
1 102 ALA n 
1 103 TYR n 
1 104 ASP n 
1 105 LEU n 
1 106 GLU n 
1 107 ALA n 
1 108 ILE n 
1 109 MET n 
1 110 TYR n 
1 111 ASN n 
1 112 PRO n 
1 113 LYS n 
1 114 ILE n 
1 115 VAL n 
1 116 SER n 
1 117 HIS n 
1 118 SER n 
1 119 VAL n 
1 120 GLN n 
1 121 ASP n 
1 122 ALA n 
1 123 ALA n 
1 124 LEU n 
1 125 GLY n 
1 126 GLU n 
1 127 GLY n 
1 128 GLU n 
1 129 GLY n 
1 130 CYS n 
1 131 LEU n 
1 132 SER n 
1 133 VAL n 
1 134 ASP n 
1 135 ARG n 
1 136 ASN n 
1 137 VAL n 
1 138 PRO n 
1 139 GLY n 
1 140 TYR n 
1 141 VAL n 
1 142 VAL n 
1 143 ARG n 
1 144 HIS n 
1 145 ALA n 
1 146 ARG n 
1 147 VAL n 
1 148 THR n 
1 149 VAL n 
1 150 ASP n 
1 151 TYR n 
1 152 PHE n 
1 153 ASP n 
1 154 LYS n 
1 155 ASP n 
1 156 GLY n 
1 157 GLU n 
1 158 LYS n 
1 159 HIS n 
1 160 ARG n 
1 161 ILE n 
1 162 LYS n 
1 163 LEU n 
1 164 LYS n 
1 165 GLY n 
1 166 TYR n 
1 167 ASN n 
1 168 SER n 
1 169 ILE n 
1 170 VAL n 
1 171 VAL n 
1 172 GLN n 
1 173 HIS n 
1 174 GLU n 
1 175 ILE n 
1 176 ASP n 
1 177 HIS n 
1 178 ILE n 
1 179 ASN n 
1 180 GLY n 
1 181 ILE n 
1 182 MET n 
1 183 PHE n 
1 184 TYR n 
1 185 ASP n 
1 186 ARG n 
1 187 ILE n 
1 188 ASN n 
1 189 GLU n 
1 190 LYS n 
1 191 ASP n 
1 192 PRO n 
1 193 PHE n 
1 194 ALA n 
1 195 VAL n 
1 196 LYS n 
1 197 ASP n 
1 198 GLY n 
1 199 LEU n 
1 200 LEU n 
1 201 ILE n 
1 202 LEU n 
1 203 GLU n 
# 
_entity_src_gen.entity_id                          1 
_entity_src_gen.pdbx_src_id                        1 
_entity_src_gen.pdbx_alt_source_flag               sample 
_entity_src_gen.pdbx_seq_type                      ? 
_entity_src_gen.pdbx_beg_seq_num                   ? 
_entity_src_gen.pdbx_end_seq_num                   ? 
_entity_src_gen.gene_src_common_name               ? 
_entity_src_gen.gene_src_genus                     ? 
_entity_src_gen.pdbx_gene_src_gene                 'defB, def3' 
_entity_src_gen.gene_src_species                   ? 
_entity_src_gen.gene_src_strain                    ? 
_entity_src_gen.gene_src_tissue                    ? 
_entity_src_gen.gene_src_tissue_fraction           ? 
_entity_src_gen.gene_src_details                   ? 
_entity_src_gen.pdbx_gene_src_fragment             ? 
_entity_src_gen.pdbx_gene_src_scientific_name      'Streptococcus pneumoniae' 
_entity_src_gen.pdbx_gene_src_ncbi_taxonomy_id     1313 
_entity_src_gen.pdbx_gene_src_variant              ? 
_entity_src_gen.pdbx_gene_src_cell_line            ? 
_entity_src_gen.pdbx_gene_src_atcc                 ? 
_entity_src_gen.pdbx_gene_src_organ                ? 
_entity_src_gen.pdbx_gene_src_organelle            ? 
_entity_src_gen.pdbx_gene_src_cell                 ? 
_entity_src_gen.pdbx_gene_src_cellular_location    ? 
_entity_src_gen.host_org_common_name               ? 
_entity_src_gen.pdbx_host_org_scientific_name      'Escherichia coli' 
_entity_src_gen.pdbx_host_org_ncbi_taxonomy_id     562 
_entity_src_gen.host_org_genus                     ? 
_entity_src_gen.pdbx_host_org_gene                 ? 
_entity_src_gen.pdbx_host_org_organ                ? 
_entity_src_gen.host_org_species                   ? 
_entity_src_gen.pdbx_host_org_tissue               ? 
_entity_src_gen.pdbx_host_org_tissue_fraction      ? 
_entity_src_gen.pdbx_host_org_strain               ? 
_entity_src_gen.pdbx_host_org_variant              ? 
_entity_src_gen.pdbx_host_org_cell_line            ? 
_entity_src_gen.pdbx_host_org_atcc                 ? 
_entity_src_gen.pdbx_host_org_culture_collection   ? 
_entity_src_gen.pdbx_host_org_cell                 ? 
_entity_src_gen.pdbx_host_org_organelle            ? 
_entity_src_gen.pdbx_host_org_cellular_location    ? 
_entity_src_gen.pdbx_host_org_vector_type          ? 
_entity_src_gen.pdbx_host_org_vector               ? 
_entity_src_gen.host_org_details                   ? 
_entity_src_gen.expression_system_id               ? 
_entity_src_gen.plasmid_name                       ? 
_entity_src_gen.plasmid_details                    ? 
_entity_src_gen.pdbx_description                   ? 
# 
loop_
_chem_comp.id 
_chem_comp.type 
_chem_comp.mon_nstd_flag 
_chem_comp.name 
_chem_comp.pdbx_synonyms 
_chem_comp.formula 
_chem_comp.formula_weight 
3LI non-polymer         . 
;(4R)-3-(4-[4-(2-chlorophenyl)piperazin-1-yl]-6-{[2-methyl-6-(methylcarbamoyl)phenyl]amino}-1,3,5-triazin-2-yl)-N-[2-(hydroxyamino)-2-oxoethyl]-1,3-thiazolidine-4-carboxamide
;
?                               'C28 H33 Cl N10 O4 S' 641.144 
ALA 'L-peptide linking' y ALANINE ?                               'C3 H7 N O2'          89.093  
ARG 'L-peptide linking' y ARGININE ?                               'C6 H15 N4 O2 1'      175.209 
ASN 'L-peptide linking' y ASPARAGINE ?                               'C4 H8 N2 O3'         132.118 
ASP 'L-peptide linking' y 'ASPARTIC ACID' ?                               'C4 H7 N O4'          133.103 
CYS 'L-peptide linking' y CYSTEINE ?                               'C3 H7 N O2 S'        121.158 
GLN 'L-peptide linking' y GLUTAMINE ?                               'C5 H10 N2 O3'        146.144 
GLU 'L-peptide linking' y 'GLUTAMIC ACID' ?                               'C5 H9 N O4'          147.129 
GLY 'peptide linking'   y GLYCINE ?                               'C2 H5 N O2'          75.067  
GOL non-polymer         . GLYCEROL 'GLYCERIN; PROPANE-1,2,3-TRIOL' 'C3 H8 O3'            92.094  
HIS 'L-peptide linking' y HISTIDINE ?                               'C6 H10 N3 O2 1'      156.162 
HOH non-polymer         . WATER ?                               'H2 O'                18.015  
ILE 'L-peptide linking' y ISOLEUCINE ?                               'C6 H13 N O2'         131.173 
LEU 'L-peptide linking' y LEUCINE ?                               'C6 H13 N O2'         131.173 
LYS 'L-peptide linking' y LYSINE ?                               'C6 H15 N2 O2 1'      147.195 
MET 'L-peptide linking' y METHIONINE ?                               'C5 H11 N O2 S'       149.211 
NI  non-polymer         . 'NICKEL (II) ION' ?                               'Ni 2'                58.693  
PHE 'L-peptide linking' y PHENYLALANINE ?                               'C9 H11 N O2'         165.189 
PRO 'L-peptide linking' y PROLINE ?                               'C5 H9 N O2'          115.130 
SER 'L-peptide linking' y SERINE ?                               'C3 H7 N O3'          105.093 
SO4 non-polymer         . 'SULFATE ION' ?                               'O4 S -2'             96.063  
THR 'L-peptide linking' y THREONINE ?                               'C4 H9 N O3'          119.119 
TYR 'L-peptide linking' y TYROSINE ?                               'C9 H11 N O3'         181.189 
VAL 'L-peptide linking' y VALINE ?                               'C5 H11 N O2'         117.146 
# 
loop_
_pdbx_poly_seq_scheme.asym_id 
_pdbx_poly_seq_scheme.entity_id 
_pdbx_poly_seq_scheme.seq_id 
_pdbx_poly_seq_scheme.mon_id 
_pdbx_poly_seq_scheme.ndb_seq_num 
_pdbx_poly_seq_scheme.pdb_seq_num 
_pdbx_poly_seq_scheme.auth_seq_num 
_pdbx_poly_seq_scheme.pdb_mon_id 
_pdbx_poly_seq_scheme.auth_mon_id 
_pdbx_poly_seq_scheme.pdb_strand_id 
_pdbx_poly_seq_scheme.pdb_ins_code 
_pdbx_poly_seq_scheme.hetero 
A 1 1   MET 1   1   ?   ?   ?   P . n 
A 1 2   SER 2   2   2   SER SER P . n 
A 1 3   ALA 3   3   3   ALA ALA P . n 
A 1 4   ILE 4   4   4   ILE ILE P . n 
A 1 5   GLU 5   5   5   GLU GLU P . n 
A 1 6   ARG 6   6   6   ARG ARG P . n 
A 1 7   ILE 7   7   7   ILE ILE P . n 
A 1 8   THR 8   8   8   THR THR P . n 
A 1 9   LYS 9   9   9   LYS LYS P . n 
A 1 10  ALA 10  10  10  ALA ALA P . n 
A 1 11  ALA 11  11  11  ALA ALA P . n 
A 1 12  HIS 12  12  12  HIS HIS P . n 
A 1 13  LEU 13  13  13  LEU LEU P . n 
A 1 14  ILE 14  14  14  ILE ILE P . n 
A 1 15  ASP 15  15  15  ASP ASP P . n 
A 1 16  MET 16  16  16  MET MET P . n 
A 1 17  ASN 17  17  17  ASN ASN P . n 
A 1 18  ASP 18  18  18  ASP ASP P . n 
A 1 19  ILE 19  19  19  ILE ILE P . n 
A 1 20  ILE 20  20  20  ILE ILE P . n 
A 1 21  ARG 21  21  21  ARG ARG P . n 
A 1 22  GLU 22  22  22  GLU GLU P . n 
A 1 23  GLY 23  23  23  GLY GLY P . n 
A 1 24  ASN 24  24  24  ASN ASN P . n 
A 1 25  PRO 25  25  25  PRO PRO P . n 
A 1 26  THR 26  26  26  THR THR P . n 
A 1 27  LEU 27  27  27  LEU LEU P . n 
A 1 28  ARG 28  28  28  ARG ARG P . n 
A 1 29  THR 29  29  29  THR THR P . n 
A 1 30  VAL 30  30  30  VAL VAL P . n 
A 1 31  ALA 31  31  31  ALA ALA P . n 
A 1 32  GLU 32  32  32  GLU GLU P . n 
A 1 33  GLU 33  33  33  GLU GLU P . n 
A 1 34  VAL 34  34  34  VAL VAL P . n 
A 1 35  THR 35  35  35  THR THR P . n 
A 1 36  PHE 36  36  36  PHE PHE P . n 
A 1 37  PRO 37  37  37  PRO PRO P . n 
A 1 38  LEU 38  38  38  LEU LEU P . n 
A 1 39  SER 39  39  39  SER SER P . n 
A 1 40  ASP 40  40  40  ASP ASP P . n 
A 1 41  GLN 41  41  41  GLN GLN P . n 
A 1 42  GLU 42  42  42  GLU GLU P . n 
A 1 43  ILE 43  43  43  ILE ILE P . n 
A 1 44  ILE 44  44  44  ILE ILE P . n 
A 1 45  LEU 45  45  45  LEU LEU P . n 
A 1 46  GLY 46  46  46  GLY GLY P . n 
A 1 47  GLU 47  47  47  GLU GLU P . n 
A 1 48  LYS 48  48  48  LYS LYS P . n 
A 1 49  MET 49  49  49  MET MET P . n 
A 1 50  MET 50  50  50  MET MET P . n 
A 1 51  GLN 51  51  51  GLN GLN P . n 
A 1 52  PHE 52  52  52  PHE PHE P . n 
A 1 53  LEU 53  53  53  LEU LEU P . n 
A 1 54  LYS 54  54  54  LYS LYS P . n 
A 1 55  HIS 55  55  55  HIS HIS P . n 
A 1 56  SER 56  56  56  SER SER P . n 
A 1 57  GLN 57  57  57  GLN GLN P . n 
A 1 58  ASP 58  58  58  ASP ASP P . n 
A 1 59  PRO 59  59  59  PRO PRO P . n 
A 1 60  VAL 60  60  60  VAL VAL P . n 
A 1 61  MET 61  61  61  MET MET P . n 
A 1 62  ALA 62  62  62  ALA ALA P . n 
A 1 63  GLU 63  63  63  GLU GLU P . n 
A 1 64  LYS 64  64  64  LYS LYS P . n 
A 1 65  MET 65  65  65  MET MET P . n 
A 1 66  GLY 66  66  66  GLY GLY P . n 
A 1 67  LEU 67  67  67  LEU LEU P . n 
A 1 68  ARG 68  68  68  ARG ARG P . n 
A 1 69  GLY 69  69  69  GLY GLY P . n 
A 1 70  GLY 70  70  70  GLY GLY P . n 
A 1 71  VAL 71  71  71  VAL VAL P . n 
A 1 72  GLY 72  72  72  GLY GLY P . n 
A 1 73  LEU 73  73  73  LEU LEU P . n 
A 1 74  ALA 74  74  74  ALA ALA P . n 
A 1 75  ALA 75  75  75  ALA ALA P . n 
A 1 76  PRO 76  76  76  PRO PRO P . n 
A 1 77  GLN 77  77  77  GLN GLN P . n 
A 1 78  LEU 78  78  78  LEU LEU P . n 
A 1 79  ASP 79  79  79  ASP ASP P . n 
A 1 80  ILE 80  80  80  ILE ILE P . n 
A 1 81  SER 81  81  81  SER SER P . n 
A 1 82  LYS 82  82  82  LYS LYS P . n 
A 1 83  ARG 83  83  83  ARG ARG P . n 
A 1 84  ILE 84  84  84  ILE ILE P . n 
A 1 85  ILE 85  85  85  ILE ILE P . n 
A 1 86  ALA 86  86  86  ALA ALA P . n 
A 1 87  VAL 87  87  87  VAL VAL P . n 
A 1 88  LEU 88  88  88  LEU LEU P . n 
A 1 89  VAL 89  89  89  VAL VAL P . n 
A 1 90  PRO 90  90  90  PRO PRO P . n 
A 1 91  ASN 91  91  91  ASN ASN P . n 
A 1 92  ILE 92  92  92  ILE ALA P . n 
A 1 93  VAL 93  93  ?   ?   ?   P . n 
A 1 94  GLU 94  94  ?   ?   ?   P . n 
A 1 95  GLU 95  95  ?   ?   ?   P . n 
A 1 96  GLY 96  96  ?   ?   ?   P . n 
A 1 97  GLU 97  97  ?   ?   ?   P . n 
A 1 98  THR 98  98  ?   ?   ?   P . n 
A 1 99  PRO 99  99  ?   ?   ?   P . n 
A 1 100 GLN 100 100 ?   ?   ?   P . n 
A 1 101 GLU 101 101 ?   ?   ?   P . n 
A 1 102 ALA 102 102 102 ALA ALA P . n 
A 1 103 TYR 103 103 103 TYR TYR P . n 
A 1 104 ASP 104 104 104 ASP ASP P . n 
A 1 105 LEU 105 105 105 LEU LEU P . n 
A 1 106 GLU 106 106 106 GLU GLU P . n 
A 1 107 ALA 107 107 107 ALA ALA P . n 
A 1 108 ILE 108 108 108 ILE ILE P . n 
A 1 109 MET 109 109 109 MET MET P . n 
A 1 110 TYR 110 110 110 TYR TYR P . n 
A 1 111 ASN 111 111 111 ASN ASN P . n 
A 1 112 PRO 112 112 112 PRO PRO P . n 
A 1 113 LYS 113 113 113 LYS LYS P . n 
A 1 114 ILE 114 114 114 ILE ILE P . n 
A 1 115 VAL 115 115 115 VAL VAL P . n 
A 1 116 SER 116 116 116 SER SER P . n 
A 1 117 HIS 117 117 117 HIS HIS P . n 
A 1 118 SER 118 118 118 SER SER P . n 
A 1 119 VAL 119 119 119 VAL VAL P . n 
A 1 120 GLN 120 120 120 GLN GLN P . n 
A 1 121 ASP 121 121 121 ASP ASP P . n 
A 1 122 ALA 122 122 122 ALA ALA P . n 
A 1 123 ALA 123 123 123 ALA ALA P . n 
A 1 124 LEU 124 124 124 LEU LEU P . n 
A 1 125 GLY 125 125 125 GLY GLY P . n 
A 1 126 GLU 126 126 126 GLU GLU P . n 
A 1 127 GLY 127 127 127 GLY GLY P . n 
A 1 128 GLU 128 128 128 GLU GLU P . n 
A 1 129 GLY 129 129 129 GLY GLY P . n 
A 1 130 CYS 130 130 130 CYS CYS P . n 
A 1 131 LEU 131 131 131 LEU LEU P . n 
A 1 132 SER 132 132 132 SER SER P . n 
A 1 133 VAL 133 133 133 VAL VAL P . n 
A 1 134 ASP 134 134 134 ASP ASP P . n 
A 1 135 ARG 135 135 135 ARG ARG P . n 
A 1 136 ASN 136 136 136 ASN ASN P . n 
A 1 137 VAL 137 137 137 VAL VAL P . n 
A 1 138 PRO 138 138 138 PRO PRO P . n 
A 1 139 GLY 139 139 139 GLY GLY P . n 
A 1 140 TYR 140 140 140 TYR TYR P . n 
A 1 141 VAL 141 141 141 VAL VAL P . n 
A 1 142 VAL 142 142 142 VAL VAL P . n 
A 1 143 ARG 143 143 143 ARG ARG P . n 
A 1 144 HIS 144 144 144 HIS HIS P . n 
A 1 145 ALA 145 145 145 ALA ALA P . n 
A 1 146 ARG 146 146 146 ARG ARG P . n 
A 1 147 VAL 147 147 147 VAL VAL P . n 
A 1 148 THR 148 148 148 THR THR P . n 
A 1 149 VAL 149 149 149 VAL VAL P . n 
A 1 150 ASP 150 150 150 ASP ASP P . n 
A 1 151 TYR 151 151 151 TYR TYR P . n 
A 1 152 PHE 152 152 152 PHE PHE P . n 
A 1 153 ASP 153 153 153 ASP ASP P . n 
A 1 154 LYS 154 154 154 LYS LYS P . n 
A 1 155 ASP 155 155 155 ASP ASP P . n 
A 1 156 GLY 156 156 156 GLY GLY P . n 
A 1 157 GLU 157 157 157 GLU GLU P . n 
A 1 158 LYS 158 158 158 LYS LYS P . n 
A 1 159 HIS 159 159 159 HIS HIS P . n 
A 1 160 ARG 160 160 160 ARG ARG P . n 
A 1 161 ILE 161 161 161 ILE ILE P . n 
A 1 162 LYS 162 162 162 LYS LYS P . n 
A 1 163 LEU 163 163 163 LEU LEU P . n 
A 1 164 LYS 164 164 164 LYS LYS P . n 
A 1 165 GLY 165 165 165 GLY GLY P . n 
A 1 166 TYR 166 166 166 TYR TYR P . n 
A 1 167 ASN 167 167 167 ASN ASN P . n 
A 1 168 SER 168 168 168 SER SER P . n 
A 1 169 ILE 169 169 169 ILE ILE P . n 
A 1 170 VAL 170 170 170 VAL VAL P . n 
A 1 171 VAL 171 171 171 VAL VAL P . n 
A 1 172 GLN 172 172 172 GLN GLN P . n 
A 1 173 HIS 173 173 173 HIS HIS P . n 
A 1 174 GLU 174 174 174 GLU GLU P . n 
A 1 175 ILE 175 175 175 ILE ILE P . n 
A 1 176 ASP 176 176 176 ASP ASP P . n 
A 1 177 HIS 177 177 177 HIS HIS P . n 
A 1 178 ILE 178 178 178 ILE ILE P . n 
A 1 179 ASN 179 179 179 ASN ASN P . n 
A 1 180 GLY 180 180 180 GLY GLY P . n 
A 1 181 ILE 181 181 181 ILE ILE P . n 
A 1 182 MET 182 182 182 MET MET P . n 
A 1 183 PHE 183 183 183 PHE PHE P . n 
A 1 184 TYR 184 184 184 TYR TYR P . n 
A 1 185 ASP 185 185 185 ASP ASP P . n 
A 1 186 ARG 186 186 186 ARG ARG P . n 
A 1 187 ILE 187 187 187 ILE ILE P . n 
A 1 188 ASN 188 188 188 ASN ASN P . n 
A 1 189 GLU 189 189 189 GLU GLU P . n 
A 1 190 LYS 190 190 190 LYS LYS P . n 
A 1 191 ASP 191 191 191 ASP ASP P . n 
A 1 192 PRO 192 192 192 PRO PRO P . n 
A 1 193 PHE 193 193 193 PHE PHE P . n 
A 1 194 ALA 194 194 194 ALA ALA P . n 
A 1 195 VAL 195 195 195 VAL VAL P . n 
A 1 196 LYS 196 196 196 LYS LYS P . n 
A 1 197 ASP 197 197 197 ASP ASP P . n 
A 1 198 GLY 198 198 198 GLY GLY P . n 
A 1 199 LEU 199 199 199 LEU LEU P . n 
A 1 200 LEU 200 200 200 LEU LEU P . n 
A 1 201 ILE 201 201 201 ILE ILE P . n 
A 1 202 LEU 202 202 202 LEU LEU P . n 
A 1 203 GLU 203 203 203 GLU GLU P . n 
# 
loop_
_pdbx_nonpoly_scheme.asym_id 
_pdbx_nonpoly_scheme.entity_id 
_pdbx_nonpoly_scheme.mon_id 
_pdbx_nonpoly_scheme.ndb_seq_num 
_pdbx_nonpoly_scheme.pdb_seq_num 
_pdbx_nonpoly_scheme.auth_seq_num 
_pdbx_nonpoly_scheme.pdb_mon_id 
_pdbx_nonpoly_scheme.auth_mon_id 
_pdbx_nonpoly_scheme.pdb_strand_id 
_pdbx_nonpoly_scheme.pdb_ins_code 
B 2 NI  1  204 1   NI  NI2 P . 
C 3 SO4 1  205 1   SO4 SO4 P . 
D 3 SO4 1  206 2   SO4 SO4 P . 
E 3 SO4 1  207 3   SO4 SO4 P . 
F 3 SO4 1  208 4   SO4 SO4 P . 
G 4 3LI 1  209 205 3LI 3LI P . 
H 5 GOL 1  210 1   GOL GOL P . 
I 6 HOH 1  211 3   HOH HOH P . 
I 6 HOH 2  212 5   HOH HOH P . 
I 6 HOH 3  213 6   HOH HOH P . 
I 6 HOH 4  214 7   HOH HOH P . 
I 6 HOH 5  215 8   HOH HOH P . 
I 6 HOH 6  216 9   HOH HOH P . 
I 6 HOH 7  217 10  HOH HOH P . 
I 6 HOH 8  218 11  HOH HOH P . 
I 6 HOH 9  219 13  HOH HOH P . 
I 6 HOH 10 220 14  HOH HOH P . 
I 6 HOH 11 221 15  HOH HOH P . 
I 6 HOH 12 222 16  HOH HOH P . 
I 6 HOH 13 223 17  HOH HOH P . 
I 6 HOH 14 224 18  HOH HOH P . 
I 6 HOH 15 225 19  HOH HOH P . 
I 6 HOH 16 226 20  HOH HOH P . 
I 6 HOH 17 227 21  HOH HOH P . 
I 6 HOH 18 228 22  HOH HOH P . 
I 6 HOH 19 229 23  HOH HOH P . 
I 6 HOH 20 230 24  HOH HOH P . 
I 6 HOH 21 231 25  HOH HOH P . 
I 6 HOH 22 232 26  HOH HOH P . 
I 6 HOH 23 233 27  HOH HOH P . 
I 6 HOH 24 234 28  HOH HOH P . 
I 6 HOH 25 235 31  HOH HOH P . 
I 6 HOH 26 236 32  HOH HOH P . 
I 6 HOH 27 237 33  HOH HOH P . 
I 6 HOH 28 238 35  HOH HOH P . 
I 6 HOH 29 239 36  HOH HOH P . 
I 6 HOH 30 240 38  HOH HOH P . 
I 6 HOH 31 241 39  HOH HOH P . 
I 6 HOH 32 242 40  HOH HOH P . 
I 6 HOH 33 243 41  HOH HOH P . 
I 6 HOH 34 244 42  HOH HOH P . 
I 6 HOH 35 245 43  HOH HOH P . 
I 6 HOH 36 246 44  HOH HOH P . 
I 6 HOH 37 247 45  HOH HOH P . 
I 6 HOH 38 248 46  HOH HOH P . 
I 6 HOH 39 249 48  HOH HOH P . 
I 6 HOH 40 250 49  HOH HOH P . 
I 6 HOH 41 251 51  HOH HOH P . 
I 6 HOH 42 252 53  HOH HOH P . 
I 6 HOH 43 253 54  HOH HOH P . 
I 6 HOH 44 254 55  HOH HOH P . 
I 6 HOH 45 255 56  HOH HOH P . 
I 6 HOH 46 256 57  HOH HOH P . 
I 6 HOH 47 257 58  HOH HOH P . 
I 6 HOH 48 258 59  HOH HOH P . 
I 6 HOH 49 259 60  HOH HOH P . 
I 6 HOH 50 260 61  HOH HOH P . 
I 6 HOH 51 261 62  HOH HOH P . 
I 6 HOH 52 262 63  HOH HOH P . 
I 6 HOH 53 263 67  HOH HOH P . 
I 6 HOH 54 264 69  HOH HOH P . 
I 6 HOH 55 265 70  HOH HOH P . 
I 6 HOH 56 266 71  HOH HOH P . 
I 6 HOH 57 267 72  HOH HOH P . 
I 6 HOH 58 268 73  HOH HOH P . 
I 6 HOH 59 269 74  HOH HOH P . 
I 6 HOH 60 270 75  HOH HOH P . 
I 6 HOH 61 271 77  HOH HOH P . 
I 6 HOH 62 272 78  HOH HOH P . 
I 6 HOH 63 273 79  HOH HOH P . 
I 6 HOH 64 274 80  HOH HOH P . 
I 6 HOH 65 275 82  HOH HOH P . 
I 6 HOH 66 276 83  HOH HOH P . 
I 6 HOH 67 277 84  HOH HOH P . 
I 6 HOH 68 278 85  HOH HOH P . 
I 6 HOH 69 279 86  HOH HOH P . 
I 6 HOH 70 280 87  HOH HOH P . 
# 
loop_
_pdbx_unobs_or_zero_occ_atoms.id 
_pdbx_unobs_or_zero_occ_atoms.PDB_model_num 
_pdbx_unobs_or_zero_occ_atoms.polymer_flag 
_pdbx_unobs_or_zero_occ_atoms.occupancy_flag 
_pdbx_unobs_or_zero_occ_atoms.auth_asym_id 
_pdbx_unobs_or_zero_occ_atoms.auth_comp_id 
_pdbx_unobs_or_zero_occ_atoms.auth_seq_id 
_pdbx_unobs_or_zero_occ_atoms.PDB_ins_code 
_pdbx_unobs_or_zero_occ_atoms.auth_atom_id 
_pdbx_unobs_or_zero_occ_atoms.label_alt_id 
_pdbx_unobs_or_zero_occ_atoms.label_asym_id 
_pdbx_unobs_or_zero_occ_atoms.label_comp_id 
_pdbx_unobs_or_zero_occ_atoms.label_seq_id 
_pdbx_unobs_or_zero_occ_atoms.label_atom_id 
1 1 Y 1 P GLU 63 ? CD  ? A GLU 63 CD  
2 1 Y 1 P GLU 63 ? OE1 ? A GLU 63 OE1 
3 1 Y 1 P GLU 63 ? OE2 ? A GLU 63 OE2 
4 1 Y 1 P ILE 92 ? CG1 ? A ILE 92 CG1 
5 1 Y 1 P ILE 92 ? CG2 ? A ILE 92 CG2 
6 1 Y 1 P ILE 92 ? CD1 ? A ILE 92 CD1 
# 
loop_
_software.name 
_software.classification 
_software.version 
_software.citation_id 
_software.pdbx_ordinal 
PHASER   phasing          .                          ? 1 
PHENIX   refinement       '(phenix.refine: 1.7_650)' ? 2 
HKL-2000 'data reduction' .                          ? 3 
HKL-2000 'data scaling'   .                          ? 4 
# 
_cell.entry_id           3STR 
_cell.length_a           50.274 
_cell.length_b           50.274 
_cell.length_c           91.486 
_cell.angle_alpha        90.00 
_cell.angle_beta         90.00 
_cell.angle_gamma        90.00 
_cell.Z_PDB              4 
_cell.pdbx_unique_axis   ? 
_cell.length_a_esd       ? 
_cell.length_b_esd       ? 
_cell.length_c_esd       ? 
_cell.angle_alpha_esd    ? 
_cell.angle_beta_esd     ? 
_cell.angle_gamma_esd    ? 
# 
_symmetry.entry_id                         3STR 
_symmetry.space_group_name_H-M             'P 43' 
_symmetry.pdbx_full_space_group_name_H-M   ? 
_symmetry.cell_setting                     ? 
_symmetry.Int_Tables_number                78 
_symmetry.space_group_name_Hall            ? 
# 
_exptl.entry_id          3STR 
_exptl.method            'X-RAY DIFFRACTION' 
_exptl.crystals_number   1 
# 
_exptl_crystal.id                    1 
_exptl_crystal.density_meas          ? 
_exptl_crystal.density_Matthews      2.54 
_exptl_crystal.density_percent_sol   51.65 
_exptl_crystal.description           ? 
_exptl_crystal.F_000                 ? 
_exptl_crystal.preparation           ? 
# 
_exptl_crystal_grow.crystal_id      1 
_exptl_crystal_grow.method          'VAPOR DIFFUSION' 
_exptl_crystal_grow.temp            298 
_exptl_crystal_grow.temp_details    ? 
_exptl_crystal_grow.pH              7.5 
_exptl_crystal_grow.pdbx_details    '0.1 M HEPES, 3.3 M AmSO4, 3 % PEG 400, pH 7.5, VAPOR DIFFUSION, temperature 298K' 
_exptl_crystal_grow.pdbx_pH_range   ? 
# 
_diffrn.id                     1 
_diffrn.ambient_temp           ? 
_diffrn.ambient_temp_details   ? 
_diffrn.crystal_id             1 
# 
_diffrn_detector.diffrn_id              1 
_diffrn_detector.detector               CCD 
_diffrn_detector.type                   'RAYONIX MX-300' 
_diffrn_detector.pdbx_collection_date   2008-11-28 
_diffrn_detector.details                ? 
# 
_diffrn_radiation.diffrn_id                        1 
_diffrn_radiation.wavelength_id                    1 
_diffrn_radiation.pdbx_monochromatic_or_laue_m_l   M 
_diffrn_radiation.monochromator                    ? 
_diffrn_radiation.pdbx_diffrn_protocol             'SINGLE WAVELENGTH' 
_diffrn_radiation.pdbx_scattering_type             x-ray 
# 
_diffrn_radiation_wavelength.id           1 
_diffrn_radiation_wavelength.wavelength   0.9787 
_diffrn_radiation_wavelength.wt           1.0 
# 
_diffrn_source.diffrn_id                   1 
_diffrn_source.source                      SYNCHROTRON 
_diffrn_source.type                        'APS BEAMLINE 21-ID-F' 
_diffrn_source.pdbx_synchrotron_site       APS 
_diffrn_source.pdbx_synchrotron_beamline   21-ID-F 
_diffrn_source.pdbx_wavelength             ? 
_diffrn_source.pdbx_wavelength_list        0.9787 
# 
_reflns.entry_id                     3STR 
_reflns.observed_criterion_sigma_I   2 
_reflns.observed_criterion_sigma_F   2 
_reflns.d_resolution_low             30 
_reflns.d_resolution_high            1.75 
_reflns.number_obs                   22946 
_reflns.number_all                   22981 
_reflns.percent_possible_obs         99.9 
_reflns.pdbx_Rmerge_I_obs            ? 
_reflns.pdbx_Rsym_value              ? 
_reflns.pdbx_netI_over_sigmaI        ? 
_reflns.B_iso_Wilson_estimate        ? 
_reflns.pdbx_redundancy              ? 
_reflns.R_free_details               ? 
_reflns.limit_h_max                  ? 
_reflns.limit_h_min                  ? 
_reflns.limit_k_max                  ? 
_reflns.limit_k_min                  ? 
_reflns.limit_l_max                  ? 
_reflns.limit_l_min                  ? 
_reflns.observed_criterion_F_max     ? 
_reflns.observed_criterion_F_min     ? 
_reflns.pdbx_chi_squared             ? 
_reflns.pdbx_scaling_rejects         ? 
_reflns.pdbx_ordinal                 1 
_reflns.pdbx_diffrn_id               1 
# 
_refine.entry_id                                 3STR 
_refine.ls_number_reflns_obs                     21702 
_refine.ls_number_reflns_all                     ? 
_refine.pdbx_ls_sigma_I                          ? 
_refine.pdbx_ls_sigma_F                          0.00 
_refine.pdbx_data_cutoff_high_absF               ? 
_refine.pdbx_data_cutoff_low_absF                ? 
_refine.pdbx_data_cutoff_high_rms_absF           ? 
_refine.ls_d_res_low                             26.074 
_refine.ls_d_res_high                            1.75 
_refine.ls_percent_reflns_obs                    94.50 
_refine.ls_R_factor_obs                          0.1952 
_refine.ls_R_factor_all                          ? 
_refine.ls_R_factor_R_work                       0.1920 
_refine.ls_R_factor_R_free                       0.2299 
_refine.ls_R_factor_R_free_error                 ? 
_refine.ls_R_factor_R_free_error_details         ? 
_refine.ls_percent_reflns_R_free                 8.63 
_refine.ls_number_reflns_R_free                  1872 
_refine.ls_number_parameters                     ? 
_refine.ls_number_restraints                     ? 
_refine.occupancy_min                            ? 
_refine.occupancy_max                            ? 
_refine.correlation_coeff_Fo_to_Fc               ? 
_refine.correlation_coeff_Fo_to_Fc_free          ? 
_refine.B_iso_mean                               ? 
_refine.aniso_B[1][1]                            6.8803 
_refine.aniso_B[2][2]                            6.8803 
_refine.aniso_B[3][3]                            -13.7605 
_refine.aniso_B[1][2]                            0.0000 
_refine.aniso_B[1][3]                            -0.0000 
_refine.aniso_B[2][3]                            -0.0000 
_refine.solvent_model_details                    'FLAT BULK SOLVENT MODEL' 
_refine.solvent_model_param_ksol                 0.440 
_refine.solvent_model_param_bsol                 60.763 
_refine.pdbx_solvent_vdw_probe_radii             1.10 
_refine.pdbx_solvent_ion_probe_radii             ? 
_refine.pdbx_solvent_shrinkage_radii             0.83 
_refine.pdbx_ls_cross_valid_method               ? 
_refine.details                                  ? 
_refine.pdbx_starting_model                      ? 
_refine.pdbx_method_to_determine_struct          'MOLECULAR REPLACEMENT' 
_refine.pdbx_isotropic_thermal_model             ? 
_refine.pdbx_stereochemistry_target_values       ML 
_refine.pdbx_stereochem_target_val_spec_case     ? 
_refine.pdbx_R_Free_selection_details            ? 
_refine.pdbx_overall_ESU_R_Free                  ? 
_refine.overall_SU_ML                            0.24 
_refine.pdbx_overall_phase_error                 23.82 
_refine.overall_SU_B                             ? 
_refine.overall_SU_R_Cruickshank_DPI             ? 
_refine.ls_redundancy_reflns_obs                 ? 
_refine.B_iso_min                                ? 
_refine.B_iso_max                                ? 
_refine.overall_SU_R_free                        ? 
_refine.ls_wR_factor_R_free                      ? 
_refine.ls_wR_factor_R_work                      ? 
_refine.overall_FOM_free_R_set                   ? 
_refine.overall_FOM_work_R_set                   ? 
_refine.pdbx_diffrn_id                           1 
_refine.pdbx_refine_id                           'X-RAY DIFFRACTION' 
_refine.pdbx_overall_ESU_R                       ? 
_refine.pdbx_TLS_residual_ADP_flag               ? 
_refine.pdbx_overall_SU_R_free_Cruickshank_DPI   ? 
_refine.pdbx_overall_SU_R_Blow_DPI               ? 
_refine.pdbx_overall_SU_R_free_Blow_DPI          ? 
# 
_refine_hist.pdbx_refine_id                   'X-RAY DIFFRACTION' 
_refine_hist.cycle_id                         LAST 
_refine_hist.pdbx_number_atoms_protein        1508 
_refine_hist.pdbx_number_atoms_nucleic_acid   0 
_refine_hist.pdbx_number_atoms_ligand         71 
_refine_hist.number_atoms_solvent             70 
_refine_hist.number_atoms_total               1649 
_refine_hist.d_res_high                       1.75 
_refine_hist.d_res_low                        26.074 
# 
loop_
_refine_ls_restr.type 
_refine_ls_restr.dev_ideal 
_refine_ls_restr.dev_ideal_target 
_refine_ls_restr.weight 
_refine_ls_restr.number 
_refine_ls_restr.pdbx_restraint_function 
_refine_ls_restr.pdbx_refine_id 
f_bond_d           0.006  ? ? 1612 ? 'X-RAY DIFFRACTION' 
f_angle_d          1.054  ? ? 2181 ? 'X-RAY DIFFRACTION' 
f_dihedral_angle_d 13.107 ? ? 601  ? 'X-RAY DIFFRACTION' 
f_chiral_restr     0.068  ? ? 239  ? 'X-RAY DIFFRACTION' 
f_plane_restr      0.004  ? ? 287  ? 'X-RAY DIFFRACTION' 
# 
loop_
_refine_ls_shell.pdbx_total_number_of_bins_used 
_refine_ls_shell.d_res_high 
_refine_ls_shell.d_res_low 
_refine_ls_shell.number_reflns_R_work 
_refine_ls_shell.R_factor_R_work 
_refine_ls_shell.percent_reflns_obs 
_refine_ls_shell.R_factor_R_free 
_refine_ls_shell.R_factor_R_free_error 
_refine_ls_shell.percent_reflns_R_free 
_refine_ls_shell.number_reflns_R_free 
_refine_ls_shell.number_reflns_all 
_refine_ls_shell.R_factor_all 
_refine_ls_shell.number_reflns_obs 
_refine_ls_shell.redundancy_reflns_obs 
_refine_ls_shell.pdbx_refine_id 
. 1.75   1.7960  1315 0.2743 81.00  0.3079 . . 121 . . . . 'X-RAY DIFFRACTION' 
. 1.7960 1.8489  1381 0.2425 88.00  0.2705 . . 138 . . . . 'X-RAY DIFFRACTION' 
. 1.8489 1.9085  1451 0.2095 90.00  0.2773 . . 140 . . . . 'X-RAY DIFFRACTION' 
. 1.9085 1.9767  1460 0.1955 91.00  0.2304 . . 142 . . . . 'X-RAY DIFFRACTION' 
. 1.9767 2.0558  1506 0.1879 94.00  0.2224 . . 139 . . . . 'X-RAY DIFFRACTION' 
. 2.0558 2.1494  1557 0.1846 96.00  0.2889 . . 150 . . . . 'X-RAY DIFFRACTION' 
. 2.1494 2.2626  1550 0.1839 96.00  0.2078 . . 147 . . . . 'X-RAY DIFFRACTION' 
. 2.2626 2.4043  1575 0.1807 98.00  0.2312 . . 145 . . . . 'X-RAY DIFFRACTION' 
. 2.4043 2.5898  1574 0.1930 98.00  0.2254 . . 147 . . . . 'X-RAY DIFFRACTION' 
. 2.5898 2.8501  1587 0.1956 99.00  0.2517 . . 155 . . . . 'X-RAY DIFFRACTION' 
. 2.8501 3.2618  1599 0.1973 99.00  0.2435 . . 153 . . . . 'X-RAY DIFFRACTION' 
. 3.2618 4.1070  1622 0.1811 100.00 0.2027 . . 146 . . . . 'X-RAY DIFFRACTION' 
. 4.1070 26.0764 1653 0.1888 100.00 0.2133 . . 149 . . . . 'X-RAY DIFFRACTION' 
# 
_struct.entry_id                  3STR 
_struct.title                     'Strep Peptide Deformylase with a time dependent thiazolidine hydroxamic acid' 
_struct.pdbx_model_details        ? 
_struct.pdbx_CASP_flag            ? 
_struct.pdbx_model_type_details   ? 
# 
_struct_keywords.entry_id        3STR 
_struct_keywords.pdbx_keywords   'HYDROLASE/HYDROLASE INHIBITOR' 
_struct_keywords.text            
'alpha-beta fold, hydrolase activity, peptide deformylase activity, metal ion binding, HYDROLASE-HYDROLASE INHIBITOR complex' 
# 
loop_
_struct_asym.id 
_struct_asym.pdbx_blank_PDB_chainid_flag 
_struct_asym.pdbx_modified 
_struct_asym.entity_id 
_struct_asym.details 
A N N 1 ? 
B N N 2 ? 
C N N 3 ? 
D N N 3 ? 
E N N 3 ? 
F N N 3 ? 
G N N 4 ? 
H N N 5 ? 
I N N 6 ? 
# 
_struct_ref.id                         1 
_struct_ref.db_name                    UNP 
_struct_ref.db_code                    Q939R9_STRPN 
_struct_ref.pdbx_db_accession          Q939R9 
_struct_ref.entity_id                  1 
_struct_ref.pdbx_seq_one_letter_code   
;MSAIERITKAAHLIDMNDIIREGNPTLRTVAEEVTFPLSDQEIILGEKMMQFLKHSQDPVMAEKMGLRGGVGLAAPQLDI
SKRIIAVLVPNIVEEGETPQEAYDLEAIMYNPKIVSHSVQDAALGEGEGCLSVDRNVPGYVVRHARVTVDYFDKDGEKHR
IKLKGYNSIVVQHEIDHINGIMFYDRINEKDPFAVKDGLLILE
;
_struct_ref.pdbx_align_begin           1 
_struct_ref.pdbx_db_isoform            ? 
# 
_struct_ref_seq.align_id                      1 
_struct_ref_seq.ref_id                        1 
_struct_ref_seq.pdbx_PDB_id_code              3STR 
_struct_ref_seq.pdbx_strand_id                P 
_struct_ref_seq.seq_align_beg                 1 
_struct_ref_seq.pdbx_seq_align_beg_ins_code   ? 
_struct_ref_seq.seq_align_end                 203 
_struct_ref_seq.pdbx_seq_align_end_ins_code   ? 
_struct_ref_seq.pdbx_db_accession             Q939R9 
_struct_ref_seq.db_align_beg                  1 
_struct_ref_seq.pdbx_db_align_beg_ins_code    ? 
_struct_ref_seq.db_align_end                  203 
_struct_ref_seq.pdbx_db_align_end_ins_code    ? 
_struct_ref_seq.pdbx_auth_seq_align_beg       1 
_struct_ref_seq.pdbx_auth_seq_align_end       203 
# 
_pdbx_struct_assembly.id                   1 
_pdbx_struct_assembly.details              author_and_software_defined_assembly 
_pdbx_struct_assembly.method_details       PISA 
_pdbx_struct_assembly.oligomeric_details   monomeric 
_pdbx_struct_assembly.oligomeric_count     1 
# 
_pdbx_struct_assembly_gen.assembly_id       1 
_pdbx_struct_assembly_gen.oper_expression   1 
_pdbx_struct_assembly_gen.asym_id_list      A,B,C,D,E,F,G,H,I 
# 
_pdbx_struct_oper_list.id                   1 
_pdbx_struct_oper_list.type                 'identity operation' 
_pdbx_struct_oper_list.name                 1_555 
_pdbx_struct_oper_list.symmetry_operation   x,y,z 
_pdbx_struct_oper_list.matrix[1][1]         1.0000000000 
_pdbx_struct_oper_list.matrix[1][2]         0.0000000000 
_pdbx_struct_oper_list.matrix[1][3]         0.0000000000 
_pdbx_struct_oper_list.vector[1]            0.0000000000 
_pdbx_struct_oper_list.matrix[2][1]         0.0000000000 
_pdbx_struct_oper_list.matrix[2][2]         1.0000000000 
_pdbx_struct_oper_list.matrix[2][3]         0.0000000000 
_pdbx_struct_oper_list.vector[2]            0.0000000000 
_pdbx_struct_oper_list.matrix[3][1]         0.0000000000 
_pdbx_struct_oper_list.matrix[3][2]         0.0000000000 
_pdbx_struct_oper_list.matrix[3][3]         1.0000000000 
_pdbx_struct_oper_list.vector[3]            0.0000000000 
# 
_struct_biol.id        1 
_struct_biol.details   ? 
# 
loop_
_struct_conf.conf_type_id 
_struct_conf.id 
_struct_conf.pdbx_PDB_helix_id 
_struct_conf.beg_label_comp_id 
_struct_conf.beg_label_asym_id 
_struct_conf.beg_label_seq_id 
_struct_conf.pdbx_beg_PDB_ins_code 
_struct_conf.end_label_comp_id 
_struct_conf.end_label_asym_id 
_struct_conf.end_label_seq_id 
_struct_conf.pdbx_end_PDB_ins_code 
_struct_conf.beg_auth_comp_id 
_struct_conf.beg_auth_asym_id 
_struct_conf.beg_auth_seq_id 
_struct_conf.end_auth_comp_id 
_struct_conf.end_auth_asym_id 
_struct_conf.end_auth_seq_id 
_struct_conf.pdbx_PDB_helix_class 
_struct_conf.details 
_struct_conf.pdbx_PDB_helix_length 
HELX_P HELX_P1 1 SER A 2   ? THR A 8   ? SER P 2   THR P 8   1 ? 7  
HELX_P HELX_P2 2 ASP A 15  ? ILE A 19  ? ASP P 15  ILE P 19  5 ? 5  
HELX_P HELX_P3 3 ASN A 24  ? THR A 29  ? ASN P 24  THR P 29  5 ? 6  
HELX_P HELX_P4 4 SER A 39  ? GLN A 57  ? SER P 39  GLN P 57  1 ? 19 
HELX_P HELX_P5 5 ASP A 58  ? GLY A 66  ? ASP P 58  GLY P 66  1 ? 9  
HELX_P HELX_P6 6 PRO A 76  ? ASP A 79  ? PRO P 76  ASP P 79  5 ? 4  
HELX_P HELX_P7 7 LYS A 164 ? ASN A 179 ? LYS P 164 ASN P 179 1 ? 16 
HELX_P HELX_P8 8 MET A 182 ? ILE A 187 ? MET P 182 ILE P 187 5 ? 6  
# 
_struct_conf_type.id          HELX_P 
_struct_conf_type.criteria    ? 
_struct_conf_type.reference   ? 
# 
loop_
_struct_conn.id 
_struct_conn.conn_type_id 
_struct_conn.pdbx_leaving_atom_flag 
_struct_conn.pdbx_PDB_id 
_struct_conn.ptnr1_label_asym_id 
_struct_conn.ptnr1_label_comp_id 
_struct_conn.ptnr1_label_seq_id 
_struct_conn.ptnr1_label_atom_id 
_struct_conn.pdbx_ptnr1_label_alt_id 
_struct_conn.pdbx_ptnr1_PDB_ins_code 
_struct_conn.pdbx_ptnr1_standard_comp_id 
_struct_conn.ptnr1_symmetry 
_struct_conn.ptnr2_label_asym_id 
_struct_conn.ptnr2_label_comp_id 
_struct_conn.ptnr2_label_seq_id 
_struct_conn.ptnr2_label_atom_id 
_struct_conn.pdbx_ptnr2_label_alt_id 
_struct_conn.pdbx_ptnr2_PDB_ins_code 
_struct_conn.ptnr1_auth_asym_id 
_struct_conn.ptnr1_auth_comp_id 
_struct_conn.ptnr1_auth_seq_id 
_struct_conn.ptnr2_auth_asym_id 
_struct_conn.ptnr2_auth_comp_id 
_struct_conn.ptnr2_auth_seq_id 
_struct_conn.ptnr2_symmetry 
_struct_conn.pdbx_ptnr3_label_atom_id 
_struct_conn.pdbx_ptnr3_label_seq_id 
_struct_conn.pdbx_ptnr3_label_comp_id 
_struct_conn.pdbx_ptnr3_label_asym_id 
_struct_conn.pdbx_ptnr3_label_alt_id 
_struct_conn.pdbx_ptnr3_PDB_ins_code 
_struct_conn.details 
_struct_conn.pdbx_dist_value 
_struct_conn.pdbx_value_order 
_struct_conn.pdbx_role 
metalc1 metalc ? ? A CYS 130 SG  ? ? ? 1_555 B NI  . NI  ? ? P CYS 130 P NI  204 1_555 ? ? ? ? ? ? ? 2.512 ? ? 
metalc2 metalc ? ? A HIS 173 NE2 ? ? ? 1_555 B NI  . NI  ? ? P HIS 173 P NI  204 1_555 ? ? ? ? ? ? ? 2.178 ? ? 
metalc3 metalc ? ? A HIS 177 NE2 ? ? ? 1_555 B NI  . NI  ? ? P HIS 177 P NI  204 1_555 ? ? ? ? ? ? ? 2.127 ? ? 
metalc4 metalc ? ? B NI  .   NI  ? ? ? 1_555 G 3LI . O44 ? ? P NI  204 P 3LI 209 1_555 ? ? ? ? ? ? ? 2.252 ? ? 
metalc5 metalc ? ? B NI  .   NI  ? ? ? 1_555 G 3LI . O42 ? ? P NI  204 P 3LI 209 1_555 ? ? ? ? ? ? ? 2.263 ? ? 
# 
_struct_conn_type.id          metalc 
_struct_conn_type.criteria    ? 
_struct_conn_type.reference   ? 
# 
loop_
_pdbx_struct_conn_angle.id 
_pdbx_struct_conn_angle.ptnr1_label_atom_id 
_pdbx_struct_conn_angle.ptnr1_label_alt_id 
_pdbx_struct_conn_angle.ptnr1_label_asym_id 
_pdbx_struct_conn_angle.ptnr1_label_comp_id 
_pdbx_struct_conn_angle.ptnr1_label_seq_id 
_pdbx_struct_conn_angle.ptnr1_auth_atom_id 
_pdbx_struct_conn_angle.ptnr1_auth_asym_id 
_pdbx_struct_conn_angle.ptnr1_auth_comp_id 
_pdbx_struct_conn_angle.ptnr1_auth_seq_id 
_pdbx_struct_conn_angle.ptnr1_PDB_ins_code 
_pdbx_struct_conn_angle.ptnr1_symmetry 
_pdbx_struct_conn_angle.ptnr2_label_atom_id 
_pdbx_struct_conn_angle.ptnr2_label_alt_id 
_pdbx_struct_conn_angle.ptnr2_label_asym_id 
_pdbx_struct_conn_angle.ptnr2_label_comp_id 
_pdbx_struct_conn_angle.ptnr2_label_seq_id 
_pdbx_struct_conn_angle.ptnr2_auth_atom_id 
_pdbx_struct_conn_angle.ptnr2_auth_asym_id 
_pdbx_struct_conn_angle.ptnr2_auth_comp_id 
_pdbx_struct_conn_angle.ptnr2_auth_seq_id 
_pdbx_struct_conn_angle.ptnr2_PDB_ins_code 
_pdbx_struct_conn_angle.ptnr2_symmetry 
_pdbx_struct_conn_angle.ptnr3_label_atom_id 
_pdbx_struct_conn_angle.ptnr3_label_alt_id 
_pdbx_struct_conn_angle.ptnr3_label_asym_id 
_pdbx_struct_conn_angle.ptnr3_label_comp_id 
_pdbx_struct_conn_angle.ptnr3_label_seq_id 
_pdbx_struct_conn_angle.ptnr3_auth_atom_id 
_pdbx_struct_conn_angle.ptnr3_auth_asym_id 
_pdbx_struct_conn_angle.ptnr3_auth_comp_id 
_pdbx_struct_conn_angle.ptnr3_auth_seq_id 
_pdbx_struct_conn_angle.ptnr3_PDB_ins_code 
_pdbx_struct_conn_angle.ptnr3_symmetry 
_pdbx_struct_conn_angle.value 
_pdbx_struct_conn_angle.value_esd 
1  SG  ? A CYS 130 ? P CYS 130 ? 1_555 NI ? B NI . ? P NI 204 ? 1_555 NE2 ? A HIS 173 ? P HIS 173 ? 1_555 114.8 ? 
2  SG  ? A CYS 130 ? P CYS 130 ? 1_555 NI ? B NI . ? P NI 204 ? 1_555 NE2 ? A HIS 177 ? P HIS 177 ? 1_555 91.7  ? 
3  NE2 ? A HIS 173 ? P HIS 173 ? 1_555 NI ? B NI . ? P NI 204 ? 1_555 NE2 ? A HIS 177 ? P HIS 177 ? 1_555 104.8 ? 
4  SG  ? A CYS 130 ? P CYS 130 ? 1_555 NI ? B NI . ? P NI 204 ? 1_555 O44 ? G 3LI .   ? P 3LI 209 ? 1_555 148.5 ? 
5  NE2 ? A HIS 173 ? P HIS 173 ? 1_555 NI ? B NI . ? P NI 204 ? 1_555 O44 ? G 3LI .   ? P 3LI 209 ? 1_555 91.5  ? 
6  NE2 ? A HIS 177 ? P HIS 177 ? 1_555 NI ? B NI . ? P NI 204 ? 1_555 O44 ? G 3LI .   ? P 3LI 209 ? 1_555 98.3  ? 
7  SG  ? A CYS 130 ? P CYS 130 ? 1_555 NI ? B NI . ? P NI 204 ? 1_555 O42 ? G 3LI .   ? P 3LI 209 ? 1_555 88.7  ? 
8  NE2 ? A HIS 173 ? P HIS 173 ? 1_555 NI ? B NI . ? P NI 204 ? 1_555 O42 ? G 3LI .   ? P 3LI 209 ? 1_555 101.7 ? 
9  NE2 ? A HIS 177 ? P HIS 177 ? 1_555 NI ? B NI . ? P NI 204 ? 1_555 O42 ? G 3LI .   ? P 3LI 209 ? 1_555 150.6 ? 
10 O44 ? G 3LI .   ? P 3LI 209 ? 1_555 NI ? B NI . ? P NI 204 ? 1_555 O42 ? G 3LI .   ? P 3LI 209 ? 1_555 68.2  ? 
# 
_struct_mon_prot_cis.pdbx_id                1 
_struct_mon_prot_cis.label_comp_id          PHE 
_struct_mon_prot_cis.label_seq_id           36 
_struct_mon_prot_cis.label_asym_id          A 
_struct_mon_prot_cis.label_alt_id           . 
_struct_mon_prot_cis.pdbx_PDB_ins_code      ? 
_struct_mon_prot_cis.auth_comp_id           PHE 
_struct_mon_prot_cis.auth_seq_id            36 
_struct_mon_prot_cis.auth_asym_id           P 
_struct_mon_prot_cis.pdbx_label_comp_id_2   PRO 
_struct_mon_prot_cis.pdbx_label_seq_id_2    37 
_struct_mon_prot_cis.pdbx_label_asym_id_2   A 
_struct_mon_prot_cis.pdbx_PDB_ins_code_2    ? 
_struct_mon_prot_cis.pdbx_auth_comp_id_2    PRO 
_struct_mon_prot_cis.pdbx_auth_seq_id_2     37 
_struct_mon_prot_cis.pdbx_auth_asym_id_2    P 
_struct_mon_prot_cis.pdbx_PDB_model_num     1 
_struct_mon_prot_cis.pdbx_omega_angle       4.16 
# 
loop_
_struct_sheet.id 
_struct_sheet.type 
_struct_sheet.number_strands 
_struct_sheet.details 
A ? 5 ? 
B ? 3 ? 
# 
loop_
_struct_sheet_order.sheet_id 
_struct_sheet_order.range_id_1 
_struct_sheet_order.range_id_2 
_struct_sheet_order.offset 
_struct_sheet_order.sense 
A 1 2 ? anti-parallel 
A 2 3 ? anti-parallel 
A 3 4 ? anti-parallel 
A 4 5 ? anti-parallel 
B 1 2 ? anti-parallel 
B 2 3 ? parallel      
# 
loop_
_struct_sheet_range.sheet_id 
_struct_sheet_range.id 
_struct_sheet_range.beg_label_comp_id 
_struct_sheet_range.beg_label_asym_id 
_struct_sheet_range.beg_label_seq_id 
_struct_sheet_range.pdbx_beg_PDB_ins_code 
_struct_sheet_range.end_label_comp_id 
_struct_sheet_range.end_label_asym_id 
_struct_sheet_range.end_label_seq_id 
_struct_sheet_range.pdbx_end_PDB_ins_code 
_struct_sheet_range.beg_auth_comp_id 
_struct_sheet_range.beg_auth_asym_id 
_struct_sheet_range.beg_auth_seq_id 
_struct_sheet_range.end_auth_comp_id 
_struct_sheet_range.end_auth_asym_id 
_struct_sheet_range.end_auth_seq_id 
A 1 GLY A 72  ? ALA A 74  ? GLY P 72  ALA P 74  
A 2 ILE A 84  ? PRO A 90  ? ILE P 84  PRO P 90  
A 3 TYR A 103 ? HIS A 117 ? TYR P 103 HIS P 117 
A 4 VAL A 147 ? PHE A 152 ? VAL P 147 PHE P 152 
A 5 LYS A 158 ? LEU A 163 ? LYS P 158 LEU P 163 
B 1 ARG A 143 ? HIS A 144 ? ARG P 143 HIS P 144 
B 2 ASP A 121 ? LEU A 124 ? ASP P 121 LEU P 124 
B 3 LEU A 199 ? LEU A 202 ? LEU P 199 LEU P 202 
# 
loop_
_pdbx_struct_sheet_hbond.sheet_id 
_pdbx_struct_sheet_hbond.range_id_1 
_pdbx_struct_sheet_hbond.range_id_2 
_pdbx_struct_sheet_hbond.range_1_label_atom_id 
_pdbx_struct_sheet_hbond.range_1_label_comp_id 
_pdbx_struct_sheet_hbond.range_1_label_asym_id 
_pdbx_struct_sheet_hbond.range_1_label_seq_id 
_pdbx_struct_sheet_hbond.range_1_PDB_ins_code 
_pdbx_struct_sheet_hbond.range_1_auth_atom_id 
_pdbx_struct_sheet_hbond.range_1_auth_comp_id 
_pdbx_struct_sheet_hbond.range_1_auth_asym_id 
_pdbx_struct_sheet_hbond.range_1_auth_seq_id 
_pdbx_struct_sheet_hbond.range_2_label_atom_id 
_pdbx_struct_sheet_hbond.range_2_label_comp_id 
_pdbx_struct_sheet_hbond.range_2_label_asym_id 
_pdbx_struct_sheet_hbond.range_2_label_seq_id 
_pdbx_struct_sheet_hbond.range_2_PDB_ins_code 
_pdbx_struct_sheet_hbond.range_2_auth_atom_id 
_pdbx_struct_sheet_hbond.range_2_auth_comp_id 
_pdbx_struct_sheet_hbond.range_2_auth_asym_id 
_pdbx_struct_sheet_hbond.range_2_auth_seq_id 
A 1 2 N LEU A 73  ? N LEU P 73  O ALA A 86  ? O ALA P 86  
A 2 3 N VAL A 89  ? N VAL P 89  O LEU A 105 ? O LEU P 105 
A 3 4 N LYS A 113 ? N LYS P 113 O ASP A 150 ? O ASP P 150 
A 4 5 N TYR A 151 ? N TYR P 151 O HIS A 159 ? O HIS P 159 
B 1 2 O ARG A 143 ? O ARG P 143 N ALA A 122 ? N ALA P 122 
B 2 3 N ALA A 123 ? N ALA P 123 O LEU A 202 ? O LEU P 202 
# 
loop_
_struct_site.id 
_struct_site.pdbx_evidence_code 
_struct_site.pdbx_auth_asym_id 
_struct_site.pdbx_auth_comp_id 
_struct_site.pdbx_auth_seq_id 
_struct_site.pdbx_auth_ins_code 
_struct_site.pdbx_num_residues 
_struct_site.details 
AC1 Software P NI  204 ? 5  'BINDING SITE FOR RESIDUE NI P 204'  
AC2 Software P SO4 205 ? 6  'BINDING SITE FOR RESIDUE SO4 P 205' 
AC3 Software P SO4 206 ? 4  'BINDING SITE FOR RESIDUE SO4 P 206' 
AC4 Software P SO4 207 ? 3  'BINDING SITE FOR RESIDUE SO4 P 207' 
AC5 Software P SO4 208 ? 2  'BINDING SITE FOR RESIDUE SO4 P 208' 
AC6 Software P 3LI 209 ? 16 'BINDING SITE FOR RESIDUE 3LI P 209' 
AC7 Software P GOL 210 ? 7  'BINDING SITE FOR RESIDUE GOL P 210' 
# 
loop_
_struct_site_gen.id 
_struct_site_gen.site_id 
_struct_site_gen.pdbx_num_res 
_struct_site_gen.label_comp_id 
_struct_site_gen.label_asym_id 
_struct_site_gen.label_seq_id 
_struct_site_gen.pdbx_auth_ins_code 
_struct_site_gen.auth_comp_id 
_struct_site_gen.auth_asym_id 
_struct_site_gen.auth_seq_id 
_struct_site_gen.label_atom_id 
_struct_site_gen.label_alt_id 
_struct_site_gen.symmetry 
_struct_site_gen.details 
1  AC1 5  GLN A 77  ? GLN P 77  . ? 1_555 ? 
2  AC1 5  CYS A 130 ? CYS P 130 . ? 1_555 ? 
3  AC1 5  HIS A 173 ? HIS P 173 . ? 1_555 ? 
4  AC1 5  HIS A 177 ? HIS P 177 . ? 1_555 ? 
5  AC1 5  3LI G .   ? 3LI P 209 . ? 1_555 ? 
6  AC2 6  THR A 35  ? THR P 35  . ? 4_565 ? 
7  AC2 6  SER A 118 ? SER P 118 . ? 1_555 ? 
8  AC2 6  ARG A 146 ? ARG P 146 . ? 1_555 ? 
9  AC2 6  GOL H .   ? GOL P 210 . ? 1_555 ? 
10 AC2 6  HOH I .   ? HOH P 238 . ? 1_555 ? 
11 AC2 6  HOH I .   ? HOH P 249 . ? 1_555 ? 
12 AC3 4  GLU A 106 ? GLU P 106 . ? 1_555 ? 
13 AC3 4  ALA A 107 ? ALA P 107 . ? 1_555 ? 
14 AC3 4  ILE A 108 ? ILE P 108 . ? 1_555 ? 
15 AC3 4  HOH I .   ? HOH P 248 . ? 1_555 ? 
16 AC4 3  ALA A 10  ? ALA P 10  . ? 1_555 ? 
17 AC4 3  HOH I .   ? HOH P 220 . ? 1_555 ? 
18 AC4 3  HOH I .   ? HOH P 279 . ? 1_555 ? 
19 AC5 2  HIS A 144 ? HIS P 144 . ? 1_555 ? 
20 AC5 2  ARG A 186 ? ARG P 186 . ? 1_555 ? 
21 AC6 16 GLY A 69  ? GLY P 69  . ? 1_555 ? 
22 AC6 16 GLY A 70  ? GLY P 70  . ? 1_555 ? 
23 AC6 16 VAL A 71  ? VAL P 71  . ? 1_555 ? 
24 AC6 16 GLY A 72  ? GLY P 72  . ? 1_555 ? 
25 AC6 16 GLN A 77  ? GLN P 77  . ? 1_555 ? 
26 AC6 16 GLU A 126 ? GLU P 126 . ? 1_555 ? 
27 AC6 16 GLY A 127 ? GLY P 127 . ? 1_555 ? 
28 AC6 16 GLU A 128 ? GLU P 128 . ? 1_555 ? 
29 AC6 16 GLY A 129 ? GLY P 129 . ? 1_555 ? 
30 AC6 16 CYS A 130 ? CYS P 130 . ? 1_555 ? 
31 AC6 16 LEU A 131 ? LEU P 131 . ? 1_555 ? 
32 AC6 16 TYR A 166 ? TYR P 166 . ? 1_555 ? 
33 AC6 16 HIS A 173 ? HIS P 173 . ? 1_555 ? 
34 AC6 16 GLU A 174 ? GLU P 174 . ? 1_555 ? 
35 AC6 16 HIS A 177 ? HIS P 177 . ? 1_555 ? 
36 AC6 16 NI  B .   ? NI  P 204 . ? 1_555 ? 
37 AC7 7  THR A 35  ? THR P 35  . ? 4_565 ? 
38 AC7 7  SER A 116 ? SER P 116 . ? 1_555 ? 
39 AC7 7  ARG A 146 ? ARG P 146 . ? 1_555 ? 
40 AC7 7  VAL A 147 ? VAL P 147 . ? 1_555 ? 
41 AC7 7  THR A 148 ? THR P 148 . ? 1_555 ? 
42 AC7 7  SO4 C .   ? SO4 P 205 . ? 1_555 ? 
43 AC7 7  HOH I .   ? HOH P 244 . ? 1_555 ? 
# 
_pdbx_validate_torsion.id              1 
_pdbx_validate_torsion.PDB_model_num   1 
_pdbx_validate_torsion.auth_comp_id    ASP 
_pdbx_validate_torsion.auth_asym_id    P 
_pdbx_validate_torsion.auth_seq_id     134 
_pdbx_validate_torsion.PDB_ins_code    ? 
_pdbx_validate_torsion.label_alt_id    ? 
_pdbx_validate_torsion.phi             -98.11 
_pdbx_validate_torsion.psi             55.75 
# 
loop_
_pdbx_unobs_or_zero_occ_residues.id 
_pdbx_unobs_or_zero_occ_residues.PDB_model_num 
_pdbx_unobs_or_zero_occ_residues.polymer_flag 
_pdbx_unobs_or_zero_occ_residues.occupancy_flag 
_pdbx_unobs_or_zero_occ_residues.auth_asym_id 
_pdbx_unobs_or_zero_occ_residues.auth_comp_id 
_pdbx_unobs_or_zero_occ_residues.auth_seq_id 
_pdbx_unobs_or_zero_occ_residues.PDB_ins_code 
_pdbx_unobs_or_zero_occ_residues.label_asym_id 
_pdbx_unobs_or_zero_occ_residues.label_comp_id 
_pdbx_unobs_or_zero_occ_residues.label_seq_id 
1  1 Y 1 P MET 1   ? A MET 1   
2  1 Y 1 P VAL 93  ? A VAL 93  
3  1 Y 1 P GLU 94  ? A GLU 94  
4  1 Y 1 P GLU 95  ? A GLU 95  
5  1 Y 1 P GLY 96  ? A GLY 96  
6  1 Y 1 P GLU 97  ? A GLU 97  
7  1 Y 1 P THR 98  ? A THR 98  
8  1 Y 1 P PRO 99  ? A PRO 99  
9  1 Y 1 P GLN 100 ? A GLN 100 
10 1 Y 1 P GLU 101 ? A GLU 101 
# 
loop_
_chem_comp_atom.comp_id 
_chem_comp_atom.atom_id 
_chem_comp_atom.type_symbol 
_chem_comp_atom.pdbx_aromatic_flag 
_chem_comp_atom.pdbx_stereo_config 
_chem_comp_atom.pdbx_ordinal 
3LI C01  C  N N 1   
3LI N02  N  N N 2   
3LI C03  C  N N 3   
3LI O04  O  N N 4   
3LI C05  C  Y N 5   
3LI C06  C  Y N 6   
3LI C07  C  Y N 7   
3LI C08  C  Y N 8   
3LI C09  C  Y N 9   
3LI C10  C  N N 10  
3LI C11  C  Y N 11  
3LI N12  N  N N 12  
3LI C13  C  Y N 13  
3LI N14  N  Y N 14  
3LI C15  C  Y N 15  
3LI N16  N  Y N 16  
3LI C17  C  Y N 17  
3LI N18  N  Y N 18  
3LI N19  N  N N 19  
3LI C20  C  N N 20  
3LI C21  C  N N 21  
3LI N22  N  N N 22  
3LI C23  C  N N 23  
3LI C24  C  N N 24  
3LI C25  C  Y N 25  
3LI C26  C  Y N 26  
3LI C27  C  Y N 27  
3LI C28  C  Y N 28  
3LI C29  C  Y N 29  
3LI C30  C  Y N 30  
3LI CL31 CL N N 31  
3LI N32  N  N N 32  
3LI C33  C  N N 33  
3LI S34  S  N N 34  
3LI C35  C  N N 35  
3LI C36  C  N R 36  
3LI C37  C  N N 37  
3LI O38  O  N N 38  
3LI N39  N  N N 39  
3LI C40  C  N N 40  
3LI C41  C  N N 41  
3LI O42  O  N N 42  
3LI N43  N  N N 43  
3LI O44  O  N N 44  
3LI H01  H  N N 45  
3LI H01A H  N N 46  
3LI H01B H  N N 47  
3LI HN02 H  N N 48  
3LI H06  H  N N 49  
3LI H07  H  N N 50  
3LI H08  H  N N 51  
3LI H10  H  N N 52  
3LI H10A H  N N 53  
3LI H10B H  N N 54  
3LI HN12 H  N N 55  
3LI H20  H  N N 56  
3LI H20A H  N N 57  
3LI H21  H  N N 58  
3LI H21A H  N N 59  
3LI H23  H  N N 60  
3LI H23A H  N N 61  
3LI H24  H  N N 62  
3LI H24A H  N N 63  
3LI H26  H  N N 64  
3LI H27  H  N N 65  
3LI H28  H  N N 66  
3LI H29  H  N N 67  
3LI H33  H  N N 68  
3LI H33A H  N N 69  
3LI H35  H  N N 70  
3LI H35A H  N N 71  
3LI H36  H  N N 72  
3LI HN39 H  N N 73  
3LI H40  H  N N 74  
3LI H40A H  N N 75  
3LI HN43 H  N N 76  
3LI HO44 H  N N 77  
ALA N    N  N N 78  
ALA CA   C  N S 79  
ALA C    C  N N 80  
ALA O    O  N N 81  
ALA CB   C  N N 82  
ALA OXT  O  N N 83  
ALA H    H  N N 84  
ALA H2   H  N N 85  
ALA HA   H  N N 86  
ALA HB1  H  N N 87  
ALA HB2  H  N N 88  
ALA HB3  H  N N 89  
ALA HXT  H  N N 90  
ARG N    N  N N 91  
ARG CA   C  N S 92  
ARG C    C  N N 93  
ARG O    O  N N 94  
ARG CB   C  N N 95  
ARG CG   C  N N 96  
ARG CD   C  N N 97  
ARG NE   N  N N 98  
ARG CZ   C  N N 99  
ARG NH1  N  N N 100 
ARG NH2  N  N N 101 
ARG OXT  O  N N 102 
ARG H    H  N N 103 
ARG H2   H  N N 104 
ARG HA   H  N N 105 
ARG HB2  H  N N 106 
ARG HB3  H  N N 107 
ARG HG2  H  N N 108 
ARG HG3  H  N N 109 
ARG HD2  H  N N 110 
ARG HD3  H  N N 111 
ARG HE   H  N N 112 
ARG HH11 H  N N 113 
ARG HH12 H  N N 114 
ARG HH21 H  N N 115 
ARG HH22 H  N N 116 
ARG HXT  H  N N 117 
ASN N    N  N N 118 
ASN CA   C  N S 119 
ASN C    C  N N 120 
ASN O    O  N N 121 
ASN CB   C  N N 122 
ASN CG   C  N N 123 
ASN OD1  O  N N 124 
ASN ND2  N  N N 125 
ASN OXT  O  N N 126 
ASN H    H  N N 127 
ASN H2   H  N N 128 
ASN HA   H  N N 129 
ASN HB2  H  N N 130 
ASN HB3  H  N N 131 
ASN HD21 H  N N 132 
ASN HD22 H  N N 133 
ASN HXT  H  N N 134 
ASP N    N  N N 135 
ASP CA   C  N S 136 
ASP C    C  N N 137 
ASP O    O  N N 138 
ASP CB   C  N N 139 
ASP CG   C  N N 140 
ASP OD1  O  N N 141 
ASP OD2  O  N N 142 
ASP OXT  O  N N 143 
ASP H    H  N N 144 
ASP H2   H  N N 145 
ASP HA   H  N N 146 
ASP HB2  H  N N 147 
ASP HB3  H  N N 148 
ASP HD2  H  N N 149 
ASP HXT  H  N N 150 
CYS N    N  N N 151 
CYS CA   C  N R 152 
CYS C    C  N N 153 
CYS O    O  N N 154 
CYS CB   C  N N 155 
CYS SG   S  N N 156 
CYS OXT  O  N N 157 
CYS H    H  N N 158 
CYS H2   H  N N 159 
CYS HA   H  N N 160 
CYS HB2  H  N N 161 
CYS HB3  H  N N 162 
CYS HG   H  N N 163 
CYS HXT  H  N N 164 
GLN N    N  N N 165 
GLN CA   C  N S 166 
GLN C    C  N N 167 
GLN O    O  N N 168 
GLN CB   C  N N 169 
GLN CG   C  N N 170 
GLN CD   C  N N 171 
GLN OE1  O  N N 172 
GLN NE2  N  N N 173 
GLN OXT  O  N N 174 
GLN H    H  N N 175 
GLN H2   H  N N 176 
GLN HA   H  N N 177 
GLN HB2  H  N N 178 
GLN HB3  H  N N 179 
GLN HG2  H  N N 180 
GLN HG3  H  N N 181 
GLN HE21 H  N N 182 
GLN HE22 H  N N 183 
GLN HXT  H  N N 184 
GLU N    N  N N 185 
GLU CA   C  N S 186 
GLU C    C  N N 187 
GLU O    O  N N 188 
GLU CB   C  N N 189 
GLU CG   C  N N 190 
GLU CD   C  N N 191 
GLU OE1  O  N N 192 
GLU OE2  O  N N 193 
GLU OXT  O  N N 194 
GLU H    H  N N 195 
GLU H2   H  N N 196 
GLU HA   H  N N 197 
GLU HB2  H  N N 198 
GLU HB3  H  N N 199 
GLU HG2  H  N N 200 
GLU HG3  H  N N 201 
GLU HE2  H  N N 202 
GLU HXT  H  N N 203 
GLY N    N  N N 204 
GLY CA   C  N N 205 
GLY C    C  N N 206 
GLY O    O  N N 207 
GLY OXT  O  N N 208 
GLY H    H  N N 209 
GLY H2   H  N N 210 
GLY HA2  H  N N 211 
GLY HA3  H  N N 212 
GLY HXT  H  N N 213 
GOL C1   C  N N 214 
GOL O1   O  N N 215 
GOL C2   C  N N 216 
GOL O2   O  N N 217 
GOL C3   C  N N 218 
GOL O3   O  N N 219 
GOL H11  H  N N 220 
GOL H12  H  N N 221 
GOL HO1  H  N N 222 
GOL H2   H  N N 223 
GOL HO2  H  N N 224 
GOL H31  H  N N 225 
GOL H32  H  N N 226 
GOL HO3  H  N N 227 
HIS N    N  N N 228 
HIS CA   C  N S 229 
HIS C    C  N N 230 
HIS O    O  N N 231 
HIS CB   C  N N 232 
HIS CG   C  Y N 233 
HIS ND1  N  Y N 234 
HIS CD2  C  Y N 235 
HIS CE1  C  Y N 236 
HIS NE2  N  Y N 237 
HIS OXT  O  N N 238 
HIS H    H  N N 239 
HIS H2   H  N N 240 
HIS HA   H  N N 241 
HIS HB2  H  N N 242 
HIS HB3  H  N N 243 
HIS HD1  H  N N 244 
HIS HD2  H  N N 245 
HIS HE1  H  N N 246 
HIS HE2  H  N N 247 
HIS HXT  H  N N 248 
HOH O    O  N N 249 
HOH H1   H  N N 250 
HOH H2   H  N N 251 
ILE N    N  N N 252 
ILE CA   C  N S 253 
ILE C    C  N N 254 
ILE O    O  N N 255 
ILE CB   C  N S 256 
ILE CG1  C  N N 257 
ILE CG2  C  N N 258 
ILE CD1  C  N N 259 
ILE OXT  O  N N 260 
ILE H    H  N N 261 
ILE H2   H  N N 262 
ILE HA   H  N N 263 
ILE HB   H  N N 264 
ILE HG12 H  N N 265 
ILE HG13 H  N N 266 
ILE HG21 H  N N 267 
ILE HG22 H  N N 268 
ILE HG23 H  N N 269 
ILE HD11 H  N N 270 
ILE HD12 H  N N 271 
ILE HD13 H  N N 272 
ILE HXT  H  N N 273 
LEU N    N  N N 274 
LEU CA   C  N S 275 
LEU C    C  N N 276 
LEU O    O  N N 277 
LEU CB   C  N N 278 
LEU CG   C  N N 279 
LEU CD1  C  N N 280 
LEU CD2  C  N N 281 
LEU OXT  O  N N 282 
LEU H    H  N N 283 
LEU H2   H  N N 284 
LEU HA   H  N N 285 
LEU HB2  H  N N 286 
LEU HB3  H  N N 287 
LEU HG   H  N N 288 
LEU HD11 H  N N 289 
LEU HD12 H  N N 290 
LEU HD13 H  N N 291 
LEU HD21 H  N N 292 
LEU HD22 H  N N 293 
LEU HD23 H  N N 294 
LEU HXT  H  N N 295 
LYS N    N  N N 296 
LYS CA   C  N S 297 
LYS C    C  N N 298 
LYS O    O  N N 299 
LYS CB   C  N N 300 
LYS CG   C  N N 301 
LYS CD   C  N N 302 
LYS CE   C  N N 303 
LYS NZ   N  N N 304 
LYS OXT  O  N N 305 
LYS H    H  N N 306 
LYS H2   H  N N 307 
LYS HA   H  N N 308 
LYS HB2  H  N N 309 
LYS HB3  H  N N 310 
LYS HG2  H  N N 311 
LYS HG3  H  N N 312 
LYS HD2  H  N N 313 
LYS HD3  H  N N 314 
LYS HE2  H  N N 315 
LYS HE3  H  N N 316 
LYS HZ1  H  N N 317 
LYS HZ2  H  N N 318 
LYS HZ3  H  N N 319 
LYS HXT  H  N N 320 
MET N    N  N N 321 
MET CA   C  N S 322 
MET C    C  N N 323 
MET O    O  N N 324 
MET CB   C  N N 325 
MET CG   C  N N 326 
MET SD   S  N N 327 
MET CE   C  N N 328 
MET OXT  O  N N 329 
MET H    H  N N 330 
MET H2   H  N N 331 
MET HA   H  N N 332 
MET HB2  H  N N 333 
MET HB3  H  N N 334 
MET HG2  H  N N 335 
MET HG3  H  N N 336 
MET HE1  H  N N 337 
MET HE2  H  N N 338 
MET HE3  H  N N 339 
MET HXT  H  N N 340 
NI  NI   NI N N 341 
PHE N    N  N N 342 
PHE CA   C  N S 343 
PHE C    C  N N 344 
PHE O    O  N N 345 
PHE CB   C  N N 346 
PHE CG   C  Y N 347 
PHE CD1  C  Y N 348 
PHE CD2  C  Y N 349 
PHE CE1  C  Y N 350 
PHE CE2  C  Y N 351 
PHE CZ   C  Y N 352 
PHE OXT  O  N N 353 
PHE H    H  N N 354 
PHE H2   H  N N 355 
PHE HA   H  N N 356 
PHE HB2  H  N N 357 
PHE HB3  H  N N 358 
PHE HD1  H  N N 359 
PHE HD2  H  N N 360 
PHE HE1  H  N N 361 
PHE HE2  H  N N 362 
PHE HZ   H  N N 363 
PHE HXT  H  N N 364 
PRO N    N  N N 365 
PRO CA   C  N S 366 
PRO C    C  N N 367 
PRO O    O  N N 368 
PRO CB   C  N N 369 
PRO CG   C  N N 370 
PRO CD   C  N N 371 
PRO OXT  O  N N 372 
PRO H    H  N N 373 
PRO HA   H  N N 374 
PRO HB2  H  N N 375 
PRO HB3  H  N N 376 
PRO HG2  H  N N 377 
PRO HG3  H  N N 378 
PRO HD2  H  N N 379 
PRO HD3  H  N N 380 
PRO HXT  H  N N 381 
SER N    N  N N 382 
SER CA   C  N S 383 
SER C    C  N N 384 
SER O    O  N N 385 
SER CB   C  N N 386 
SER OG   O  N N 387 
SER OXT  O  N N 388 
SER H    H  N N 389 
SER H2   H  N N 390 
SER HA   H  N N 391 
SER HB2  H  N N 392 
SER HB3  H  N N 393 
SER HG   H  N N 394 
SER HXT  H  N N 395 
SO4 S    S  N N 396 
SO4 O1   O  N N 397 
SO4 O2   O  N N 398 
SO4 O3   O  N N 399 
SO4 O4   O  N N 400 
THR N    N  N N 401 
THR CA   C  N S 402 
THR C    C  N N 403 
THR O    O  N N 404 
THR CB   C  N R 405 
THR OG1  O  N N 406 
THR CG2  C  N N 407 
THR OXT  O  N N 408 
THR H    H  N N 409 
THR H2   H  N N 410 
THR HA   H  N N 411 
THR HB   H  N N 412 
THR HG1  H  N N 413 
THR HG21 H  N N 414 
THR HG22 H  N N 415 
THR HG23 H  N N 416 
THR HXT  H  N N 417 
TYR N    N  N N 418 
TYR CA   C  N S 419 
TYR C    C  N N 420 
TYR O    O  N N 421 
TYR CB   C  N N 422 
TYR CG   C  Y N 423 
TYR CD1  C  Y N 424 
TYR CD2  C  Y N 425 
TYR CE1  C  Y N 426 
TYR CE2  C  Y N 427 
TYR CZ   C  Y N 428 
TYR OH   O  N N 429 
TYR OXT  O  N N 430 
TYR H    H  N N 431 
TYR H2   H  N N 432 
TYR HA   H  N N 433 
TYR HB2  H  N N 434 
TYR HB3  H  N N 435 
TYR HD1  H  N N 436 
TYR HD2  H  N N 437 
TYR HE1  H  N N 438 
TYR HE2  H  N N 439 
TYR HH   H  N N 440 
TYR HXT  H  N N 441 
VAL N    N  N N 442 
VAL CA   C  N S 443 
VAL C    C  N N 444 
VAL O    O  N N 445 
VAL CB   C  N N 446 
VAL CG1  C  N N 447 
VAL CG2  C  N N 448 
VAL OXT  O  N N 449 
VAL H    H  N N 450 
VAL H2   H  N N 451 
VAL HA   H  N N 452 
VAL HB   H  N N 453 
VAL HG11 H  N N 454 
VAL HG12 H  N N 455 
VAL HG13 H  N N 456 
VAL HG21 H  N N 457 
VAL HG22 H  N N 458 
VAL HG23 H  N N 459 
VAL HXT  H  N N 460 
# 
loop_
_chem_comp_bond.comp_id 
_chem_comp_bond.atom_id_1 
_chem_comp_bond.atom_id_2 
_chem_comp_bond.value_order 
_chem_comp_bond.pdbx_aromatic_flag 
_chem_comp_bond.pdbx_stereo_config 
_chem_comp_bond.pdbx_ordinal 
3LI C01 N02  sing N N 1   
3LI N02 C03  sing N N 2   
3LI C03 O04  doub N N 3   
3LI C03 C05  sing N N 4   
3LI C05 C06  doub Y N 5   
3LI C05 C11  sing Y N 6   
3LI C06 C07  sing Y N 7   
3LI C07 C08  doub Y N 8   
3LI C08 C09  sing Y N 9   
3LI C09 C10  sing N N 10  
3LI C09 C11  doub Y N 11  
3LI C11 N12  sing N N 12  
3LI N12 C13  sing N N 13  
3LI C13 N14  doub Y N 14  
3LI C13 N18  sing Y N 15  
3LI N14 C15  sing Y N 16  
3LI C15 N16  doub Y N 17  
3LI C15 N32  sing N N 18  
3LI N16 C17  sing Y N 19  
3LI C17 N18  doub Y N 20  
3LI C17 N19  sing N N 21  
3LI N19 C20  sing N N 22  
3LI N19 C24  sing N N 23  
3LI C20 C21  sing N N 24  
3LI C21 N22  sing N N 25  
3LI N22 C23  sing N N 26  
3LI N22 C25  sing N N 27  
3LI C23 C24  sing N N 28  
3LI C25 C26  doub Y N 29  
3LI C25 C30  sing Y N 30  
3LI C26 C27  sing Y N 31  
3LI C27 C28  doub Y N 32  
3LI C28 C29  sing Y N 33  
3LI C29 C30  doub Y N 34  
3LI C30 CL31 sing N N 35  
3LI N32 C33  sing N N 36  
3LI N32 C36  sing N N 37  
3LI C33 S34  sing N N 38  
3LI S34 C35  sing N N 39  
3LI C35 C36  sing N N 40  
3LI C36 C37  sing N N 41  
3LI C37 O38  doub N N 42  
3LI C37 N39  sing N N 43  
3LI N39 C40  sing N N 44  
3LI C40 C41  sing N N 45  
3LI C41 O42  doub N N 46  
3LI C41 N43  sing N N 47  
3LI N43 O44  sing N N 48  
3LI C01 H01  sing N N 49  
3LI C01 H01A sing N N 50  
3LI C01 H01B sing N N 51  
3LI N02 HN02 sing N N 52  
3LI C06 H06  sing N N 53  
3LI C07 H07  sing N N 54  
3LI C08 H08  sing N N 55  
3LI C10 H10  sing N N 56  
3LI C10 H10A sing N N 57  
3LI C10 H10B sing N N 58  
3LI N12 HN12 sing N N 59  
3LI C20 H20  sing N N 60  
3LI C20 H20A sing N N 61  
3LI C21 H21  sing N N 62  
3LI C21 H21A sing N N 63  
3LI C23 H23  sing N N 64  
3LI C23 H23A sing N N 65  
3LI C24 H24  sing N N 66  
3LI C24 H24A sing N N 67  
3LI C26 H26  sing N N 68  
3LI C27 H27  sing N N 69  
3LI C28 H28  sing N N 70  
3LI C29 H29  sing N N 71  
3LI C33 H33  sing N N 72  
3LI C33 H33A sing N N 73  
3LI C35 H35  sing N N 74  
3LI C35 H35A sing N N 75  
3LI C36 H36  sing N N 76  
3LI N39 HN39 sing N N 77  
3LI C40 H40  sing N N 78  
3LI C40 H40A sing N N 79  
3LI N43 HN43 sing N N 80  
3LI O44 HO44 sing N N 81  
ALA N   CA   sing N N 82  
ALA N   H    sing N N 83  
ALA N   H2   sing N N 84  
ALA CA  C    sing N N 85  
ALA CA  CB   sing N N 86  
ALA CA  HA   sing N N 87  
ALA C   O    doub N N 88  
ALA C   OXT  sing N N 89  
ALA CB  HB1  sing N N 90  
ALA CB  HB2  sing N N 91  
ALA CB  HB3  sing N N 92  
ALA OXT HXT  sing N N 93  
ARG N   CA   sing N N 94  
ARG N   H    sing N N 95  
ARG N   H2   sing N N 96  
ARG CA  C    sing N N 97  
ARG CA  CB   sing N N 98  
ARG CA  HA   sing N N 99  
ARG C   O    doub N N 100 
ARG C   OXT  sing N N 101 
ARG CB  CG   sing N N 102 
ARG CB  HB2  sing N N 103 
ARG CB  HB3  sing N N 104 
ARG CG  CD   sing N N 105 
ARG CG  HG2  sing N N 106 
ARG CG  HG3  sing N N 107 
ARG CD  NE   sing N N 108 
ARG CD  HD2  sing N N 109 
ARG CD  HD3  sing N N 110 
ARG NE  CZ   sing N N 111 
ARG NE  HE   sing N N 112 
ARG CZ  NH1  sing N N 113 
ARG CZ  NH2  doub N N 114 
ARG NH1 HH11 sing N N 115 
ARG NH1 HH12 sing N N 116 
ARG NH2 HH21 sing N N 117 
ARG NH2 HH22 sing N N 118 
ARG OXT HXT  sing N N 119 
ASN N   CA   sing N N 120 
ASN N   H    sing N N 121 
ASN N   H2   sing N N 122 
ASN CA  C    sing N N 123 
ASN CA  CB   sing N N 124 
ASN CA  HA   sing N N 125 
ASN C   O    doub N N 126 
ASN C   OXT  sing N N 127 
ASN CB  CG   sing N N 128 
ASN CB  HB2  sing N N 129 
ASN CB  HB3  sing N N 130 
ASN CG  OD1  doub N N 131 
ASN CG  ND2  sing N N 132 
ASN ND2 HD21 sing N N 133 
ASN ND2 HD22 sing N N 134 
ASN OXT HXT  sing N N 135 
ASP N   CA   sing N N 136 
ASP N   H    sing N N 137 
ASP N   H2   sing N N 138 
ASP CA  C    sing N N 139 
ASP CA  CB   sing N N 140 
ASP CA  HA   sing N N 141 
ASP C   O    doub N N 142 
ASP C   OXT  sing N N 143 
ASP CB  CG   sing N N 144 
ASP CB  HB2  sing N N 145 
ASP CB  HB3  sing N N 146 
ASP CG  OD1  doub N N 147 
ASP CG  OD2  sing N N 148 
ASP OD2 HD2  sing N N 149 
ASP OXT HXT  sing N N 150 
CYS N   CA   sing N N 151 
CYS N   H    sing N N 152 
CYS N   H2   sing N N 153 
CYS CA  C    sing N N 154 
CYS CA  CB   sing N N 155 
CYS CA  HA   sing N N 156 
CYS C   O    doub N N 157 
CYS C   OXT  sing N N 158 
CYS CB  SG   sing N N 159 
CYS CB  HB2  sing N N 160 
CYS CB  HB3  sing N N 161 
CYS SG  HG   sing N N 162 
CYS OXT HXT  sing N N 163 
GLN N   CA   sing N N 164 
GLN N   H    sing N N 165 
GLN N   H2   sing N N 166 
GLN CA  C    sing N N 167 
GLN CA  CB   sing N N 168 
GLN CA  HA   sing N N 169 
GLN C   O    doub N N 170 
GLN C   OXT  sing N N 171 
GLN CB  CG   sing N N 172 
GLN CB  HB2  sing N N 173 
GLN CB  HB3  sing N N 174 
GLN CG  CD   sing N N 175 
GLN CG  HG2  sing N N 176 
GLN CG  HG3  sing N N 177 
GLN CD  OE1  doub N N 178 
GLN CD  NE2  sing N N 179 
GLN NE2 HE21 sing N N 180 
GLN NE2 HE22 sing N N 181 
GLN OXT HXT  sing N N 182 
GLU N   CA   sing N N 183 
GLU N   H    sing N N 184 
GLU N   H2   sing N N 185 
GLU CA  C    sing N N 186 
GLU CA  CB   sing N N 187 
GLU CA  HA   sing N N 188 
GLU C   O    doub N N 189 
GLU C   OXT  sing N N 190 
GLU CB  CG   sing N N 191 
GLU CB  HB2  sing N N 192 
GLU CB  HB3  sing N N 193 
GLU CG  CD   sing N N 194 
GLU CG  HG2  sing N N 195 
GLU CG  HG3  sing N N 196 
GLU CD  OE1  doub N N 197 
GLU CD  OE2  sing N N 198 
GLU OE2 HE2  sing N N 199 
GLU OXT HXT  sing N N 200 
GLY N   CA   sing N N 201 
GLY N   H    sing N N 202 
GLY N   H2   sing N N 203 
GLY CA  C    sing N N 204 
GLY CA  HA2  sing N N 205 
GLY CA  HA3  sing N N 206 
GLY C   O    doub N N 207 
GLY C   OXT  sing N N 208 
GLY OXT HXT  sing N N 209 
GOL C1  O1   sing N N 210 
GOL C1  C2   sing N N 211 
GOL C1  H11  sing N N 212 
GOL C1  H12  sing N N 213 
GOL O1  HO1  sing N N 214 
GOL C2  O2   sing N N 215 
GOL C2  C3   sing N N 216 
GOL C2  H2   sing N N 217 
GOL O2  HO2  sing N N 218 
GOL C3  O3   sing N N 219 
GOL C3  H31  sing N N 220 
GOL C3  H32  sing N N 221 
GOL O3  HO3  sing N N 222 
HIS N   CA   sing N N 223 
HIS N   H    sing N N 224 
HIS N   H2   sing N N 225 
HIS CA  C    sing N N 226 
HIS CA  CB   sing N N 227 
HIS CA  HA   sing N N 228 
HIS C   O    doub N N 229 
HIS C   OXT  sing N N 230 
HIS CB  CG   sing N N 231 
HIS CB  HB2  sing N N 232 
HIS CB  HB3  sing N N 233 
HIS CG  ND1  sing Y N 234 
HIS CG  CD2  doub Y N 235 
HIS ND1 CE1  doub Y N 236 
HIS ND1 HD1  sing N N 237 
HIS CD2 NE2  sing Y N 238 
HIS CD2 HD2  sing N N 239 
HIS CE1 NE2  sing Y N 240 
HIS CE1 HE1  sing N N 241 
HIS NE2 HE2  sing N N 242 
HIS OXT HXT  sing N N 243 
HOH O   H1   sing N N 244 
HOH O   H2   sing N N 245 
ILE N   CA   sing N N 246 
ILE N   H    sing N N 247 
ILE N   H2   sing N N 248 
ILE CA  C    sing N N 249 
ILE CA  CB   sing N N 250 
ILE CA  HA   sing N N 251 
ILE C   O    doub N N 252 
ILE C   OXT  sing N N 253 
ILE CB  CG1  sing N N 254 
ILE CB  CG2  sing N N 255 
ILE CB  HB   sing N N 256 
ILE CG1 CD1  sing N N 257 
ILE CG1 HG12 sing N N 258 
ILE CG1 HG13 sing N N 259 
ILE CG2 HG21 sing N N 260 
ILE CG2 HG22 sing N N 261 
ILE CG2 HG23 sing N N 262 
ILE CD1 HD11 sing N N 263 
ILE CD1 HD12 sing N N 264 
ILE CD1 HD13 sing N N 265 
ILE OXT HXT  sing N N 266 
LEU N   CA   sing N N 267 
LEU N   H    sing N N 268 
LEU N   H2   sing N N 269 
LEU CA  C    sing N N 270 
LEU CA  CB   sing N N 271 
LEU CA  HA   sing N N 272 
LEU C   O    doub N N 273 
LEU C   OXT  sing N N 274 
LEU CB  CG   sing N N 275 
LEU CB  HB2  sing N N 276 
LEU CB  HB3  sing N N 277 
LEU CG  CD1  sing N N 278 
LEU CG  CD2  sing N N 279 
LEU CG  HG   sing N N 280 
LEU CD1 HD11 sing N N 281 
LEU CD1 HD12 sing N N 282 
LEU CD1 HD13 sing N N 283 
LEU CD2 HD21 sing N N 284 
LEU CD2 HD22 sing N N 285 
LEU CD2 HD23 sing N N 286 
LEU OXT HXT  sing N N 287 
LYS N   CA   sing N N 288 
LYS N   H    sing N N 289 
LYS N   H2   sing N N 290 
LYS CA  C    sing N N 291 
LYS CA  CB   sing N N 292 
LYS CA  HA   sing N N 293 
LYS C   O    doub N N 294 
LYS C   OXT  sing N N 295 
LYS CB  CG   sing N N 296 
LYS CB  HB2  sing N N 297 
LYS CB  HB3  sing N N 298 
LYS CG  CD   sing N N 299 
LYS CG  HG2  sing N N 300 
LYS CG  HG3  sing N N 301 
LYS CD  CE   sing N N 302 
LYS CD  HD2  sing N N 303 
LYS CD  HD3  sing N N 304 
LYS CE  NZ   sing N N 305 
LYS CE  HE2  sing N N 306 
LYS CE  HE3  sing N N 307 
LYS NZ  HZ1  sing N N 308 
LYS NZ  HZ2  sing N N 309 
LYS NZ  HZ3  sing N N 310 
LYS OXT HXT  sing N N 311 
MET N   CA   sing N N 312 
MET N   H    sing N N 313 
MET N   H2   sing N N 314 
MET CA  C    sing N N 315 
MET CA  CB   sing N N 316 
MET CA  HA   sing N N 317 
MET C   O    doub N N 318 
MET C   OXT  sing N N 319 
MET CB  CG   sing N N 320 
MET CB  HB2  sing N N 321 
MET CB  HB3  sing N N 322 
MET CG  SD   sing N N 323 
MET CG  HG2  sing N N 324 
MET CG  HG3  sing N N 325 
MET SD  CE   sing N N 326 
MET CE  HE1  sing N N 327 
MET CE  HE2  sing N N 328 
MET CE  HE3  sing N N 329 
MET OXT HXT  sing N N 330 
PHE N   CA   sing N N 331 
PHE N   H    sing N N 332 
PHE N   H2   sing N N 333 
PHE CA  C    sing N N 334 
PHE CA  CB   sing N N 335 
PHE CA  HA   sing N N 336 
PHE C   O    doub N N 337 
PHE C   OXT  sing N N 338 
PHE CB  CG   sing N N 339 
PHE CB  HB2  sing N N 340 
PHE CB  HB3  sing N N 341 
PHE CG  CD1  doub Y N 342 
PHE CG  CD2  sing Y N 343 
PHE CD1 CE1  sing Y N 344 
PHE CD1 HD1  sing N N 345 
PHE CD2 CE2  doub Y N 346 
PHE CD2 HD2  sing N N 347 
PHE CE1 CZ   doub Y N 348 
PHE CE1 HE1  sing N N 349 
PHE CE2 CZ   sing Y N 350 
PHE CE2 HE2  sing N N 351 
PHE CZ  HZ   sing N N 352 
PHE OXT HXT  sing N N 353 
PRO N   CA   sing N N 354 
PRO N   CD   sing N N 355 
PRO N   H    sing N N 356 
PRO CA  C    sing N N 357 
PRO CA  CB   sing N N 358 
PRO CA  HA   sing N N 359 
PRO C   O    doub N N 360 
PRO C   OXT  sing N N 361 
PRO CB  CG   sing N N 362 
PRO CB  HB2  sing N N 363 
PRO CB  HB3  sing N N 364 
PRO CG  CD   sing N N 365 
PRO CG  HG2  sing N N 366 
PRO CG  HG3  sing N N 367 
PRO CD  HD2  sing N N 368 
PRO CD  HD3  sing N N 369 
PRO OXT HXT  sing N N 370 
SER N   CA   sing N N 371 
SER N   H    sing N N 372 
SER N   H2   sing N N 373 
SER CA  C    sing N N 374 
SER CA  CB   sing N N 375 
SER CA  HA   sing N N 376 
SER C   O    doub N N 377 
SER C   OXT  sing N N 378 
SER CB  OG   sing N N 379 
SER CB  HB2  sing N N 380 
SER CB  HB3  sing N N 381 
SER OG  HG   sing N N 382 
SER OXT HXT  sing N N 383 
SO4 S   O1   doub N N 384 
SO4 S   O2   doub N N 385 
SO4 S   O3   sing N N 386 
SO4 S   O4   sing N N 387 
THR N   CA   sing N N 388 
THR N   H    sing N N 389 
THR N   H2   sing N N 390 
THR CA  C    sing N N 391 
THR CA  CB   sing N N 392 
THR CA  HA   sing N N 393 
THR C   O    doub N N 394 
THR C   OXT  sing N N 395 
THR CB  OG1  sing N N 396 
THR CB  CG2  sing N N 397 
THR CB  HB   sing N N 398 
THR OG1 HG1  sing N N 399 
THR CG2 HG21 sing N N 400 
THR CG2 HG22 sing N N 401 
THR CG2 HG23 sing N N 402 
THR OXT HXT  sing N N 403 
TYR N   CA   sing N N 404 
TYR N   H    sing N N 405 
TYR N   H2   sing N N 406 
TYR CA  C    sing N N 407 
TYR CA  CB   sing N N 408 
TYR CA  HA   sing N N 409 
TYR C   O    doub N N 410 
TYR C   OXT  sing N N 411 
TYR CB  CG   sing N N 412 
TYR CB  HB2  sing N N 413 
TYR CB  HB3  sing N N 414 
TYR CG  CD1  doub Y N 415 
TYR CG  CD2  sing Y N 416 
TYR CD1 CE1  sing Y N 417 
TYR CD1 HD1  sing N N 418 
TYR CD2 CE2  doub Y N 419 
TYR CD2 HD2  sing N N 420 
TYR CE1 CZ   doub Y N 421 
TYR CE1 HE1  sing N N 422 
TYR CE2 CZ   sing Y N 423 
TYR CE2 HE2  sing N N 424 
TYR CZ  OH   sing N N 425 
TYR OH  HH   sing N N 426 
TYR OXT HXT  sing N N 427 
VAL N   CA   sing N N 428 
VAL N   H    sing N N 429 
VAL N   H2   sing N N 430 
VAL CA  C    sing N N 431 
VAL CA  CB   sing N N 432 
VAL CA  HA   sing N N 433 
VAL C   O    doub N N 434 
VAL C   OXT  sing N N 435 
VAL CB  CG1  sing N N 436 
VAL CB  CG2  sing N N 437 
VAL CB  HB   sing N N 438 
VAL CG1 HG11 sing N N 439 
VAL CG1 HG12 sing N N 440 
VAL CG1 HG13 sing N N 441 
VAL CG2 HG21 sing N N 442 
VAL CG2 HG22 sing N N 443 
VAL CG2 HG23 sing N N 444 
VAL OXT HXT  sing N N 445 
# 
_atom_sites.entry_id                    3STR 
_atom_sites.fract_transf_matrix[1][1]   -0.01778889 
_atom_sites.fract_transf_matrix[1][2]   -0.00149577 
_atom_sites.fract_transf_matrix[1][3]   -0.00877325 
_atom_sites.fract_transf_matrix[2][1]   0.00509378 
_atom_sites.fract_transf_matrix[2][2]   -0.01779002 
_atom_sites.fract_transf_matrix[2][3]   -0.00729523 
_atom_sites.fract_transf_matrix[3][1]   -0.00401057 
_atom_sites.fract_transf_matrix[3][2]   -0.00482003 
_atom_sites.fract_transf_matrix[3][3]   0.00895373 
_atom_sites.fract_transf_vector[1]      0.580005 
_atom_sites.fract_transf_vector[2]      0.030452 
_atom_sites.fract_transf_vector[3]      0.070025 
# 
loop_
_atom_type.symbol 
C  
CL 
N  
NI 
O  
S  
# 
loop_
_atom_site.group_PDB 
_atom_site.id 
_atom_site.type_symbol 
_atom_site.label_atom_id 
_atom_site.label_alt_id 
_atom_site.label_comp_id 
_atom_site.label_asym_id 
_atom_site.label_entity_id 
_atom_site.label_seq_id 
_atom_site.pdbx_PDB_ins_code 
_atom_site.Cartn_x 
_atom_site.Cartn_y 
_atom_site.Cartn_z 
_atom_site.occupancy 
_atom_site.B_iso_or_equiv 
_atom_site.pdbx_formal_charge 
_atom_site.auth_seq_id 
_atom_site.auth_comp_id 
_atom_site.auth_asym_id 
_atom_site.auth_atom_id 
_atom_site.pdbx_PDB_model_num 
ATOM   1    N  N    . SER A 1 2   ? -5.030  0.706   -22.258 1.00 38.61 ? 2   SER P N    1 
ATOM   2    C  CA   . SER A 1 2   ? -5.271  0.398   -20.853 1.00 32.63 ? 2   SER P CA   1 
ATOM   3    C  C    . SER A 1 2   ? -4.283  1.127   -19.954 1.00 30.95 ? 2   SER P C    1 
ATOM   4    O  O    . SER A 1 2   ? -3.253  1.627   -20.416 1.00 30.78 ? 2   SER P O    1 
ATOM   5    C  CB   . SER A 1 2   ? -5.162  -1.104  -20.607 1.00 33.86 ? 2   SER P CB   1 
ATOM   6    O  OG   . SER A 1 2   ? -3.820  -1.534  -20.757 1.00 33.56 ? 2   SER P OG   1 
ATOM   7    N  N    . ALA A 1 3   ? -4.601  1.189   -18.664 1.00 27.33 ? 3   ALA P N    1 
ATOM   8    C  CA   . ALA A 1 3   ? -3.707  1.812   -17.702 1.00 28.41 ? 3   ALA P CA   1 
ATOM   9    C  C    . ALA A 1 3   ? -2.374  1.080   -17.685 1.00 24.79 ? 3   ALA P C    1 
ATOM   10   O  O    . ALA A 1 3   ? -1.327  1.702   -17.745 1.00 24.80 ? 3   ALA P O    1 
ATOM   11   C  CB   . ALA A 1 3   ? -4.330  1.815   -16.312 1.00 27.60 ? 3   ALA P CB   1 
ATOM   12   N  N    . ILE A 1 4   ? -2.407  -0.247  -17.597 1.00 26.21 ? 4   ILE P N    1 
ATOM   13   C  CA   . ILE A 1 4   ? -1.161  -0.995  -17.479 1.00 22.12 ? 4   ILE P CA   1 
ATOM   14   C  C    . ILE A 1 4   ? -0.241  -0.830  -18.694 1.00 25.00 ? 4   ILE P C    1 
ATOM   15   O  O    . ILE A 1 4   ? 0.972   -0.742  -18.545 1.00 24.62 ? 4   ILE P O    1 
ATOM   16   C  CB   . ILE A 1 4   ? -1.392  -2.498  -17.134 1.00 26.72 ? 4   ILE P CB   1 
ATOM   17   C  CG1  . ILE A 1 4   ? -0.099  -3.124  -16.598 1.00 24.20 ? 4   ILE P CG1  1 
ATOM   18   C  CG2  . ILE A 1 4   ? -1.932  -3.268  -18.331 1.00 23.88 ? 4   ILE P CG2  1 
ATOM   19   C  CD1  . ILE A 1 4   ? -0.281  -4.504  -15.978 1.00 25.67 ? 4   ILE P CD1  1 
ATOM   20   N  N    . GLU A 1 5   ? -0.818  -0.762  -19.893 1.00 24.94 ? 5   GLU P N    1 
ATOM   21   C  CA   . GLU A 1 5   ? -0.018  -0.583  -21.107 1.00 26.27 ? 5   GLU P CA   1 
ATOM   22   C  C    . GLU A 1 5   ? 0.665   0.782   -21.140 1.00 26.25 ? 5   GLU P C    1 
ATOM   23   O  O    . GLU A 1 5   ? 1.841   0.898   -21.473 1.00 25.06 ? 5   GLU P O    1 
ATOM   24   C  CB   . GLU A 1 5   ? -0.901  -0.765  -22.339 1.00 28.52 ? 5   GLU P CB   1 
ATOM   25   C  CG   . GLU A 1 5   ? -1.306  -2.209  -22.567 1.00 34.98 ? 5   GLU P CG   1 
ATOM   26   C  CD   . GLU A 1 5   ? -2.427  -2.349  -23.577 1.00 46.26 ? 5   GLU P CD   1 
ATOM   27   O  OE1  . GLU A 1 5   ? -3.049  -1.320  -23.921 1.00 45.93 ? 5   GLU P OE1  1 
ATOM   28   O  OE2  . GLU A 1 5   ? -2.685  -3.489  -24.021 1.00 52.43 ? 5   GLU P OE2  1 
ATOM   29   N  N    . ARG A 1 6   ? -0.086  1.814   -20.783 1.00 25.64 ? 6   ARG P N    1 
ATOM   30   C  CA   . ARG A 1 6   ? 0.442   3.167   -20.730 1.00 27.50 ? 6   ARG P CA   1 
ATOM   31   C  C    . ARG A 1 6   ? 1.530   3.292   -19.673 1.00 26.44 ? 6   ARG P C    1 
ATOM   32   O  O    . ARG A 1 6   ? 2.596   3.874   -19.909 1.00 24.83 ? 6   ARG P O    1 
ATOM   33   C  CB   . ARG A 1 6   ? -0.696  4.136   -20.426 1.00 30.62 ? 6   ARG P CB   1 
ATOM   34   C  CG   . ARG A 1 6   ? -0.296  5.588   -20.381 1.00 35.13 ? 6   ARG P CG   1 
ATOM   35   C  CD   . ARG A 1 6   ? -1.522  6.451   -20.164 1.00 34.34 ? 6   ARG P CD   1 
ATOM   36   N  NE   . ARG A 1 6   ? -2.294  5.994   -19.013 1.00 36.75 ? 6   ARG P NE   1 
ATOM   37   C  CZ   . ARG A 1 6   ? -1.963  6.252   -17.753 1.00 36.51 ? 6   ARG P CZ   1 
ATOM   38   N  NH1  . ARG A 1 6   ? -0.875  6.962   -17.494 1.00 34.06 ? 6   ARG P NH1  1 
ATOM   39   N  NH2  . ARG A 1 6   ? -2.715  5.801   -16.756 1.00 30.88 ? 6   ARG P NH2  1 
ATOM   40   N  N    . ILE A 1 7   ? 1.268   2.733   -18.498 1.00 23.93 ? 7   ILE P N    1 
ATOM   41   C  CA   . ILE A 1 7   ? 2.179   2.915   -17.382 1.00 20.61 ? 7   ILE P CA   1 
ATOM   42   C  C    . ILE A 1 7   ? 3.474   2.142   -17.536 1.00 22.39 ? 7   ILE P C    1 
ATOM   43   O  O    . ILE A 1 7   ? 4.517   2.586   -17.051 1.00 21.97 ? 7   ILE P O    1 
ATOM   44   C  CB   . ILE A 1 7   ? 1.502   2.579   -16.046 1.00 24.56 ? 7   ILE P CB   1 
ATOM   45   C  CG1  . ILE A 1 7   ? 0.507   3.688   -15.707 1.00 27.05 ? 7   ILE P CG1  1 
ATOM   46   C  CG2  . ILE A 1 7   ? 2.554   2.410   -14.958 1.00 25.18 ? 7   ILE P CG2  1 
ATOM   47   C  CD1  . ILE A 1 7   ? -0.442  3.361   -14.568 1.00 24.65 ? 7   ILE P CD1  1 
ATOM   48   N  N    . THR A 1 8   ? 3.422   1.003   -18.225 1.00 19.76 ? 8   THR P N    1 
ATOM   49   C  CA   . THR A 1 8   ? 4.613   0.168   -18.362 1.00 19.08 ? 8   THR P CA   1 
ATOM   50   C  C    . THR A 1 8   ? 5.475   0.495   -19.590 1.00 21.94 ? 8   THR P C    1 
ATOM   51   O  O    . THR A 1 8   ? 6.482   -0.164  -19.840 1.00 20.01 ? 8   THR P O    1 
ATOM   52   C  CB   . THR A 1 8   ? 4.265   -1.334  -18.332 1.00 20.28 ? 8   THR P CB   1 
ATOM   53   O  OG1  . THR A 1 8   ? 3.325   -1.640  -19.376 1.00 21.89 ? 8   THR P OG1  1 
ATOM   54   C  CG2  . THR A 1 8   ? 3.670   -1.699  -16.981 1.00 18.87 ? 8   THR P CG2  1 
ATOM   55   N  N    . LYS A 1 9   ? 5.097   1.524   -20.337 1.00 21.82 ? 9   LYS P N    1 
ATOM   56   C  CA   . LYS A 1 9   ? 5.987   2.024   -21.389 1.00 28.13 ? 9   LYS P CA   1 
ATOM   57   C  C    . LYS A 1 9   ? 7.314   2.446   -20.759 1.00 26.82 ? 9   LYS P C    1 
ATOM   58   O  O    . LYS A 1 9   ? 7.332   3.111   -19.718 1.00 23.60 ? 9   LYS P O    1 
ATOM   59   C  CB   . LYS A 1 9   ? 5.358   3.210   -22.117 1.00 22.36 ? 9   LYS P CB   1 
ATOM   60   C  CG   . LYS A 1 9   ? 4.231   2.847   -23.061 1.00 29.28 ? 9   LYS P CG   1 
ATOM   61   C  CD   . LYS A 1 9   ? 3.557   4.107   -23.578 1.00 40.42 ? 9   LYS P CD   1 
ATOM   62   C  CE   . LYS A 1 9   ? 2.118   3.849   -23.999 1.00 43.53 ? 9   LYS P CE   1 
ATOM   63   N  NZ   . LYS A 1 9   ? 1.372   5.124   -24.230 1.00 44.21 ? 9   LYS P NZ   1 
ATOM   64   N  N    . ALA A 1 10  ? 8.421   2.060   -21.385 1.00 22.03 ? 10  ALA P N    1 
ATOM   65   C  CA   . ALA A 1 10  ? 9.744   2.371   -20.853 1.00 27.26 ? 10  ALA P CA   1 
ATOM   66   C  C    . ALA A 1 10  ? 9.852   3.832   -20.440 1.00 23.85 ? 10  ALA P C    1 
ATOM   67   O  O    . ALA A 1 10  ? 10.428  4.150   -19.404 1.00 23.96 ? 10  ALA P O    1 
ATOM   68   C  CB   . ALA A 1 10  ? 10.822  2.041   -21.876 1.00 28.97 ? 10  ALA P CB   1 
ATOM   69   N  N    . ALA A 1 11  ? 9.288   4.719   -21.251 1.00 22.62 ? 11  ALA P N    1 
ATOM   70   C  CA   . ALA A 1 11  ? 9.446   6.151   -21.015 1.00 21.25 ? 11  ALA P CA   1 
ATOM   71   C  C    . ALA A 1 11  ? 8.603   6.695   -19.863 1.00 23.75 ? 11  ALA P C    1 
ATOM   72   O  O    . ALA A 1 11  ? 8.847   7.805   -19.391 1.00 22.84 ? 11  ALA P O    1 
ATOM   73   C  CB   . ALA A 1 11  ? 9.155   6.930   -22.289 1.00 25.09 ? 11  ALA P CB   1 
ATOM   74   N  N    . HIS A 1 12  ? 7.616   5.927   -19.403 1.00 20.01 ? 12  HIS P N    1 
ATOM   75   C  CA   . HIS A 1 12  ? 6.642   6.482   -18.459 1.00 21.25 ? 12  HIS P CA   1 
ATOM   76   C  C    . HIS A 1 12  ? 7.146   6.530   -17.020 1.00 23.54 ? 12  HIS P C    1 
ATOM   77   O  O    . HIS A 1 12  ? 7.671   5.548   -16.504 1.00 23.03 ? 12  HIS P O    1 
ATOM   78   C  CB   . HIS A 1 12  ? 5.311   5.723   -18.494 1.00 22.25 ? 12  HIS P CB   1 
ATOM   79   C  CG   . HIS A 1 12  ? 4.225   6.401   -17.711 1.00 23.37 ? 12  HIS P CG   1 
ATOM   80   N  ND1  . HIS A 1 12  ? 3.476   7.438   -18.226 1.00 28.09 ? 12  HIS P ND1  1 
ATOM   81   C  CD2  . HIS A 1 12  ? 3.785   6.211   -16.444 1.00 25.93 ? 12  HIS P CD2  1 
ATOM   82   C  CE1  . HIS A 1 12  ? 2.607   7.845   -17.314 1.00 29.31 ? 12  HIS P CE1  1 
ATOM   83   N  NE2  . HIS A 1 12  ? 2.780   7.123   -16.223 1.00 24.14 ? 12  HIS P NE2  1 
ATOM   84   N  N    . LEU A 1 13  ? 6.972   7.685   -16.384 1.00 22.34 ? 13  LEU P N    1 
ATOM   85   C  CA   . LEU A 1 13  ? 7.259   7.830   -14.958 1.00 23.28 ? 13  LEU P CA   1 
ATOM   86   C  C    . LEU A 1 13  ? 5.941   8.034   -14.222 1.00 22.54 ? 13  LEU P C    1 
ATOM   87   O  O    . LEU A 1 13  ? 5.198   8.968   -14.510 1.00 23.66 ? 13  LEU P O    1 
ATOM   88   C  CB   . LEU A 1 13  ? 8.176   9.033   -14.720 1.00 25.67 ? 13  LEU P CB   1 
ATOM   89   C  CG   . LEU A 1 13  ? 9.481   9.056   -15.526 1.00 27.87 ? 13  LEU P CG   1 
ATOM   90   C  CD1  . LEU A 1 13  ? 10.213  10.376  -15.319 1.00 29.55 ? 13  LEU P CD1  1 
ATOM   91   C  CD2  . LEU A 1 13  ? 10.369  7.880   -15.157 1.00 26.73 ? 13  LEU P CD2  1 
ATOM   92   N  N    . ILE A 1 14  ? 5.630   7.156   -13.275 1.00 20.15 ? 14  ILE P N    1 
ATOM   93   C  CA   . ILE A 1 14  ? 4.381   7.301   -12.549 1.00 22.53 ? 14  ILE P CA   1 
ATOM   94   C  C    . ILE A 1 14  ? 4.386   8.601   -11.761 1.00 20.97 ? 14  ILE P C    1 
ATOM   95   O  O    . ILE A 1 14  ? 5.376   8.931   -11.111 1.00 21.31 ? 14  ILE P O    1 
ATOM   96   C  CB   . ILE A 1 14  ? 4.159   6.132   -11.584 1.00 21.07 ? 14  ILE P CB   1 
ATOM   97   C  CG1  . ILE A 1 14  ? 3.956   4.832   -12.367 1.00 20.97 ? 14  ILE P CG1  1 
ATOM   98   C  CG2  . ILE A 1 14  ? 2.965   6.423   -10.689 1.00 24.04 ? 14  ILE P CG2  1 
ATOM   99   C  CD1  . ILE A 1 14  ? 3.783   3.594   -11.478 1.00 20.16 ? 14  ILE P CD1  1 
ATOM   100  N  N    . ASP A 1 15  ? 3.291   9.351   -11.836 1.00 20.18 ? 15  ASP P N    1 
ATOM   101  C  CA   . ASP A 1 15  ? 3.157   10.569  -11.038 1.00 23.06 ? 15  ASP P CA   1 
ATOM   102  C  C    . ASP A 1 15  ? 1.732   10.677  -10.515 1.00 24.59 ? 15  ASP P C    1 
ATOM   103  O  O    . ASP A 1 15  ? 0.951   9.720   -10.627 1.00 24.10 ? 15  ASP P O    1 
ATOM   104  C  CB   . ASP A 1 15  ? 3.616   11.835  -11.812 1.00 20.79 ? 15  ASP P CB   1 
ATOM   105  C  CG   . ASP A 1 15  ? 2.746   12.162  -13.004 1.00 24.81 ? 15  ASP P CG   1 
ATOM   106  O  OD1  . ASP A 1 15  ? 1.620   11.634  -13.127 1.00 28.28 ? 15  ASP P OD1  1 
ATOM   107  O  OD2  . ASP A 1 15  ? 3.198   12.981  -13.835 1.00 27.30 ? 15  ASP P OD2  1 
ATOM   108  N  N    . MET A 1 16  ? 1.386   11.809  -9.914  1.00 23.34 ? 16  MET P N    1 
ATOM   109  C  CA   . MET A 1 16  ? 0.091   11.895  -9.246  1.00 21.96 ? 16  MET P CA   1 
ATOM   110  C  C    . MET A 1 16  ? -1.067  11.805  -10.228 1.00 23.66 ? 16  MET P C    1 
ATOM   111  O  O    . MET A 1 16  ? -2.178  11.452  -9.845  1.00 24.81 ? 16  MET P O    1 
ATOM   112  C  CB   . MET A 1 16  ? -0.017  13.164  -8.399  1.00 25.70 ? 16  MET P CB   1 
ATOM   113  C  CG   . MET A 1 16  ? 1.011   13.252  -7.278  1.00 22.64 ? 16  MET P CG   1 
ATOM   114  S  SD   . MET A 1 16  ? 1.084   11.799  -6.194  1.00 25.28 ? 16  MET P SD   1 
ATOM   115  C  CE   . MET A 1 16  ? -0.569  11.799  -5.510  1.00 23.52 ? 16  MET P CE   1 
ATOM   116  N  N    . ASN A 1 17  ? -0.814  12.135  -11.499 1.00 25.50 ? 17  ASN P N    1 
ATOM   117  C  CA   . ASN A 1 17  ? -1.870  12.064  -12.500 1.00 24.45 ? 17  ASN P CA   1 
ATOM   118  C  C    . ASN A 1 17  ? -2.229  10.637  -12.886 1.00 24.73 ? 17  ASN P C    1 
ATOM   119  O  O    . ASN A 1 17  ? -3.235  10.409  -13.555 1.00 27.47 ? 17  ASN P O    1 
ATOM   120  C  CB   . ASN A 1 17  ? -1.522  12.886  -13.751 1.00 25.10 ? 17  ASN P CB   1 
ATOM   121  C  CG   . ASN A 1 17  ? -1.482  14.373  -13.473 1.00 28.21 ? 17  ASN P CG   1 
ATOM   122  O  OD1  . ASN A 1 17  ? -0.569  15.073  -13.913 1.00 39.44 ? 17  ASN P OD1  1 
ATOM   123  N  ND2  . ASN A 1 17  ? -2.468  14.863  -12.726 1.00 31.92 ? 17  ASN P ND2  1 
ATOM   124  N  N    . ASP A 1 18  ? -1.413  9.674   -12.462 1.00 23.96 ? 18  ASP P N    1 
ATOM   125  C  CA   . ASP A 1 18  ? -1.725  8.267   -12.693 1.00 23.30 ? 18  ASP P CA   1 
ATOM   126  C  C    . ASP A 1 18  ? -2.559  7.686   -11.549 1.00 23.32 ? 18  ASP P C    1 
ATOM   127  O  O    . ASP A 1 18  ? -3.122  6.601   -11.672 1.00 22.98 ? 18  ASP P O    1 
ATOM   128  C  CB   . ASP A 1 18  ? -0.445  7.440   -12.833 1.00 26.59 ? 18  ASP P CB   1 
ATOM   129  C  CG   . ASP A 1 18  ? 0.344   7.780   -14.078 1.00 26.60 ? 18  ASP P CG   1 
ATOM   130  O  OD1  . ASP A 1 18  ? 1.586   7.887   -13.976 1.00 26.08 ? 18  ASP P OD1  1 
ATOM   131  O  OD2  . ASP A 1 18  ? -0.273  7.932   -15.149 1.00 26.96 ? 18  ASP P OD2  1 
ATOM   132  N  N    . ILE A 1 19  ? -2.637  8.420   -10.445 1.00 20.74 ? 19  ILE P N    1 
ATOM   133  C  CA   . ILE A 1 19  ? -3.248  7.900   -9.215  1.00 22.84 ? 19  ILE P CA   1 
ATOM   134  C  C    . ILE A 1 19  ? -4.697  8.342   -9.077  1.00 23.46 ? 19  ILE P C    1 
ATOM   135  O  O    . ILE A 1 19  ? -4.983  9.535   -8.973  1.00 27.29 ? 19  ILE P O    1 
ATOM   136  C  CB   . ILE A 1 19  ? -2.438  8.309   -7.971  1.00 24.16 ? 19  ILE P CB   1 
ATOM   137  C  CG1  . ILE A 1 19  ? -1.039  7.685   -8.053  1.00 23.00 ? 19  ILE P CG1  1 
ATOM   138  C  CG2  . ILE A 1 19  ? -3.156  7.858   -6.677  1.00 22.21 ? 19  ILE P CG2  1 
ATOM   139  C  CD1  . ILE A 1 19  ? -0.101  8.088   -6.941  1.00 26.01 ? 19  ILE P CD1  1 
ATOM   140  N  N    . ILE A 1 20  ? -5.610  7.375   -9.111  1.00 24.00 ? 20  ILE P N    1 
ATOM   141  C  CA   . ILE A 1 20  ? -7.034  7.669   -9.027  1.00 26.98 ? 20  ILE P CA   1 
ATOM   142  C  C    . ILE A 1 20  ? -7.454  7.994   -7.589  1.00 27.54 ? 20  ILE P C    1 
ATOM   143  O  O    . ILE A 1 20  ? -6.807  7.568   -6.628  1.00 27.49 ? 20  ILE P O    1 
ATOM   144  C  CB   . ILE A 1 20  ? -7.900  6.519   -9.602  1.00 25.20 ? 20  ILE P CB   1 
ATOM   145  C  CG1  . ILE A 1 20  ? -7.673  5.222   -8.818  1.00 25.63 ? 20  ILE P CG1  1 
ATOM   146  C  CG2  . ILE A 1 20  ? -7.600  6.312   -11.077 1.00 26.86 ? 20  ILE P CG2  1 
ATOM   147  C  CD1  . ILE A 1 20  ? -8.739  4.172   -9.053  1.00 28.53 ? 20  ILE P CD1  1 
ATOM   148  N  N    . ARG A 1 21  ? -8.541  8.747   -7.450  1.00 28.61 ? 21  ARG P N    1 
ATOM   149  C  CA   . ARG A 1 21  ? -8.971  9.262   -6.150  1.00 28.23 ? 21  ARG P CA   1 
ATOM   150  C  C    . ARG A 1 21  ? -10.370 8.780   -5.768  1.00 31.76 ? 21  ARG P C    1 
ATOM   151  O  O    . ARG A 1 21  ? -11.067 8.159   -6.573  1.00 30.72 ? 21  ARG P O    1 
ATOM   152  C  CB   . ARG A 1 21  ? -8.947  10.797  -6.153  1.00 28.88 ? 21  ARG P CB   1 
ATOM   153  C  CG   . ARG A 1 21  ? -7.765  11.415  -6.887  1.00 31.45 ? 21  ARG P CG   1 
ATOM   154  C  CD   . ARG A 1 21  ? -6.437  11.022  -6.253  1.00 30.69 ? 21  ARG P CD   1 
ATOM   155  N  NE   . ARG A 1 21  ? -5.302  11.452  -7.074  1.00 27.02 ? 21  ARG P NE   1 
ATOM   156  C  CZ   . ARG A 1 21  ? -4.810  12.686  -7.066  1.00 28.86 ? 21  ARG P CZ   1 
ATOM   157  N  NH1  . ARG A 1 21  ? -5.352  13.614  -6.287  1.00 30.20 ? 21  ARG P NH1  1 
ATOM   158  N  NH2  . ARG A 1 21  ? -3.777  12.994  -7.834  1.00 30.03 ? 21  ARG P NH2  1 
ATOM   159  N  N    . GLU A 1 22  ? -10.767 9.070   -4.531  1.00 34.98 ? 22  GLU P N    1 
ATOM   160  C  CA   . GLU A 1 22  ? -12.110 8.754   -4.050  1.00 37.04 ? 22  GLU P CA   1 
ATOM   161  C  C    . GLU A 1 22  ? -13.167 9.091   -5.083  1.00 35.20 ? 22  GLU P C    1 
ATOM   162  O  O    . GLU A 1 22  ? -13.151 10.165  -5.666  1.00 41.25 ? 22  GLU P O    1 
ATOM   163  C  CB   . GLU A 1 22  ? -12.431 9.562   -2.799  1.00 41.90 ? 22  GLU P CB   1 
ATOM   164  C  CG   . GLU A 1 22  ? -11.590 9.265   -1.597  1.00 38.06 ? 22  GLU P CG   1 
ATOM   165  C  CD   . GLU A 1 22  ? -12.101 10.011  -0.385  1.00 34.27 ? 22  GLU P CD   1 
ATOM   166  O  OE1  . GLU A 1 22  ? -12.609 9.355   0.540   1.00 40.04 ? 22  GLU P OE1  1 
ATOM   167  O  OE2  . GLU A 1 22  ? -12.010 11.256  -0.371  1.00 34.49 ? 22  GLU P OE2  1 
ATOM   168  N  N    . GLY A 1 23  ? -14.118 8.189   -5.274  1.00 38.63 ? 23  GLY P N    1 
ATOM   169  C  CA   . GLY A 1 23  ? -15.151 8.411   -6.264  1.00 38.30 ? 23  GLY P CA   1 
ATOM   170  C  C    . GLY A 1 23  ? -14.954 7.477   -7.431  1.00 40.82 ? 23  GLY P C    1 
ATOM   171  O  O    . GLY A 1 23  ? -15.910 7.113   -8.114  1.00 40.58 ? 23  GLY P O    1 
ATOM   172  N  N    . ASN A 1 24  ? -13.705 7.086   -7.664  1.00 38.38 ? 24  ASN P N    1 
ATOM   173  C  CA   . ASN A 1 24  ? -13.418 6.111   -8.704  1.00 34.78 ? 24  ASN P CA   1 
ATOM   174  C  C    . ASN A 1 24  ? -13.712 4.705   -8.192  1.00 34.60 ? 24  ASN P C    1 
ATOM   175  O  O    . ASN A 1 24  ? -13.086 4.239   -7.241  1.00 33.52 ? 24  ASN P O    1 
ATOM   176  C  CB   . ASN A 1 24  ? -11.972 6.233   -9.195  1.00 31.24 ? 24  ASN P CB   1 
ATOM   177  C  CG   . ASN A 1 24  ? -11.717 5.420   -10.449 1.00 30.32 ? 24  ASN P CG   1 
ATOM   178  O  OD1  . ASN A 1 24  ? -12.196 4.292   -10.580 1.00 32.15 ? 24  ASN P OD1  1 
ATOM   179  N  ND2  . ASN A 1 24  ? -10.977 5.998   -11.391 1.00 31.77 ? 24  ASN P ND2  1 
ATOM   180  N  N    . PRO A 1 25  ? -14.673 4.025   -8.827  1.00 35.41 ? 25  PRO P N    1 
ATOM   181  C  CA   . PRO A 1 25  ? -15.170 2.718   -8.379  1.00 36.93 ? 25  PRO P CA   1 
ATOM   182  C  C    . PRO A 1 25  ? -14.056 1.693   -8.206  1.00 33.85 ? 25  PRO P C    1 
ATOM   183  O  O    . PRO A 1 25  ? -14.207 0.748   -7.433  1.00 31.61 ? 25  PRO P O    1 
ATOM   184  C  CB   . PRO A 1 25  ? -16.086 2.285   -9.527  1.00 38.03 ? 25  PRO P CB   1 
ATOM   185  C  CG   . PRO A 1 25  ? -16.503 3.557   -10.181 1.00 38.02 ? 25  PRO P CG   1 
ATOM   186  C  CD   . PRO A 1 25  ? -15.321 4.467   -10.075 1.00 35.69 ? 25  PRO P CD   1 
ATOM   187  N  N    . THR A 1 26  ? -12.956 1.869   -8.931  1.00 32.23 ? 26  THR P N    1 
ATOM   188  C  CA   . THR A 1 26  ? -11.881 0.885   -8.906  1.00 31.22 ? 26  THR P CA   1 
ATOM   189  C  C    . THR A 1 26  ? -11.311 0.718   -7.499  1.00 30.65 ? 26  THR P C    1 
ATOM   190  O  O    . THR A 1 26  ? -10.856 -0.367  -7.137  1.00 29.98 ? 26  THR P O    1 
ATOM   191  C  CB   . THR A 1 26  ? -10.778 1.228   -9.936  1.00 31.96 ? 26  THR P CB   1 
ATOM   192  O  OG1  . THR A 1 26  ? -11.303 1.058   -11.256 1.00 33.43 ? 26  THR P OG1  1 
ATOM   193  C  CG2  . THR A 1 26  ? -9.575  0.310   -9.781  1.00 26.92 ? 26  THR P CG2  1 
ATOM   194  N  N    . LEU A 1 27  ? -11.353 1.781   -6.700  1.00 28.28 ? 27  LEU P N    1 
ATOM   195  C  CA   . LEU A 1 27  ? -10.853 1.714   -5.325  1.00 24.63 ? 27  LEU P CA   1 
ATOM   196  C  C    . LEU A 1 27  ? -11.784 0.925   -4.403  1.00 30.44 ? 27  LEU P C    1 
ATOM   197  O  O    . LEU A 1 27  ? -11.408 0.578   -3.287  1.00 25.11 ? 27  LEU P O    1 
ATOM   198  C  CB   . LEU A 1 27  ? -10.611 3.116   -4.752  1.00 27.64 ? 27  LEU P CB   1 
ATOM   199  C  CG   . LEU A 1 27  ? -9.528  3.939   -5.458  1.00 30.50 ? 27  LEU P CG   1 
ATOM   200  C  CD1  . LEU A 1 27  ? -9.545  5.395   -5.018  1.00 32.27 ? 27  LEU P CD1  1 
ATOM   201  C  CD2  . LEU A 1 27  ? -8.143  3.327   -5.246  1.00 27.44 ? 27  LEU P CD2  1 
ATOM   202  N  N    . ARG A 1 28  ? -12.992 0.647   -4.878  1.00 29.53 ? 28  ARG P N    1 
ATOM   203  C  CA   . ARG A 1 28  ? -13.974 -0.106  -4.101  1.00 28.13 ? 28  ARG P CA   1 
ATOM   204  C  C    . ARG A 1 28  ? -14.221 -1.469  -4.723  1.00 30.33 ? 28  ARG P C    1 
ATOM   205  O  O    . ARG A 1 28  ? -15.191 -2.154  -4.391  1.00 34.83 ? 28  ARG P O    1 
ATOM   206  C  CB   . ARG A 1 28  ? -15.286 0.675   -3.997  1.00 33.49 ? 28  ARG P CB   1 
ATOM   207  C  CG   . ARG A 1 28  ? -15.221 1.850   -3.036  1.00 31.69 ? 28  ARG P CG   1 
ATOM   208  C  CD   . ARG A 1 28  ? -14.804 1.367   -1.653  1.00 32.33 ? 28  ARG P CD   1 
ATOM   209  N  NE   . ARG A 1 28  ? -14.982 2.381   -0.618  1.00 34.56 ? 28  ARG P NE   1 
ATOM   210  C  CZ   . ARG A 1 28  ? -14.688 2.185   0.664   1.00 32.73 ? 28  ARG P CZ   1 
ATOM   211  N  NH1  . ARG A 1 28  ? -14.204 1.012   1.056   1.00 28.66 ? 28  ARG P NH1  1 
ATOM   212  N  NH2  . ARG A 1 28  ? -14.875 3.153   1.553   1.00 34.96 ? 28  ARG P NH2  1 
ATOM   213  N  N    . THR A 1 29  ? -13.332 -1.863  -5.628  1.00 28.94 ? 29  THR P N    1 
ATOM   214  C  CA   . THR A 1 29  ? -13.439 -3.153  -6.296  1.00 26.71 ? 29  THR P CA   1 
ATOM   215  C  C    . THR A 1 29  ? -12.403 -4.115  -5.734  1.00 30.28 ? 29  THR P C    1 
ATOM   216  O  O    . THR A 1 29  ? -11.334 -3.691  -5.307  1.00 32.23 ? 29  THR P O    1 
ATOM   217  C  CB   . THR A 1 29  ? -13.224 -3.000  -7.805  1.00 32.89 ? 29  THR P CB   1 
ATOM   218  O  OG1  . THR A 1 29  ? -14.250 -2.160  -8.344  1.00 38.01 ? 29  THR P OG1  1 
ATOM   219  C  CG2  . THR A 1 29  ? -13.261 -4.357  -8.502  1.00 35.42 ? 29  THR P CG2  1 
ATOM   220  N  N    . VAL A 1 30  ? -12.721 -5.405  -5.721  1.00 28.98 ? 30  VAL P N    1 
ATOM   221  C  CA   . VAL A 1 30  ? -11.756 -6.410  -5.287  1.00 27.30 ? 30  VAL P CA   1 
ATOM   222  C  C    . VAL A 1 30  ? -10.861 -6.794  -6.469  1.00 26.90 ? 30  VAL P C    1 
ATOM   223  O  O    . VAL A 1 30  ? -11.345 -7.299  -7.485  1.00 26.05 ? 30  VAL P O    1 
ATOM   224  C  CB   . VAL A 1 30  ? -12.450 -7.655  -4.690  1.00 26.87 ? 30  VAL P CB   1 
ATOM   225  C  CG1  . VAL A 1 30  ? -11.420 -8.709  -4.327  1.00 28.10 ? 30  VAL P CG1  1 
ATOM   226  C  CG2  . VAL A 1 30  ? -13.254 -7.262  -3.455  1.00 25.93 ? 30  VAL P CG2  1 
ATOM   227  N  N    . ALA A 1 31  ? -9.560  -6.534  -6.337  1.00 24.56 ? 31  ALA P N    1 
ATOM   228  C  CA   . ALA A 1 31  ? -8.606  -6.800  -7.414  1.00 22.29 ? 31  ALA P CA   1 
ATOM   229  C  C    . ALA A 1 31  ? -8.431  -8.280  -7.726  1.00 23.46 ? 31  ALA P C    1 
ATOM   230  O  O    . ALA A 1 31  ? -8.548  -9.137  -6.850  1.00 24.31 ? 31  ALA P O    1 
ATOM   231  C  CB   . ALA A 1 31  ? -7.252  -6.168  -7.094  1.00 22.50 ? 31  ALA P CB   1 
ATOM   232  N  N    . GLU A 1 32  ? -8.107  -8.571  -8.980  1.00 27.06 ? 32  GLU P N    1 
ATOM   233  C  CA   . GLU A 1 32  ? -7.970  -9.943  -9.440  1.00 26.54 ? 32  GLU P CA   1 
ATOM   234  C  C    . GLU A 1 32  ? -6.571  -10.486 -9.161  1.00 25.71 ? 32  GLU P C    1 
ATOM   235  O  O    . GLU A 1 32  ? -5.578  -9.778  -9.308  1.00 21.94 ? 32  GLU P O    1 
ATOM   236  C  CB   . GLU A 1 32  ? -8.254  -10.012 -10.937 1.00 33.52 ? 32  GLU P CB   1 
ATOM   237  C  CG   . GLU A 1 32  ? -8.842  -11.336 -11.391 1.00 45.50 ? 32  GLU P CG   1 
ATOM   238  C  CD   . GLU A 1 32  ? -10.236 -11.179 -11.966 1.00 52.14 ? 32  GLU P CD   1 
ATOM   239  O  OE1  . GLU A 1 32  ? -11.199 -11.070 -11.176 1.00 53.42 ? 32  GLU P OE1  1 
ATOM   240  O  OE2  . GLU A 1 32  ? -10.366 -11.157 -13.210 1.00 57.82 ? 32  GLU P OE2  1 
ATOM   241  N  N    . GLU A 1 33  ? -6.484  -11.753 -8.784  1.00 22.51 ? 33  GLU P N    1 
ATOM   242  C  CA   . GLU A 1 33  ? -5.175  -12.355 -8.579  1.00 22.46 ? 33  GLU P CA   1 
ATOM   243  C  C    . GLU A 1 33  ? -4.408  -12.367 -9.895  1.00 25.38 ? 33  GLU P C    1 
ATOM   244  O  O    . GLU A 1 33  ? -5.012  -12.480 -10.966 1.00 25.88 ? 33  GLU P O    1 
ATOM   245  C  CB   . GLU A 1 33  ? -5.304  -13.779 -8.033  1.00 27.58 ? 33  GLU P CB   1 
ATOM   246  C  CG   . GLU A 1 33  ? -5.744  -13.841 -6.588  1.00 27.85 ? 33  GLU P CG   1 
ATOM   247  C  CD   . GLU A 1 33  ? -5.677  -15.245 -6.040  1.00 39.29 ? 33  GLU P CD   1 
ATOM   248  O  OE1  . GLU A 1 33  ? -5.896  -16.194 -6.822  1.00 38.81 ? 33  GLU P OE1  1 
ATOM   249  O  OE2  . GLU A 1 33  ? -5.390  -15.397 -4.833  1.00 41.02 ? 33  GLU P OE2  1 
ATOM   250  N  N    . VAL A 1 34  ? -3.087  -12.217 -9.824  1.00 22.17 ? 34  VAL P N    1 
ATOM   251  C  CA   . VAL A 1 34  ? -2.253  -12.420 -11.000 1.00 21.90 ? 34  VAL P CA   1 
ATOM   252  C  C    . VAL A 1 34  ? -1.919  -13.907 -11.143 1.00 22.98 ? 34  VAL P C    1 
ATOM   253  O  O    . VAL A 1 34  ? -1.869  -14.638 -10.161 1.00 23.95 ? 34  VAL P O    1 
ATOM   254  C  CB   . VAL A 1 34  ? -0.949  -11.574 -10.979 1.00 24.31 ? 34  VAL P CB   1 
ATOM   255  C  CG1  . VAL A 1 34  ? -1.275  -10.087 -10.942 1.00 24.01 ? 34  VAL P CG1  1 
ATOM   256  C  CG2  . VAL A 1 34  ? -0.056  -11.964 -9.808  1.00 21.71 ? 34  VAL P CG2  1 
ATOM   257  N  N    . THR A 1 35  ? -1.712  -14.357 -12.377 1.00 21.03 ? 35  THR P N    1 
ATOM   258  C  CA   . THR A 1 35  ? -1.365  -15.746 -12.612 1.00 22.19 ? 35  THR P CA   1 
ATOM   259  C  C    . THR A 1 35  ? 0.114   -15.836 -12.914 1.00 24.55 ? 35  THR P C    1 
ATOM   260  O  O    . THR A 1 35  ? 0.737   -14.860 -13.339 1.00 23.52 ? 35  THR P O    1 
ATOM   261  C  CB   . THR A 1 35  ? -2.151  -16.333 -13.792 1.00 25.57 ? 35  THR P CB   1 
ATOM   262  O  OG1  . THR A 1 35  ? -1.883  -15.552 -14.963 1.00 24.82 ? 35  THR P OG1  1 
ATOM   263  C  CG2  . THR A 1 35  ? -3.642  -16.316 -13.500 1.00 29.41 ? 35  THR P CG2  1 
ATOM   264  N  N    . PHE A 1 36  ? 0.685   -17.009 -12.683 1.00 20.97 ? 36  PHE P N    1 
ATOM   265  C  CA   . PHE A 1 36  ? 2.089   -17.236 -12.994 1.00 22.60 ? 36  PHE P CA   1 
ATOM   266  C  C    . PHE A 1 36  ? 2.240   -18.235 -14.134 1.00 25.58 ? 36  PHE P C    1 
ATOM   267  O  O    . PHE A 1 36  ? 1.488   -19.210 -14.204 1.00 27.83 ? 36  PHE P O    1 
ATOM   268  C  CB   . PHE A 1 36  ? 2.836   -17.719 -11.747 1.00 26.99 ? 36  PHE P CB   1 
ATOM   269  C  CG   . PHE A 1 36  ? 3.060   -16.630 -10.737 1.00 25.33 ? 36  PHE P CG   1 
ATOM   270  C  CD1  . PHE A 1 36  ? 2.089   -16.327 -9.801  1.00 31.00 ? 36  PHE P CD1  1 
ATOM   271  C  CD2  . PHE A 1 36  ? 4.226   -15.881 -10.763 1.00 28.19 ? 36  PHE P CD2  1 
ATOM   272  C  CE1  . PHE A 1 36  ? 2.281   -15.306 -8.888  1.00 31.31 ? 36  PHE P CE1  1 
ATOM   273  C  CE2  . PHE A 1 36  ? 4.427   -14.856 -9.850  1.00 30.30 ? 36  PHE P CE2  1 
ATOM   274  C  CZ   . PHE A 1 36  ? 3.452   -14.567 -8.920  1.00 24.77 ? 36  PHE P CZ   1 
ATOM   275  N  N    . PRO A 1 37  ? 3.231   -18.007 -15.010 1.00 24.37 ? 37  PRO P N    1 
ATOM   276  C  CA   . PRO A 1 37  ? 4.214   -16.921 -14.884 1.00 21.97 ? 37  PRO P CA   1 
ATOM   277  C  C    . PRO A 1 37  ? 3.642   -15.533 -15.184 1.00 23.49 ? 37  PRO P C    1 
ATOM   278  O  O    . PRO A 1 37  ? 2.656   -15.410 -15.922 1.00 22.54 ? 37  PRO P O    1 
ATOM   279  C  CB   . PRO A 1 37  ? 5.264   -17.289 -15.929 1.00 23.00 ? 37  PRO P CB   1 
ATOM   280  C  CG   . PRO A 1 37  ? 4.488   -18.059 -16.967 1.00 23.56 ? 37  PRO P CG   1 
ATOM   281  C  CD   . PRO A 1 37  ? 3.485   -18.845 -16.199 1.00 25.11 ? 37  PRO P CD   1 
ATOM   282  N  N    . LEU A 1 38  ? 4.257   -14.501 -14.609 1.00 19.82 ? 38  LEU P N    1 
ATOM   283  C  CA   . LEU A 1 38  ? 3.833   -13.120 -14.863 1.00 19.75 ? 38  LEU P CA   1 
ATOM   284  C  C    . LEU A 1 38  ? 4.173   -12.663 -16.274 1.00 22.11 ? 38  LEU P C    1 
ATOM   285  O  O    . LEU A 1 38  ? 5.169   -13.096 -16.859 1.00 21.50 ? 38  LEU P O    1 
ATOM   286  C  CB   . LEU A 1 38  ? 4.513   -12.158 -13.881 1.00 19.72 ? 38  LEU P CB   1 
ATOM   287  C  CG   . LEU A 1 38  ? 4.247   -12.387 -12.399 1.00 19.29 ? 38  LEU P CG   1 
ATOM   288  C  CD1  . LEU A 1 38  ? 5.123   -11.454 -11.576 1.00 21.11 ? 38  LEU P CD1  1 
ATOM   289  C  CD2  . LEU A 1 38  ? 2.772   -12.159 -12.111 1.00 19.36 ? 38  LEU P CD2  1 
ATOM   290  N  N    . SER A 1 39  ? 3.366   -11.758 -16.816 1.00 19.27 ? 39  SER P N    1 
ATOM   291  C  CA   . SER A 1 39  ? 3.728   -11.119 -18.072 1.00 18.37 ? 39  SER P CA   1 
ATOM   292  C  C    . SER A 1 39  ? 4.844   -10.113 -17.805 1.00 20.08 ? 39  SER P C    1 
ATOM   293  O  O    . SER A 1 39  ? 5.043   -9.688  -16.661 1.00 18.46 ? 39  SER P O    1 
ATOM   294  C  CB   . SER A 1 39  ? 2.530   -10.387 -18.663 1.00 20.11 ? 39  SER P CB   1 
ATOM   295  O  OG   . SER A 1 39  ? 2.178   -9.280  -17.851 1.00 19.16 ? 39  SER P OG   1 
ATOM   296  N  N    . ASP A 1 40  ? 5.553   -9.723  -18.860 1.00 20.50 ? 40  ASP P N    1 
ATOM   297  C  CA   . ASP A 1 40  ? 6.556   -8.673  -18.761 1.00 21.58 ? 40  ASP P CA   1 
ATOM   298  C  C    . ASP A 1 40  ? 5.933   -7.398  -18.207 1.00 18.61 ? 40  ASP P C    1 
ATOM   299  O  O    . ASP A 1 40  ? 6.551   -6.701  -17.403 1.00 21.08 ? 40  ASP P O    1 
ATOM   300  C  CB   . ASP A 1 40  ? 7.184   -8.393  -20.125 1.00 23.28 ? 40  ASP P CB   1 
ATOM   301  C  CG   . ASP A 1 40  ? 8.010   -9.559  -20.637 1.00 24.36 ? 40  ASP P CG   1 
ATOM   302  O  OD1  . ASP A 1 40  ? 8.476   -10.366 -19.806 1.00 25.61 ? 40  ASP P OD1  1 
ATOM   303  O  OD2  . ASP A 1 40  ? 8.196   -9.660  -21.866 1.00 25.47 ? 40  ASP P OD2  1 
ATOM   304  N  N    . GLN A 1 41  ? 4.711   -7.088  -18.636 1.00 19.52 ? 41  GLN P N    1 
ATOM   305  C  CA   . GLN A 1 41  ? 4.036   -5.874  -18.162 1.00 20.23 ? 41  GLN P CA   1 
ATOM   306  C  C    . GLN A 1 41  ? 3.763   -5.910  -16.659 1.00 18.33 ? 41  GLN P C    1 
ATOM   307  O  O    . GLN A 1 41  ? 3.863   -4.888  -15.982 1.00 19.16 ? 41  GLN P O    1 
ATOM   308  C  CB   . GLN A 1 41  ? 2.745   -5.584  -18.949 1.00 21.28 ? 41  GLN P CB   1 
ATOM   309  C  CG   . GLN A 1 41  ? 3.003   -4.967  -20.318 1.00 22.60 ? 41  GLN P CG   1 
ATOM   310  C  CD   . GLN A 1 41  ? 1.726   -4.638  -21.079 1.00 30.92 ? 41  GLN P CD   1 
ATOM   311  O  OE1  . GLN A 1 41  ? 0.618   -4.916  -20.620 1.00 33.60 ? 41  GLN P OE1  1 
ATOM   312  N  NE2  . GLN A 1 41  ? 1.884   -4.035  -22.252 1.00 34.48 ? 41  GLN P NE2  1 
ATOM   313  N  N    . GLU A 1 42  ? 3.431   -7.086  -16.130 1.00 19.39 ? 42  GLU P N    1 
ATOM   314  C  CA   . GLU A 1 42  ? 3.148   -7.203  -14.708 1.00 21.16 ? 42  GLU P CA   1 
ATOM   315  C  C    . GLU A 1 42  ? 4.424   -7.000  -13.893 1.00 21.76 ? 42  GLU P C    1 
ATOM   316  O  O    . GLU A 1 42  ? 4.399   -6.428  -12.799 1.00 18.61 ? 42  GLU P O    1 
ATOM   317  C  CB   . GLU A 1 42  ? 2.469   -8.548  -14.393 1.00 19.35 ? 42  GLU P CB   1 
ATOM   318  C  CG   . GLU A 1 42  ? 0.992   -8.573  -14.820 1.00 18.05 ? 42  GLU P CG   1 
ATOM   319  C  CD   . GLU A 1 42  ? 0.393   -9.959  -14.833 1.00 20.36 ? 42  GLU P CD   1 
ATOM   320  O  OE1  . GLU A 1 42  ? -0.832  -10.073 -14.606 1.00 23.07 ? 42  GLU P OE1  1 
ATOM   321  O  OE2  . GLU A 1 42  ? 1.133   -10.936 -15.070 1.00 20.98 ? 42  GLU P OE2  1 
ATOM   322  N  N    . ILE A 1 43  ? 5.544   -7.452  -14.440 1.00 18.49 ? 43  ILE P N    1 
ATOM   323  C  CA   . ILE A 1 43  ? 6.833   -7.264  -13.786 1.00 17.94 ? 43  ILE P CA   1 
ATOM   324  C  C    . ILE A 1 43  ? 7.270   -5.804  -13.844 1.00 18.53 ? 43  ILE P C    1 
ATOM   325  O  O    . ILE A 1 43  ? 7.678   -5.223  -12.841 1.00 19.57 ? 43  ILE P O    1 
ATOM   326  C  CB   . ILE A 1 43  ? 7.909   -8.181  -14.399 1.00 20.70 ? 43  ILE P CB   1 
ATOM   327  C  CG1  . ILE A 1 43  ? 7.555   -9.650  -14.123 1.00 20.15 ? 43  ILE P CG1  1 
ATOM   328  C  CG2  . ILE A 1 43  ? 9.265   -7.863  -13.815 1.00 19.01 ? 43  ILE P CG2  1 
ATOM   329  C  CD1  . ILE A 1 43  ? 8.421   -10.637 -14.893 1.00 24.85 ? 43  ILE P CD1  1 
ATOM   330  N  N    . ILE A 1 44  ? 7.155   -5.206  -15.023 1.00 18.55 ? 44  ILE P N    1 
ATOM   331  C  CA   . ILE A 1 44  ? 7.543   -3.811  -15.216 1.00 17.34 ? 44  ILE P CA   1 
ATOM   332  C  C    . ILE A 1 44  ? 6.684   -2.927  -14.315 1.00 20.13 ? 44  ILE P C    1 
ATOM   333  O  O    . ILE A 1 44  ? 7.179   -1.989  -13.695 1.00 20.63 ? 44  ILE P O    1 
ATOM   334  C  CB   . ILE A 1 44  ? 7.367   -3.401  -16.685 1.00 20.30 ? 44  ILE P CB   1 
ATOM   335  C  CG1  . ILE A 1 44  ? 8.330   -4.211  -17.559 1.00 23.32 ? 44  ILE P CG1  1 
ATOM   336  C  CG2  . ILE A 1 44  ? 7.583   -1.880  -16.869 1.00 19.18 ? 44  ILE P CG2  1 
ATOM   337  C  CD1  . ILE A 1 44  ? 8.033   -4.122  -19.043 1.00 21.60 ? 44  ILE P CD1  1 
ATOM   338  N  N    . LEU A 1 45  ? 5.396   -3.246  -14.230 1.00 19.06 ? 45  LEU P N    1 
ATOM   339  C  CA   . LEU A 1 45  ? 4.493   -2.472  -13.393 1.00 17.59 ? 45  LEU P CA   1 
ATOM   340  C  C    . LEU A 1 45  ? 4.978   -2.431  -11.943 1.00 18.88 ? 45  LEU P C    1 
ATOM   341  O  O    . LEU A 1 45  ? 5.018   -1.364  -11.337 1.00 19.00 ? 45  LEU P O    1 
ATOM   342  C  CB   . LEU A 1 45  ? 3.067   -3.017  -13.468 1.00 17.88 ? 45  LEU P CB   1 
ATOM   343  C  CG   . LEU A 1 45  ? 2.073   -2.332  -12.521 1.00 19.03 ? 45  LEU P CG   1 
ATOM   344  C  CD1  . LEU A 1 45  ? 1.906   -0.858  -12.886 1.00 21.55 ? 45  LEU P CD1  1 
ATOM   345  C  CD2  . LEU A 1 45  ? 0.734   -3.049  -12.549 1.00 20.62 ? 45  LEU P CD2  1 
ATOM   346  N  N    . GLY A 1 46  ? 5.348   -3.581  -11.388 1.00 17.19 ? 46  GLY P N    1 
ATOM   347  C  CA   . GLY A 1 46  ? 5.838   -3.614  -10.020 1.00 18.62 ? 46  GLY P CA   1 
ATOM   348  C  C    . GLY A 1 46  ? 7.073   -2.739  -9.876  1.00 20.70 ? 46  GLY P C    1 
ATOM   349  O  O    . GLY A 1 46  ? 7.232   -2.001  -8.903  1.00 20.01 ? 46  GLY P O    1 
ATOM   350  N  N    . GLU A 1 47  ? 7.959   -2.804  -10.862 1.00 17.78 ? 47  GLU P N    1 
ATOM   351  C  CA   . GLU A 1 47  ? 9.158   -1.987  -10.814 1.00 18.23 ? 47  GLU P CA   1 
ATOM   352  C  C    . GLU A 1 47  ? 8.851   -0.488  -10.924 1.00 21.93 ? 47  GLU P C    1 
ATOM   353  O  O    . GLU A 1 47  ? 9.489   0.317   -10.246 1.00 20.38 ? 47  GLU P O    1 
ATOM   354  C  CB   . GLU A 1 47  ? 10.150  -2.442  -11.895 1.00 26.76 ? 47  GLU P CB   1 
ATOM   355  C  CG   . GLU A 1 47  ? 10.646  -3.864  -11.642 1.00 28.36 ? 47  GLU P CG   1 
ATOM   356  C  CD   . GLU A 1 47  ? 11.380  -4.463  -12.827 1.00 33.92 ? 47  GLU P CD   1 
ATOM   357  O  OE1  . GLU A 1 47  ? 11.320  -3.873  -13.927 1.00 39.75 ? 47  GLU P OE1  1 
ATOM   358  O  OE2  . GLU A 1 47  ? 12.009  -5.531  -12.653 1.00 45.39 ? 47  GLU P OE2  1 
ATOM   359  N  N    . LYS A 1 48  ? 7.882   -0.123  -11.763 1.00 19.33 ? 48  LYS P N    1 
ATOM   360  C  CA   . LYS A 1 48  ? 7.455   1.276   -11.910 1.00 20.01 ? 48  LYS P CA   1 
ATOM   361  C  C    . LYS A 1 48  ? 6.847   1.782   -10.608 1.00 22.54 ? 48  LYS P C    1 
ATOM   362  O  O    . LYS A 1 48  ? 7.043   2.936   -10.220 1.00 19.62 ? 48  LYS P O    1 
ATOM   363  C  CB   . LYS A 1 48  ? 6.402   1.420   -13.010 1.00 20.57 ? 48  LYS P CB   1 
ATOM   364  C  CG   . LYS A 1 48  ? 6.874   1.083   -14.424 1.00 23.30 ? 48  LYS P CG   1 
ATOM   365  C  CD   . LYS A 1 48  ? 7.461   2.286   -15.099 1.00 24.02 ? 48  LYS P CD   1 
ATOM   366  C  CE   . LYS A 1 48  ? 7.851   1.986   -16.534 1.00 23.60 ? 48  LYS P CE   1 
ATOM   367  N  NZ   . LYS A 1 48  ? 8.608   3.156   -17.052 1.00 22.37 ? 48  LYS P NZ   1 
ATOM   368  N  N    . MET A 1 49  ? 6.082   0.921   -9.941  1.00 17.45 ? 49  MET P N    1 
ATOM   369  C  CA   . MET A 1 49  ? 5.472   1.315   -8.676  1.00 16.63 ? 49  MET P CA   1 
ATOM   370  C  C    . MET A 1 49  ? 6.560   1.595   -7.641  1.00 19.91 ? 49  MET P C    1 
ATOM   371  O  O    . MET A 1 49  ? 6.494   2.583   -6.910  1.00 20.25 ? 49  MET P O    1 
ATOM   372  C  CB   . MET A 1 49  ? 4.494   0.243   -8.181  1.00 18.40 ? 49  MET P CB   1 
ATOM   373  C  CG   . MET A 1 49  ? 3.255   0.093   -9.063  1.00 18.08 ? 49  MET P CG   1 
ATOM   374  S  SD   . MET A 1 49  ? 2.293   -1.403  -8.717  1.00 20.27 ? 49  MET P SD   1 
ATOM   375  C  CE   . MET A 1 49  ? 1.783   -1.086  -7.021  1.00 17.94 ? 49  MET P CE   1 
ATOM   376  N  N    . MET A 1 50  ? 7.565   0.726   -7.587  1.00 19.34 ? 50  MET P N    1 
ATOM   377  C  CA   . MET A 1 50  ? 8.674   0.913   -6.649  1.00 19.26 ? 50  MET P CA   1 
ATOM   378  C  C    . MET A 1 50  ? 9.443   2.201   -6.965  1.00 20.58 ? 50  MET P C    1 
ATOM   379  O  O    . MET A 1 50  ? 9.849   2.940   -6.058  1.00 21.28 ? 50  MET P O    1 
ATOM   380  C  CB   . MET A 1 50  ? 9.616   -0.284  -6.682  1.00 24.66 ? 50  MET P CB   1 
ATOM   381  C  CG   . MET A 1 50  ? 10.729  -0.233  -5.648  1.00 27.91 ? 50  MET P CG   1 
ATOM   382  S  SD   . MET A 1 50  ? 10.117  -0.181  -3.947  1.00 27.30 ? 50  MET P SD   1 
ATOM   383  C  CE   . MET A 1 50  ? 9.158   -1.692  -3.912  1.00 16.54 ? 50  MET P CE   1 
ATOM   384  N  N    . GLN A 1 51  ? 9.658   2.462   -8.252  1.00 20.14 ? 51  GLN P N    1 
ATOM   385  C  CA   . GLN A 1 51  ? 10.314  3.702   -8.649  1.00 22.18 ? 51  GLN P CA   1 
ATOM   386  C  C    . GLN A 1 51  ? 9.503   4.925   -8.206  1.00 23.60 ? 51  GLN P C    1 
ATOM   387  O  O    . GLN A 1 51  ? 10.074  5.933   -7.775  1.00 22.28 ? 51  GLN P O    1 
ATOM   388  C  CB   . GLN A 1 51  ? 10.581  3.734   -10.164 1.00 21.47 ? 51  GLN P CB   1 
ATOM   389  C  CG   . GLN A 1 51  ? 11.672  4.721   -10.571 1.00 33.45 ? 51  GLN P CG   1 
ATOM   390  C  CD   . GLN A 1 51  ? 13.006  4.417   -9.899  1.00 36.20 ? 51  GLN P CD   1 
ATOM   391  O  OE1  . GLN A 1 51  ? 13.323  3.262   -9.615  1.00 40.17 ? 51  GLN P OE1  1 
ATOM   392  N  NE2  . GLN A 1 51  ? 13.785  5.457   -9.634  1.00 45.22 ? 51  GLN P NE2  1 
ATOM   393  N  N    . PHE A 1 52  ? 8.179   4.853   -8.308  1.00 20.43 ? 52  PHE P N    1 
ATOM   394  C  CA   . PHE A 1 52  ? 7.352   5.958   -7.825  1.00 19.16 ? 52  PHE P CA   1 
ATOM   395  C  C    . PHE A 1 52  ? 7.610   6.203   -6.341  1.00 20.85 ? 52  PHE P C    1 
ATOM   396  O  O    . PHE A 1 52  ? 7.795   7.343   -5.919  1.00 20.70 ? 52  PHE P O    1 
ATOM   397  C  CB   . PHE A 1 52  ? 5.854   5.708   -8.037  1.00 20.88 ? 52  PHE P CB   1 
ATOM   398  C  CG   . PHE A 1 52  ? 4.976   6.643   -7.243  1.00 20.56 ? 52  PHE P CG   1 
ATOM   399  C  CD1  . PHE A 1 52  ? 4.573   7.863   -7.774  1.00 24.06 ? 52  PHE P CD1  1 
ATOM   400  C  CD2  . PHE A 1 52  ? 4.601   6.329   -5.943  1.00 22.09 ? 52  PHE P CD2  1 
ATOM   401  C  CE1  . PHE A 1 52  ? 3.779   8.732   -7.029  1.00 25.67 ? 52  PHE P CE1  1 
ATOM   402  C  CE2  . PHE A 1 52  ? 3.815   7.200   -5.189  1.00 21.07 ? 52  PHE P CE2  1 
ATOM   403  C  CZ   . PHE A 1 52  ? 3.397   8.392   -5.732  1.00 24.95 ? 52  PHE P CZ   1 
ATOM   404  N  N    . LEU A 1 53  ? 7.617   5.129   -5.552  1.00 17.93 ? 53  LEU P N    1 
ATOM   405  C  CA   . LEU A 1 53  ? 7.850   5.266   -4.122  1.00 20.17 ? 53  LEU P CA   1 
ATOM   406  C  C    . LEU A 1 53  ? 9.205   5.921   -3.853  1.00 23.09 ? 53  LEU P C    1 
ATOM   407  O  O    . LEU A 1 53  ? 9.312   6.824   -3.021  1.00 20.34 ? 53  LEU P O    1 
ATOM   408  C  CB   . LEU A 1 53  ? 7.717   3.912   -3.406  1.00 20.30 ? 53  LEU P CB   1 
ATOM   409  C  CG   . LEU A 1 53  ? 6.297   3.339   -3.356  1.00 20.06 ? 53  LEU P CG   1 
ATOM   410  C  CD1  . LEU A 1 53  ? 6.300   1.987   -2.672  1.00 19.81 ? 53  LEU P CD1  1 
ATOM   411  C  CD2  . LEU A 1 53  ? 5.320   4.272   -2.636  1.00 19.91 ? 53  LEU P CD2  1 
ATOM   412  N  N    . LYS A 1 54  ? 10.234  5.486   -4.580  1.00 22.22 ? 54  LYS P N    1 
ATOM   413  C  CA   . LYS A 1 54  ? 11.553  6.085   -4.448  1.00 22.68 ? 54  LYS P CA   1 
ATOM   414  C  C    . LYS A 1 54  ? 11.525  7.574   -4.808  1.00 21.62 ? 54  LYS P C    1 
ATOM   415  O  O    . LYS A 1 54  ? 12.041  8.399   -4.060  1.00 24.67 ? 54  LYS P O    1 
ATOM   416  C  CB   . LYS A 1 54  ? 12.590  5.317   -5.279  1.00 24.43 ? 54  LYS P CB   1 
ATOM   417  C  CG   . LYS A 1 54  ? 12.787  3.875   -4.781  1.00 28.64 ? 54  LYS P CG   1 
ATOM   418  C  CD   . LYS A 1 54  ? 13.801  3.075   -5.584  1.00 36.27 ? 54  LYS P CD   1 
ATOM   419  C  CE   . LYS A 1 54  ? 13.821  1.620   -5.113  1.00 33.78 ? 54  LYS P CE   1 
ATOM   420  N  NZ   . LYS A 1 54  ? 14.946  0.838   -5.683  1.00 48.42 ? 54  LYS P NZ   1 
ATOM   421  N  N    . HIS A 1 55  ? 10.916  7.913   -5.941  1.00 21.49 ? 55  HIS P N    1 
ATOM   422  C  CA   . HIS A 1 55  ? 10.779  9.316   -6.340  1.00 20.95 ? 55  HIS P CA   1 
ATOM   423  C  C    . HIS A 1 55  ? 10.023  10.140  -5.296  1.00 22.94 ? 55  HIS P C    1 
ATOM   424  O  O    . HIS A 1 55  ? 10.421  11.249  -4.973  1.00 22.33 ? 55  HIS P O    1 
ATOM   425  C  CB   . HIS A 1 55  ? 10.062  9.426   -7.678  1.00 22.00 ? 55  HIS P CB   1 
ATOM   426  C  CG   . HIS A 1 55  ? 10.876  8.949   -8.839  1.00 25.62 ? 55  HIS P CG   1 
ATOM   427  N  ND1  . HIS A 1 55  ? 10.307  8.521   -10.018 1.00 26.36 ? 55  HIS P ND1  1 
ATOM   428  C  CD2  . HIS A 1 55  ? 12.217  8.840   -9.005  1.00 31.03 ? 55  HIS P CD2  1 
ATOM   429  C  CE1  . HIS A 1 55  ? 11.263  8.169   -10.862 1.00 27.41 ? 55  HIS P CE1  1 
ATOM   430  N  NE2  . HIS A 1 55  ? 12.431  8.355   -10.274 1.00 32.30 ? 55  HIS P NE2  1 
ATOM   431  N  N    . SER A 1 56  ? 8.931   9.593   -4.773  1.00 20.39 ? 56  SER P N    1 
ATOM   432  C  CA   . SER A 1 56  ? 8.097   10.316  -3.816  1.00 22.86 ? 56  SER P CA   1 
ATOM   433  C  C    . SER A 1 56  ? 8.818   10.578  -2.501  1.00 24.13 ? 56  SER P C    1 
ATOM   434  O  O    . SER A 1 56  ? 8.429   11.459  -1.746  1.00 26.06 ? 56  SER P O    1 
ATOM   435  C  CB   . SER A 1 56  ? 6.810   9.548   -3.531  1.00 19.92 ? 56  SER P CB   1 
ATOM   436  O  OG   . SER A 1 56  ? 7.000   8.637   -2.462  1.00 20.60 ? 56  SER P OG   1 
ATOM   437  N  N    . GLN A 1 57  ? 9.871   9.816   -2.235  1.00 21.00 ? 57  GLN P N    1 
ATOM   438  C  CA   . GLN A 1 57  ? 10.609  9.952   -0.987  1.00 25.03 ? 57  GLN P CA   1 
ATOM   439  C  C    . GLN A 1 57  ? 11.860  10.805  -1.157  1.00 28.17 ? 57  GLN P C    1 
ATOM   440  O  O    . GLN A 1 57  ? 12.593  11.048  -0.199  1.00 31.60 ? 57  GLN P O    1 
ATOM   441  C  CB   . GLN A 1 57  ? 10.983  8.575   -0.445  1.00 25.00 ? 57  GLN P CB   1 
ATOM   442  C  CG   . GLN A 1 57  ? 9.779   7.757   0.026   1.00 20.99 ? 57  GLN P CG   1 
ATOM   443  C  CD   . GLN A 1 57  ? 10.164  6.350   0.441   1.00 24.52 ? 57  GLN P CD   1 
ATOM   444  O  OE1  . GLN A 1 57  ? 11.342  6.054   0.654   1.00 25.24 ? 57  GLN P OE1  1 
ATOM   445  N  NE2  . GLN A 1 57  ? 9.171   5.470   0.554   1.00 21.33 ? 57  GLN P NE2  1 
ATOM   446  N  N    . ASP A 1 58  ? 12.105  11.247  -2.383  1.00 24.78 ? 58  ASP P N    1 
ATOM   447  C  CA   . ASP A 1 58  ? 13.261  12.085  -2.669  1.00 30.20 ? 58  ASP P CA   1 
ATOM   448  C  C    . ASP A 1 58  ? 12.846  13.554  -2.764  1.00 27.88 ? 58  ASP P C    1 
ATOM   449  O  O    . ASP A 1 58  ? 12.006  13.911  -3.577  1.00 30.13 ? 58  ASP P O    1 
ATOM   450  C  CB   . ASP A 1 58  ? 13.941  11.629  -3.957  1.00 29.38 ? 58  ASP P CB   1 
ATOM   451  C  CG   . ASP A 1 58  ? 15.097  12.527  -4.351  1.00 31.46 ? 58  ASP P CG   1 
ATOM   452  O  OD1  . ASP A 1 58  ? 14.948  13.266  -5.336  1.00 36.03 ? 58  ASP P OD1  1 
ATOM   453  O  OD2  . ASP A 1 58  ? 16.142  12.499  -3.666  1.00 38.58 ? 58  ASP P OD2  1 
ATOM   454  N  N    . PRO A 1 59  ? 13.429  14.406  -1.909  1.00 30.25 ? 59  PRO P N    1 
ATOM   455  C  CA   . PRO A 1 59  ? 13.041  15.817  -1.810  1.00 33.20 ? 59  PRO P CA   1 
ATOM   456  C  C    . PRO A 1 59  ? 13.065  16.503  -3.169  1.00 28.86 ? 59  PRO P C    1 
ATOM   457  O  O    . PRO A 1 59  ? 12.116  17.199  -3.527  1.00 28.44 ? 59  PRO P O    1 
ATOM   458  C  CB   . PRO A 1 59  ? 14.130  16.414  -0.906  1.00 35.95 ? 59  PRO P CB   1 
ATOM   459  C  CG   . PRO A 1 59  ? 14.624  15.269  -0.106  1.00 39.49 ? 59  PRO P CG   1 
ATOM   460  C  CD   . PRO A 1 59  ? 14.566  14.084  -1.031  1.00 34.97 ? 59  PRO P CD   1 
ATOM   461  N  N    . VAL A 1 60  ? 14.135  16.301  -3.928  1.00 30.11 ? 60  VAL P N    1 
ATOM   462  C  CA   . VAL A 1 60  ? 14.260  16.993  -5.208  1.00 29.80 ? 60  VAL P CA   1 
ATOM   463  C  C    . VAL A 1 60  ? 13.295  16.432  -6.256  1.00 30.96 ? 60  VAL P C    1 
ATOM   464  O  O    . VAL A 1 60  ? 12.617  17.184  -6.955  1.00 28.58 ? 60  VAL P O    1 
ATOM   465  C  CB   . VAL A 1 60  ? 15.714  17.005  -5.739  1.00 38.10 ? 60  VAL P CB   1 
ATOM   466  C  CG1  . VAL A 1 60  ? 16.637  17.673  -4.729  1.00 38.58 ? 60  VAL P CG1  1 
ATOM   467  C  CG2  . VAL A 1 60  ? 16.196  15.604  -6.043  1.00 39.66 ? 60  VAL P CG2  1 
ATOM   468  N  N    . MET A 1 61  ? 13.210  15.109  -6.350  1.00 28.49 ? 61  MET P N    1 
ATOM   469  C  CA   . MET A 1 61  ? 12.354  14.502  -7.358  1.00 26.23 ? 61  MET P CA   1 
ATOM   470  C  C    . MET A 1 61  ? 10.886  14.686  -6.998  1.00 25.67 ? 61  MET P C    1 
ATOM   471  O  O    . MET A 1 61  ? 10.055  14.942  -7.861  1.00 26.00 ? 61  MET P O    1 
ATOM   472  C  CB   . MET A 1 61  ? 12.705  13.027  -7.535  1.00 28.32 ? 61  MET P CB   1 
ATOM   473  C  CG   . MET A 1 61  ? 12.221  12.405  -8.820  1.00 30.86 ? 61  MET P CG   1 
ATOM   474  S  SD   . MET A 1 61  ? 13.147  13.007  -10.249 1.00 38.76 ? 61  MET P SD   1 
ATOM   475  C  CE   . MET A 1 61  ? 14.748  13.299  -9.512  1.00 29.79 ? 61  MET P CE   1 
ATOM   476  N  N    . ALA A 1 62  ? 10.560  14.567  -5.712  1.00 25.96 ? 62  ALA P N    1 
ATOM   477  C  CA   . ALA A 1 62  ? 9.189   14.767  -5.274  1.00 26.92 ? 62  ALA P CA   1 
ATOM   478  C  C    . ALA A 1 62  ? 8.713   16.188  -5.559  1.00 28.11 ? 62  ALA P C    1 
ATOM   479  O  O    . ALA A 1 62  ? 7.550   16.404  -5.899  1.00 28.73 ? 62  ALA P O    1 
ATOM   480  C  CB   . ALA A 1 62  ? 9.032   14.427  -3.779  1.00 24.03 ? 62  ALA P CB   1 
ATOM   481  N  N    . GLU A 1 63  ? 9.610   17.158  -5.410  1.00 27.50 ? 63  GLU P N    1 
ATOM   482  C  CA   . GLU A 1 63  ? 9.260   18.545  -5.703  1.00 30.82 ? 63  GLU P CA   1 
ATOM   483  C  C    . GLU A 1 63  ? 9.095   18.735  -7.202  1.00 27.77 ? 63  GLU P C    1 
ATOM   484  O  O    . GLU A 1 63  ? 8.127   19.347  -7.657  1.00 30.32 ? 63  GLU P O    1 
ATOM   485  C  CB   . GLU A 1 63  ? 10.319  19.507  -5.167  1.00 30.23 ? 63  GLU P CB   1 
ATOM   486  C  CG   . GLU A 1 63  ? 9.969   20.975  -5.386  1.00 38.93 ? 63  GLU P CG   1 
ATOM   487  N  N    . LYS A 1 64  ? 10.035  18.187  -7.964  1.00 26.91 ? 64  LYS P N    1 
ATOM   488  C  CA   . LYS A 1 64  ? 10.026  18.321  -9.426  1.00 32.37 ? 64  LYS P CA   1 
ATOM   489  C  C    . LYS A 1 64  ? 8.801   17.668  -10.071 1.00 32.56 ? 64  LYS P C    1 
ATOM   490  O  O    . LYS A 1 64  ? 8.232   18.208  -11.028 1.00 28.48 ? 64  LYS P O    1 
ATOM   491  C  CB   . LYS A 1 64  ? 11.277  17.690  -10.032 1.00 26.90 ? 64  LYS P CB   1 
ATOM   492  C  CG   . LYS A 1 64  ? 12.600  18.353  -9.685  1.00 37.28 ? 64  LYS P CG   1 
ATOM   493  C  CD   . LYS A 1 64  ? 13.737  17.662  -10.443 1.00 45.37 ? 64  LYS P CD   1 
ATOM   494  C  CE   . LYS A 1 64  ? 14.919  18.594  -10.689 1.00 51.58 ? 64  LYS P CE   1 
ATOM   495  N  NZ   . LYS A 1 64  ? 15.949  17.968  -11.573 1.00 56.09 ? 64  LYS P NZ   1 
ATOM   496  N  N    . MET A 1 65  ? 8.415   16.497  -9.562  1.00 27.94 ? 65  MET P N    1 
ATOM   497  C  CA   . MET A 1 65  ? 7.326   15.720  -10.158 1.00 27.72 ? 65  MET P CA   1 
ATOM   498  C  C    . MET A 1 65  ? 5.961   15.997  -9.525  1.00 26.74 ? 65  MET P C    1 
ATOM   499  O  O    . MET A 1 65  ? 4.941   15.490  -9.989  1.00 27.71 ? 65  MET P O    1 
ATOM   500  C  CB   . MET A 1 65  ? 7.646   14.221  -10.111 1.00 26.04 ? 65  MET P CB   1 
ATOM   501  C  CG   . MET A 1 65  ? 8.915   13.847  -10.889 1.00 24.01 ? 65  MET P CG   1 
ATOM   502  S  SD   . MET A 1 65  ? 9.378   12.103  -10.806 1.00 29.48 ? 65  MET P SD   1 
ATOM   503  C  CE   . MET A 1 65  ? 7.935   11.347  -11.547 1.00 25.78 ? 65  MET P CE   1 
ATOM   504  N  N    . GLY A 1 66  ? 5.946   16.803  -8.467  1.00 24.83 ? 66  GLY P N    1 
ATOM   505  C  CA   . GLY A 1 66  ? 4.707   17.144  -7.790  1.00 25.99 ? 66  GLY P CA   1 
ATOM   506  C  C    . GLY A 1 66  ? 4.104   15.969  -7.036  1.00 26.21 ? 66  GLY P C    1 
ATOM   507  O  O    . GLY A 1 66  ? 2.885   15.784  -7.026  1.00 30.07 ? 66  GLY P O    1 
ATOM   508  N  N    . LEU A 1 67  ? 4.956   15.188  -6.382  1.00 24.75 ? 67  LEU P N    1 
ATOM   509  C  CA   . LEU A 1 67  ? 4.510   13.951  -5.733  1.00 21.49 ? 67  LEU P CA   1 
ATOM   510  C  C    . LEU A 1 67  ? 4.208   14.107  -4.244  1.00 27.16 ? 67  LEU P C    1 
ATOM   511  O  O    . LEU A 1 67  ? 4.920   14.807  -3.524  1.00 26.06 ? 67  LEU P O    1 
ATOM   512  C  CB   . LEU A 1 67  ? 5.561   12.855  -5.909  1.00 23.34 ? 67  LEU P CB   1 
ATOM   513  C  CG   . LEU A 1 67  ? 6.046   12.621  -7.341  1.00 23.89 ? 67  LEU P CG   1 
ATOM   514  C  CD1  . LEU A 1 67  ? 7.053   11.483  -7.362  1.00 20.19 ? 67  LEU P CD1  1 
ATOM   515  C  CD2  . LEU A 1 67  ? 4.867   12.335  -8.267  1.00 23.03 ? 67  LEU P CD2  1 
ATOM   516  N  N    . ARG A 1 68  ? 3.144   13.447  -3.797  1.00 23.36 ? 68  ARG P N    1 
ATOM   517  C  CA   . ARG A 1 68  ? 2.917   13.213  -2.370  1.00 23.31 ? 68  ARG P CA   1 
ATOM   518  C  C    . ARG A 1 68  ? 3.776   12.025  -1.950  1.00 27.64 ? 68  ARG P C    1 
ATOM   519  O  O    . ARG A 1 68  ? 3.877   11.037  -2.684  1.00 25.82 ? 68  ARG P O    1 
ATOM   520  C  CB   . ARG A 1 68  ? 1.449   12.866  -2.100  1.00 31.12 ? 68  ARG P CB   1 
ATOM   521  C  CG   . ARG A 1 68  ? 0.508   14.057  -1.953  1.00 38.06 ? 68  ARG P CG   1 
ATOM   522  C  CD   . ARG A 1 68  ? -0.935  13.607  -1.640  1.00 35.49 ? 68  ARG P CD   1 
ATOM   523  N  NE   . ARG A 1 68  ? -1.083  12.998  -0.315  1.00 40.90 ? 68  ARG P NE   1 
ATOM   524  C  CZ   . ARG A 1 68  ? -2.231  12.532  0.175   1.00 31.46 ? 68  ARG P CZ   1 
ATOM   525  N  NH1  . ARG A 1 68  ? -3.343  12.588  -0.550  1.00 29.11 ? 68  ARG P NH1  1 
ATOM   526  N  NH2  . ARG A 1 68  ? -2.271  12.002  1.389   1.00 35.89 ? 68  ARG P NH2  1 
ATOM   527  N  N    . GLY A 1 69  ? 4.374   12.108  -0.766  1.00 28.70 ? 69  GLY P N    1 
ATOM   528  C  CA   . GLY A 1 69  ? 5.203   11.027  -0.264  1.00 21.59 ? 69  GLY P CA   1 
ATOM   529  C  C    . GLY A 1 69  ? 4.395   9.789   0.096   1.00 23.50 ? 69  GLY P C    1 
ATOM   530  O  O    . GLY A 1 69  ? 3.254   9.879   0.555   1.00 25.58 ? 69  GLY P O    1 
ATOM   531  N  N    . GLY A 1 70  ? 4.999   8.624   -0.106  1.00 23.75 ? 70  GLY P N    1 
ATOM   532  C  CA   . GLY A 1 70  ? 4.357   7.367   0.225   1.00 22.95 ? 70  GLY P CA   1 
ATOM   533  C  C    . GLY A 1 70  ? 5.374   6.300   0.560   1.00 19.82 ? 70  GLY P C    1 
ATOM   534  O  O    . GLY A 1 70  ? 6.514   6.351   0.089   1.00 20.40 ? 70  GLY P O    1 
ATOM   535  N  N    . VAL A 1 71  ? 4.977   5.349   1.408   1.00 17.51 ? 71  VAL P N    1 
ATOM   536  C  CA   . VAL A 1 71  ? 5.812   4.181   1.687   1.00 18.55 ? 71  VAL P CA   1 
ATOM   537  C  C    . VAL A 1 71  ? 5.140   2.902   1.169   1.00 18.39 ? 71  VAL P C    1 
ATOM   538  O  O    . VAL A 1 71  ? 5.693   1.815   1.267   1.00 19.66 ? 71  VAL P O    1 
ATOM   539  C  CB   . VAL A 1 71  ? 6.152   4.065   3.184   1.00 21.55 ? 71  VAL P CB   1 
ATOM   540  C  CG1  . VAL A 1 71  ? 7.011   5.268   3.620   1.00 23.06 ? 71  VAL P CG1  1 
ATOM   541  C  CG2  . VAL A 1 71  ? 4.884   3.987   3.998   1.00 19.83 ? 71  VAL P CG2  1 
ATOM   542  N  N    . GLY A 1 72  ? 3.955   3.053   0.581   1.00 18.77 ? 72  GLY P N    1 
ATOM   543  C  CA   . GLY A 1 72  ? 3.287   1.942   -0.068  1.00 20.03 ? 72  GLY P CA   1 
ATOM   544  C  C    . GLY A 1 72  ? 2.386   2.375   -1.213  1.00 18.21 ? 72  GLY P C    1 
ATOM   545  O  O    . GLY A 1 72  ? 1.936   3.518   -1.275  1.00 19.07 ? 72  GLY P O    1 
ATOM   546  N  N    . LEU A 1 73  ? 2.136   1.458   -2.142  1.00 17.76 ? 73  LEU P N    1 
ATOM   547  C  CA   . LEU A 1 73  ? 1.286   1.743   -3.292  1.00 18.54 ? 73  LEU P CA   1 
ATOM   548  C  C    . LEU A 1 73  ? 0.687   0.438   -3.773  1.00 20.84 ? 73  LEU P C    1 
ATOM   549  O  O    . LEU A 1 73  ? 1.344   -0.604  -3.725  1.00 20.51 ? 73  LEU P O    1 
ATOM   550  C  CB   . LEU A 1 73  ? 2.095   2.383   -4.432  1.00 17.56 ? 73  LEU P CB   1 
ATOM   551  C  CG   . LEU A 1 73  ? 1.315   2.778   -5.693  1.00 19.92 ? 73  LEU P CG   1 
ATOM   552  C  CD1  . LEU A 1 73  ? 0.323   3.896   -5.386  1.00 21.44 ? 73  LEU P CD1  1 
ATOM   553  C  CD2  . LEU A 1 73  ? 2.270   3.214   -6.804  1.00 18.98 ? 73  LEU P CD2  1 
ATOM   554  N  N    . ALA A 1 74  ? -0.561  0.493   -4.222  1.00 16.00 ? 74  ALA P N    1 
ATOM   555  C  CA   . ALA A 1 74  ? -1.258  -0.693  -4.701  1.00 18.91 ? 74  ALA P CA   1 
ATOM   556  C  C    . ALA A 1 74  ? -1.737  -0.464  -6.131  1.00 19.81 ? 74  ALA P C    1 
ATOM   557  O  O    . ALA A 1 74  ? -2.176  0.628   -6.469  1.00 19.77 ? 74  ALA P O    1 
ATOM   558  C  CB   . ALA A 1 74  ? -2.435  -1.012  -3.775  1.00 20.06 ? 74  ALA P CB   1 
ATOM   559  N  N    . ALA A 1 75  ? -1.664  -1.493  -6.967  1.00 16.05 ? 75  ALA P N    1 
ATOM   560  C  CA   . ALA A 1 75  ? -2.020  -1.335  -8.375  1.00 19.09 ? 75  ALA P CA   1 
ATOM   561  C  C    . ALA A 1 75  ? -3.398  -0.702  -8.601  1.00 21.25 ? 75  ALA P C    1 
ATOM   562  O  O    . ALA A 1 75  ? -3.569  0.056   -9.555  1.00 21.12 ? 75  ALA P O    1 
ATOM   563  C  CB   . ALA A 1 75  ? -1.901  -2.665  -9.116  1.00 19.76 ? 75  ALA P CB   1 
ATOM   564  N  N    . PRO A 1 76  ? -4.390  -1.008  -7.744  1.00 21.51 ? 76  PRO P N    1 
ATOM   565  C  CA   . PRO A 1 76  ? -5.703  -0.397  -7.995  1.00 21.18 ? 76  PRO P CA   1 
ATOM   566  C  C    . PRO A 1 76  ? -5.699  1.123   -7.924  1.00 20.85 ? 76  PRO P C    1 
ATOM   567  O  O    . PRO A 1 76  ? -6.559  1.759   -8.541  1.00 22.81 ? 76  PRO P O    1 
ATOM   568  C  CB   . PRO A 1 76  ? -6.565  -0.974  -6.879  1.00 19.85 ? 76  PRO P CB   1 
ATOM   569  C  CG   . PRO A 1 76  ? -5.957  -2.329  -6.648  1.00 22.30 ? 76  PRO P CG   1 
ATOM   570  C  CD   . PRO A 1 76  ? -4.483  -2.104  -6.757  1.00 17.97 ? 76  PRO P CD   1 
ATOM   571  N  N    . GLN A 1 77  ? -4.751  1.696   -7.185  1.00 21.97 ? 77  GLN P N    1 
ATOM   572  C  CA   . GLN A 1 77  ? -4.621  3.148   -7.136  1.00 21.47 ? 77  GLN P CA   1 
ATOM   573  C  C    . GLN A 1 77  ? -4.173  3.722   -8.475  1.00 20.36 ? 77  GLN P C    1 
ATOM   574  O  O    . GLN A 1 77  ? -4.265  4.928   -8.682  1.00 20.93 ? 77  GLN P O    1 
ATOM   575  C  CB   . GLN A 1 77  ? -3.657  3.581   -6.038  1.00 16.99 ? 77  GLN P CB   1 
ATOM   576  C  CG   . GLN A 1 77  ? -4.123  3.211   -4.621  1.00 20.76 ? 77  GLN P CG   1 
ATOM   577  C  CD   . GLN A 1 77  ? -3.066  3.550   -3.599  1.00 23.27 ? 77  GLN P CD   1 
ATOM   578  O  OE1  . GLN A 1 77  ? -2.137  2.770   -3.373  1.00 21.80 ? 77  GLN P OE1  1 
ATOM   579  N  NE2  . GLN A 1 77  ? -3.181  4.723   -2.993  1.00 22.42 ? 77  GLN P NE2  1 
ATOM   580  N  N    . LEU A 1 78  ? -3.689  2.855   -9.369  1.00 19.40 ? 78  LEU P N    1 
ATOM   581  C  CA   . LEU A 1 78  ? -3.275  3.258   -10.713 1.00 21.19 ? 78  LEU P CA   1 
ATOM   582  C  C    . LEU A 1 78  ? -4.338  2.828   -11.727 1.00 21.95 ? 78  LEU P C    1 
ATOM   583  O  O    . LEU A 1 78  ? -4.088  2.795   -12.935 1.00 23.85 ? 78  LEU P O    1 
ATOM   584  C  CB   . LEU A 1 78  ? -1.913  2.633   -11.074 1.00 18.51 ? 78  LEU P CB   1 
ATOM   585  C  CG   . LEU A 1 78  ? -0.725  2.951   -10.160 1.00 22.67 ? 78  LEU P CG   1 
ATOM   586  C  CD1  . LEU A 1 78  ? 0.459   2.056   -10.479 1.00 21.42 ? 78  LEU P CD1  1 
ATOM   587  C  CD2  . LEU A 1 78  ? -0.329  4.414   -10.292 1.00 19.23 ? 78  LEU P CD2  1 
ATOM   588  N  N    . ASP A 1 79  ? -5.518  2.495   -11.209 1.00 21.29 ? 79  ASP P N    1 
ATOM   589  C  CA   . ASP A 1 79  ? -6.653  2.011   -11.994 1.00 23.26 ? 79  ASP P CA   1 
ATOM   590  C  C    . ASP A 1 79  ? -6.365  0.666   -12.648 1.00 26.46 ? 79  ASP P C    1 
ATOM   591  O  O    . ASP A 1 79  ? -6.883  0.358   -13.723 1.00 28.13 ? 79  ASP P O    1 
ATOM   592  C  CB   . ASP A 1 79  ? -7.083  3.046   -13.041 1.00 25.97 ? 79  ASP P CB   1 
ATOM   593  C  CG   . ASP A 1 79  ? -8.492  2.808   -13.543 1.00 31.19 ? 79  ASP P CG   1 
ATOM   594  O  OD1  . ASP A 1 79  ? -9.293  2.184   -12.813 1.00 32.34 ? 79  ASP P OD1  1 
ATOM   595  O  OD2  . ASP A 1 79  ? -8.803  3.247   -14.672 1.00 38.31 ? 79  ASP P OD2  1 
ATOM   596  N  N    . ILE A 1 80  ? -5.529  -0.133  -11.991 1.00 23.26 ? 80  ILE P N    1 
ATOM   597  C  CA   . ILE A 1 80  ? -5.191  -1.462  -12.485 1.00 24.64 ? 80  ILE P CA   1 
ATOM   598  C  C    . ILE A 1 80  ? -5.645  -2.471  -11.433 1.00 23.17 ? 80  ILE P C    1 
ATOM   599  O  O    . ILE A 1 80  ? -5.092  -2.530  -10.337 1.00 20.29 ? 80  ILE P O    1 
ATOM   600  C  CB   . ILE A 1 80  ? -3.677  -1.610  -12.758 1.00 21.82 ? 80  ILE P CB   1 
ATOM   601  C  CG1  . ILE A 1 80  ? -3.224  -0.609  -13.832 1.00 22.89 ? 80  ILE P CG1  1 
ATOM   602  C  CG2  . ILE A 1 80  ? -3.367  -3.028  -13.191 1.00 22.16 ? 80  ILE P CG2  1 
ATOM   603  C  CD1  . ILE A 1 80  ? -1.695  -0.396  -13.907 1.00 18.89 ? 80  ILE P CD1  1 
ATOM   604  N  N    . SER A 1 81  ? -6.667  -3.252  -11.771 1.00 21.82 ? 81  SER P N    1 
ATOM   605  C  CA   . SER A 1 81  ? -7.313  -4.113  -10.789 1.00 21.46 ? 81  SER P CA   1 
ATOM   606  C  C    . SER A 1 81  ? -6.592  -5.455  -10.659 1.00 23.22 ? 81  SER P C    1 
ATOM   607  O  O    . SER A 1 81  ? -7.143  -6.510  -10.978 1.00 22.97 ? 81  SER P O    1 
ATOM   608  C  CB   . SER A 1 81  ? -8.797  -4.306  -11.129 1.00 24.89 ? 81  SER P CB   1 
ATOM   609  O  OG   . SER A 1 81  ? -9.498  -4.837  -10.005 1.00 27.85 ? 81  SER P OG   1 
ATOM   610  N  N    . LYS A 1 82  ? -5.351  -5.392  -10.184 1.00 22.12 ? 82  LYS P N    1 
ATOM   611  C  CA   . LYS A 1 82  ? -4.513  -6.567  -9.993  1.00 20.25 ? 82  LYS P CA   1 
ATOM   612  C  C    . LYS A 1 82  ? -3.947  -6.553  -8.586  1.00 19.92 ? 82  LYS P C    1 
ATOM   613  O  O    . LYS A 1 82  ? -3.695  -5.486  -8.015  1.00 18.36 ? 82  LYS P O    1 
ATOM   614  C  CB   . LYS A 1 82  ? -3.356  -6.576  -11.004 1.00 18.41 ? 82  LYS P CB   1 
ATOM   615  C  CG   . LYS A 1 82  ? -3.771  -6.762  -12.461 1.00 20.58 ? 82  LYS P CG   1 
ATOM   616  C  CD   . LYS A 1 82  ? -2.551  -6.699  -13.367 1.00 22.47 ? 82  LYS P CD   1 
ATOM   617  C  CE   . LYS A 1 82  ? -2.904  -7.008  -14.818 1.00 26.46 ? 82  LYS P CE   1 
ATOM   618  N  NZ   . LYS A 1 82  ? -3.151  -8.467  -15.003 1.00 27.25 ? 82  LYS P NZ   1 
ATOM   619  N  N    . ARG A 1 83  ? -3.754  -7.742  -8.025  1.00 18.46 ? 83  ARG P N    1 
ATOM   620  C  CA   . ARG A 1 83  ? -3.295  -7.853  -6.647  1.00 18.70 ? 83  ARG P CA   1 
ATOM   621  C  C    . ARG A 1 83  ? -1.776  -7.734  -6.606  1.00 18.89 ? 83  ARG P C    1 
ATOM   622  O  O    . ARG A 1 83  ? -1.061  -8.712  -6.461  1.00 19.34 ? 83  ARG P O    1 
ATOM   623  C  CB   . ARG A 1 83  ? -3.787  -9.167  -6.038  1.00 17.37 ? 83  ARG P CB   1 
ATOM   624  C  CG   . ARG A 1 83  ? -5.315  -9.272  -6.039  1.00 20.07 ? 83  ARG P CG   1 
ATOM   625  C  CD   . ARG A 1 83  ? -5.813  -10.569 -5.395  1.00 20.05 ? 83  ARG P CD   1 
ATOM   626  N  NE   . ARG A 1 83  ? -5.885  -10.482 -3.936  1.00 20.04 ? 83  ARG P NE   1 
ATOM   627  C  CZ   . ARG A 1 83  ? -6.854  -9.850  -3.279  1.00 24.17 ? 83  ARG P CZ   1 
ATOM   628  N  NH1  . ARG A 1 83  ? -6.850  -9.820  -1.954  1.00 24.17 ? 83  ARG P NH1  1 
ATOM   629  N  NH2  . ARG A 1 83  ? -7.827  -9.243  -3.956  1.00 22.35 ? 83  ARG P NH2  1 
ATOM   630  N  N    . ILE A 1 84  ? -1.303  -6.507  -6.780  1.00 20.85 ? 84  ILE P N    1 
ATOM   631  C  CA   . ILE A 1 84  ? 0.119   -6.208  -6.801  1.00 17.42 ? 84  ILE P CA   1 
ATOM   632  C  C    . ILE A 1 84  ? 0.328   -4.992  -5.925  1.00 18.92 ? 84  ILE P C    1 
ATOM   633  O  O    . ILE A 1 84  ? -0.344  -3.973  -6.106  1.00 19.53 ? 84  ILE P O    1 
ATOM   634  C  CB   . ILE A 1 84  ? 0.581   -5.852  -8.228  1.00 17.39 ? 84  ILE P CB   1 
ATOM   635  C  CG1  . ILE A 1 84  ? 0.286   -7.008  -9.187  1.00 16.15 ? 84  ILE P CG1  1 
ATOM   636  C  CG2  . ILE A 1 84  ? 2.057   -5.470  -8.232  1.00 17.23 ? 84  ILE P CG2  1 
ATOM   637  C  CD1  . ILE A 1 84  ? 0.512   -6.628  -10.674 1.00 19.21 ? 84  ILE P CD1  1 
ATOM   638  N  N    . ILE A 1 85  ? 1.228   -5.101  -4.953  1.00 20.13 ? 85  ILE P N    1 
ATOM   639  C  CA   . ILE A 1 85  ? 1.546   -3.951  -4.116  1.00 17.72 ? 85  ILE P CA   1 
ATOM   640  C  C    . ILE A 1 85  ? 3.049   -3.728  -4.061  1.00 20.75 ? 85  ILE P C    1 
ATOM   641  O  O    . ILE A 1 85  ? 3.825   -4.649  -4.304  1.00 18.27 ? 85  ILE P O    1 
ATOM   642  C  CB   . ILE A 1 85  ? 0.957   -4.092  -2.694  1.00 19.21 ? 85  ILE P CB   1 
ATOM   643  C  CG1  . ILE A 1 85  ? 1.648   -5.223  -1.918  1.00 16.27 ? 85  ILE P CG1  1 
ATOM   644  C  CG2  . ILE A 1 85  ? -0.546  -4.344  -2.774  1.00 18.54 ? 85  ILE P CG2  1 
ATOM   645  C  CD1  . ILE A 1 85  ? 1.183   -5.347  -0.441  1.00 20.98 ? 85  ILE P CD1  1 
ATOM   646  N  N    . ALA A 1 86  ? 3.448   -2.489  -3.792  1.00 16.43 ? 86  ALA P N    1 
ATOM   647  C  CA   . ALA A 1 86  ? 4.855   -2.153  -3.596  1.00 15.38 ? 86  ALA P CA   1 
ATOM   648  C  C    . ALA A 1 86  ? 4.993   -1.495  -2.235  1.00 16.80 ? 86  ALA P C    1 
ATOM   649  O  O    . ALA A 1 86  ? 4.158   -0.669  -1.848  1.00 17.82 ? 86  ALA P O    1 
ATOM   650  C  CB   . ALA A 1 86  ? 5.348   -1.198  -4.698  1.00 15.46 ? 86  ALA P CB   1 
ATOM   651  N  N    . VAL A 1 87  ? 6.004   -1.903  -1.477  1.00 18.71 ? 87  VAL P N    1 
ATOM   652  C  CA   . VAL A 1 87  ? 6.234   -1.314  -0.162  1.00 16.79 ? 87  VAL P CA   1 
ATOM   653  C  C    . VAL A 1 87  ? 7.703   -0.922  -0.030  1.00 21.18 ? 87  VAL P C    1 
ATOM   654  O  O    . VAL A 1 87  ? 8.602   -1.667  -0.436  1.00 19.87 ? 87  VAL P O    1 
ATOM   655  C  CB   . VAL A 1 87  ? 5.778   -2.243  1.016   1.00 21.35 ? 87  VAL P CB   1 
ATOM   656  C  CG1  . VAL A 1 87  ? 4.258   -2.312  1.077   1.00 25.95 ? 87  VAL P CG1  1 
ATOM   657  C  CG2  . VAL A 1 87  ? 6.359   -3.628  0.866   1.00 26.52 ? 87  VAL P CG2  1 
ATOM   658  N  N    . LEU A 1 88  ? 7.939   0.261   0.525   1.00 19.15 ? 88  LEU P N    1 
ATOM   659  C  CA   . LEU A 1 88  ? 9.291   0.800   0.633   1.00 21.12 ? 88  LEU P CA   1 
ATOM   660  C  C    . LEU A 1 88  ? 9.350   1.685   1.869   1.00 24.27 ? 88  LEU P C    1 
ATOM   661  O  O    . LEU A 1 88  ? 8.956   2.841   1.830   1.00 24.53 ? 88  LEU P O    1 
ATOM   662  C  CB   . LEU A 1 88  ? 9.646   1.623   -0.607  1.00 21.52 ? 88  LEU P CB   1 
ATOM   663  C  CG   . LEU A 1 88  ? 11.099  2.116   -0.653  1.00 25.75 ? 88  LEU P CG   1 
ATOM   664  C  CD1  . LEU A 1 88  ? 12.057  0.950   -0.899  1.00 27.11 ? 88  LEU P CD1  1 
ATOM   665  C  CD2  . LEU A 1 88  ? 11.275  3.189   -1.696  1.00 24.75 ? 88  LEU P CD2  1 
ATOM   666  N  N    . VAL A 1 89  ? 9.831   1.124   2.967   1.00 25.91 ? 89  VAL P N    1 
ATOM   667  C  CA   . VAL A 1 89  ? 9.822   1.812   4.246   1.00 27.20 ? 89  VAL P CA   1 
ATOM   668  C  C    . VAL A 1 89  ? 11.257  2.078   4.662   1.00 31.21 ? 89  VAL P C    1 
ATOM   669  O  O    . VAL A 1 89  ? 12.020  1.148   4.891   1.00 34.68 ? 89  VAL P O    1 
ATOM   670  C  CB   . VAL A 1 89  ? 9.119   0.964   5.322   1.00 26.34 ? 89  VAL P CB   1 
ATOM   671  C  CG1  . VAL A 1 89  ? 9.120   1.698   6.662   1.00 32.03 ? 89  VAL P CG1  1 
ATOM   672  C  CG2  . VAL A 1 89  ? 7.698   0.619   4.888   1.00 23.35 ? 89  VAL P CG2  1 
ATOM   673  N  N    . PRO A 1 90  ? 11.644  3.358   4.728   1.00 33.63 ? 90  PRO P N    1 
ATOM   674  C  CA   . PRO A 1 90  ? 13.027  3.694   5.082   1.00 36.68 ? 90  PRO P CA   1 
ATOM   675  C  C    . PRO A 1 90  ? 13.321  3.388   6.546   1.00 36.23 ? 90  PRO P C    1 
ATOM   676  O  O    . PRO A 1 90  ? 12.419  3.427   7.383   1.00 41.01 ? 90  PRO P O    1 
ATOM   677  C  CB   . PRO A 1 90  ? 13.100  5.209   4.829   1.00 36.74 ? 90  PRO P CB   1 
ATOM   678  C  CG   . PRO A 1 90  ? 11.912  5.526   3.972   1.00 31.84 ? 90  PRO P CG   1 
ATOM   679  C  CD   . PRO A 1 90  ? 10.856  4.550   4.382   1.00 32.37 ? 90  PRO P CD   1 
ATOM   680  N  N    . ASN A 1 91  ? 14.574  3.067   6.847   1.00 42.71 ? 91  ASN P N    1 
ATOM   681  C  CA   . ASN A 1 91  ? 15.000  2.888   8.228   1.00 44.71 ? 91  ASN P CA   1 
ATOM   682  C  C    . ASN A 1 91  ? 15.009  4.212   8.982   1.00 49.18 ? 91  ASN P C    1 
ATOM   683  O  O    . ASN A 1 91  ? 15.344  5.249   8.416   1.00 49.03 ? 91  ASN P O    1 
ATOM   684  C  CB   . ASN A 1 91  ? 16.387  2.248   8.277   1.00 46.80 ? 91  ASN P CB   1 
ATOM   685  C  CG   . ASN A 1 91  ? 16.327  0.740   8.352   1.00 47.10 ? 91  ASN P CG   1 
ATOM   686  O  OD1  . ASN A 1 91  ? 15.518  0.176   9.091   1.00 45.41 ? 91  ASN P OD1  1 
ATOM   687  N  ND2  . ASN A 1 91  ? 17.179  0.076   7.580   1.00 47.52 ? 91  ASN P ND2  1 
ATOM   688  N  N    . ILE A 1 92  ? 14.641  4.173   10.258  1.00 53.64 ? 92  ILE P N    1 
ATOM   689  C  CA   . ILE A 1 92  ? 14.621  5.372   11.089  1.00 57.62 ? 92  ILE P CA   1 
ATOM   690  C  C    . ILE A 1 92  ? 15.970  6.084   11.062  1.00 58.05 ? 92  ILE P C    1 
ATOM   691  O  O    . ILE A 1 92  ? 16.826  5.846   11.914  1.00 62.45 ? 92  ILE P O    1 
ATOM   692  C  CB   . ILE A 1 92  ? 14.234  5.021   12.520  1.00 59.44 ? 92  ILE P CB   1 
ATOM   693  N  N    . ALA A 1 102 ? 19.488  0.787   4.463   1.00 42.34 ? 102 ALA P N    1 
ATOM   694  C  CA   . ALA A 1 102 ? 18.810  1.966   3.926   1.00 40.27 ? 102 ALA P CA   1 
ATOM   695  C  C    . ALA A 1 102 ? 17.288  1.866   4.045   1.00 43.78 ? 102 ALA P C    1 
ATOM   696  O  O    . ALA A 1 102 ? 16.608  2.866   4.286   1.00 43.17 ? 102 ALA P O    1 
ATOM   697  C  CB   . ALA A 1 102 ? 19.219  2.205   2.478   1.00 46.52 ? 102 ALA P CB   1 
ATOM   698  N  N    . TYR A 1 103 ? 16.757  0.658   3.880   1.00 41.48 ? 103 TYR P N    1 
ATOM   699  C  CA   . TYR A 1 103 ? 15.315  0.441   3.947   1.00 37.29 ? 103 TYR P CA   1 
ATOM   700  C  C    . TYR A 1 103 ? 14.974  -0.671  4.932   1.00 36.08 ? 103 TYR P C    1 
ATOM   701  O  O    . TYR A 1 103 ? 15.627  -1.709  4.952   1.00 37.62 ? 103 TYR P O    1 
ATOM   702  C  CB   . TYR A 1 103 ? 14.751  0.106   2.558   1.00 36.08 ? 103 TYR P CB   1 
ATOM   703  C  CG   . TYR A 1 103 ? 14.855  1.225   1.546   1.00 38.10 ? 103 TYR P CG   1 
ATOM   704  C  CD1  . TYR A 1 103 ? 15.789  1.176   0.517   1.00 32.03 ? 103 TYR P CD1  1 
ATOM   705  C  CD2  . TYR A 1 103 ? 14.021  2.332   1.617   1.00 33.90 ? 103 TYR P CD2  1 
ATOM   706  C  CE1  . TYR A 1 103 ? 15.888  2.198   -0.416  1.00 39.21 ? 103 TYR P CE1  1 
ATOM   707  C  CE2  . TYR A 1 103 ? 14.116  3.360   0.695   1.00 33.36 ? 103 TYR P CE2  1 
ATOM   708  C  CZ   . TYR A 1 103 ? 15.048  3.290   -0.320  1.00 37.10 ? 103 TYR P CZ   1 
ATOM   709  O  OH   . TYR A 1 103 ? 15.134  4.314   -1.238  1.00 36.74 ? 103 TYR P OH   1 
ATOM   710  N  N    . ASP A 1 104 ? 13.949  -0.444  5.749   1.00 36.00 ? 104 ASP P N    1 
ATOM   711  C  CA   . ASP A 1 104 ? 13.495  -1.423  6.726   1.00 36.94 ? 104 ASP P CA   1 
ATOM   712  C  C    . ASP A 1 104 ? 12.691  -2.524  6.034   1.00 35.37 ? 104 ASP P C    1 
ATOM   713  O  O    . ASP A 1 104 ? 12.737  -3.686  6.428   1.00 34.95 ? 104 ASP P O    1 
ATOM   714  C  CB   . ASP A 1 104 ? 12.640  -0.734  7.791   1.00 36.67 ? 104 ASP P CB   1 
ATOM   715  C  CG   . ASP A 1 104 ? 12.271  -1.659  8.943   1.00 39.85 ? 104 ASP P CG   1 
ATOM   716  O  OD1  . ASP A 1 104 ? 13.060  -2.573  9.262   1.00 45.96 ? 104 ASP P OD1  1 
ATOM   717  O  OD2  . ASP A 1 104 ? 11.191  -1.460  9.533   1.00 42.01 ? 104 ASP P OD2  1 
ATOM   718  N  N    . LEU A 1 105 ? 11.952  -2.141  4.997   1.00 29.51 ? 105 LEU P N    1 
ATOM   719  C  CA   . LEU A 1 105 ? 11.183  -3.086  4.199   1.00 27.30 ? 105 LEU P CA   1 
ATOM   720  C  C    . LEU A 1 105 ? 11.155  -2.590  2.760   1.00 27.39 ? 105 LEU P C    1 
ATOM   721  O  O    . LEU A 1 105 ? 10.797  -1.443  2.518   1.00 25.84 ? 105 LEU P O    1 
ATOM   722  C  CB   . LEU A 1 105 ? 9.757   -3.207  4.749   1.00 26.68 ? 105 LEU P CB   1 
ATOM   723  C  CG   . LEU A 1 105 ? 8.750   -4.072  3.988   1.00 24.83 ? 105 LEU P CG   1 
ATOM   724  C  CD1  . LEU A 1 105 ? 9.193   -5.522  3.950   1.00 28.99 ? 105 LEU P CD1  1 
ATOM   725  C  CD2  . LEU A 1 105 ? 7.347   -3.943  4.591   1.00 25.11 ? 105 LEU P CD2  1 
ATOM   726  N  N    . GLU A 1 106 ? 11.581  -3.440  1.823   1.00 26.12 ? 106 GLU P N    1 
ATOM   727  C  CA   . GLU A 1 106 ? 11.519  -3.148  0.396   1.00 22.31 ? 106 GLU P CA   1 
ATOM   728  C  C    . GLU A 1 106 ? 11.039  -4.400  -0.333  1.00 28.56 ? 106 GLU P C    1 
ATOM   729  O  O    . GLU A 1 106 ? 11.733  -5.414  -0.355  1.00 25.28 ? 106 GLU P O    1 
ATOM   730  C  CB   . GLU A 1 106 ? 12.892  -2.716  -0.159  1.00 24.26 ? 106 GLU P CB   1 
ATOM   731  C  CG   . GLU A 1 106 ? 12.921  -2.560  -1.681  1.00 24.51 ? 106 GLU P CG   1 
ATOM   732  C  CD   . GLU A 1 106 ? 14.260  -2.067  -2.221  1.00 37.94 ? 106 GLU P CD   1 
ATOM   733  O  OE1  . GLU A 1 106 ? 15.216  -1.930  -1.432  1.00 35.88 ? 106 GLU P OE1  1 
ATOM   734  O  OE2  . GLU A 1 106 ? 14.352  -1.811  -3.445  1.00 36.55 ? 106 GLU P OE2  1 
ATOM   735  N  N    . ALA A 1 107 ? 9.848   -4.342  -0.918  1.00 21.30 ? 107 ALA P N    1 
ATOM   736  C  CA   . ALA A 1 107 ? 9.295   -5.528  -1.551  1.00 19.54 ? 107 ALA P CA   1 
ATOM   737  C  C    . ALA A 1 107 ? 8.223   -5.167  -2.551  1.00 21.17 ? 107 ALA P C    1 
ATOM   738  O  O    . ALA A 1 107 ? 7.390   -4.301  -2.287  1.00 19.03 ? 107 ALA P O    1 
ATOM   739  C  CB   . ALA A 1 107 ? 8.723   -6.470  -0.493  1.00 22.06 ? 107 ALA P CB   1 
ATOM   740  N  N    . ILE A 1 108 ? 8.259   -5.830  -3.705  1.00 20.35 ? 108 ILE P N    1 
ATOM   741  C  CA   . ILE A 1 108 ? 7.162   -5.809  -4.656  1.00 19.52 ? 108 ILE P CA   1 
ATOM   742  C  C    . ILE A 1 108 ? 6.463   -7.144  -4.461  1.00 19.81 ? 108 ILE P C    1 
ATOM   743  O  O    . ILE A 1 108 ? 7.076   -8.195  -4.643  1.00 22.01 ? 108 ILE P O    1 
ATOM   744  C  CB   . ILE A 1 108 ? 7.660   -5.708  -6.112  1.00 21.04 ? 108 ILE P CB   1 
ATOM   745  C  CG1  . ILE A 1 108 ? 8.487   -4.431  -6.311  1.00 22.48 ? 108 ILE P CG1  1 
ATOM   746  C  CG2  . ILE A 1 108 ? 6.480   -5.723  -7.070  1.00 18.89 ? 108 ILE P CG2  1 
ATOM   747  C  CD1  . ILE A 1 108 ? 9.233   -4.370  -7.642  1.00 28.35 ? 108 ILE P CD1  1 
ATOM   748  N  N    . MET A 1 109 ? 5.196   -7.109  -4.060  1.00 17.32 ? 109 MET P N    1 
ATOM   749  C  CA   . MET A 1 109 ? 4.492   -8.321  -3.656  1.00 14.66 ? 109 MET P CA   1 
ATOM   750  C  C    . MET A 1 109 ? 3.358   -8.654  -4.603  1.00 17.77 ? 109 MET P C    1 
ATOM   751  O  O    . MET A 1 109 ? 2.463   -7.843  -4.812  1.00 19.38 ? 109 MET P O    1 
ATOM   752  C  CB   . MET A 1 109 ? 3.908   -8.172  -2.248  1.00 18.48 ? 109 MET P CB   1 
ATOM   753  C  CG   . MET A 1 109 ? 4.929   -7.910  -1.169  1.00 19.33 ? 109 MET P CG   1 
ATOM   754  S  SD   . MET A 1 109 ? 4.071   -7.819  0.410   1.00 22.67 ? 109 MET P SD   1 
ATOM   755  C  CE   . MET A 1 109 ? 5.446   -7.470  1.506   1.00 20.83 ? 109 MET P CE   1 
ATOM   756  N  N    . TYR A 1 110 ? 3.386   -9.868  -5.146  1.00 19.84 ? 110 TYR P N    1 
ATOM   757  C  CA   . TYR A 1 110 ? 2.309   -10.361 -6.006  1.00 20.31 ? 110 TYR P CA   1 
ATOM   758  C  C    . TYR A 1 110 ? 1.406   -11.313 -5.222  1.00 18.89 ? 110 TYR P C    1 
ATOM   759  O  O    . TYR A 1 110 ? 1.898   -12.194 -4.519  1.00 20.59 ? 110 TYR P O    1 
ATOM   760  C  CB   . TYR A 1 110 ? 2.906   -11.058 -7.233  1.00 19.11 ? 110 TYR P CB   1 
ATOM   761  C  CG   . TYR A 1 110 ? 3.674   -10.094 -8.104  1.00 17.42 ? 110 TYR P CG   1 
ATOM   762  C  CD1  . TYR A 1 110 ? 5.014   -9.819  -7.862  1.00 18.16 ? 110 TYR P CD1  1 
ATOM   763  C  CD2  . TYR A 1 110 ? 3.044   -9.416  -9.140  1.00 18.09 ? 110 TYR P CD2  1 
ATOM   764  C  CE1  . TYR A 1 110 ? 5.714   -8.919  -8.656  1.00 19.83 ? 110 TYR P CE1  1 
ATOM   765  C  CE2  . TYR A 1 110 ? 3.727   -8.519  -9.922  1.00 20.40 ? 110 TYR P CE2  1 
ATOM   766  C  CZ   . TYR A 1 110 ? 5.057   -8.268  -9.683  1.00 20.33 ? 110 TYR P CZ   1 
ATOM   767  O  OH   . TYR A 1 110 ? 5.722   -7.356  -10.490 1.00 20.17 ? 110 TYR P OH   1 
ATOM   768  N  N    . ASN A 1 111 ? 0.091   -11.119 -5.352  1.00 18.90 ? 111 ASN P N    1 
ATOM   769  C  CA   . ASN A 1 111 ? -0.918  -11.857 -4.580  1.00 20.08 ? 111 ASN P CA   1 
ATOM   770  C  C    . ASN A 1 111 ? -0.601  -11.949 -3.092  1.00 19.41 ? 111 ASN P C    1 
ATOM   771  O  O    . ASN A 1 111 ? -0.578  -13.041 -2.535  1.00 19.48 ? 111 ASN P O    1 
ATOM   772  C  CB   . ASN A 1 111 ? -1.128  -13.262 -5.150  1.00 22.69 ? 111 ASN P CB   1 
ATOM   773  C  CG   . ASN A 1 111 ? -1.565  -13.231 -6.599  1.00 20.76 ? 111 ASN P CG   1 
ATOM   774  O  OD1  . ASN A 1 111 ? -2.128  -12.242 -7.058  1.00 22.17 ? 111 ASN P OD1  1 
ATOM   775  N  ND2  . ASN A 1 111 ? -1.291  -14.304 -7.330  1.00 24.18 ? 111 ASN P ND2  1 
ATOM   776  N  N    . PRO A 1 112 ? -0.357  -10.802 -2.446  1.00 18.67 ? 112 PRO P N    1 
ATOM   777  C  CA   . PRO A 1 112 ? -0.083  -10.832 -1.006  1.00 18.55 ? 112 PRO P CA   1 
ATOM   778  C  C    . PRO A 1 112 ? -1.332  -11.218 -0.225  1.00 20.36 ? 112 PRO P C    1 
ATOM   779  O  O    . PRO A 1 112 ? -2.451  -10.899 -0.634  1.00 19.31 ? 112 PRO P O    1 
ATOM   780  C  CB   . PRO A 1 112 ? 0.272   -9.385  -0.695  1.00 18.58 ? 112 PRO P CB   1 
ATOM   781  C  CG   . PRO A 1 112 ? -0.495  -8.607  -1.699  1.00 16.59 ? 112 PRO P CG   1 
ATOM   782  C  CD   . PRO A 1 112 ? -0.382  -9.423  -2.962  1.00 20.94 ? 112 PRO P CD   1 
ATOM   783  N  N    . LYS A 1 113 ? -1.122  -11.880 0.900   1.00 18.11 ? 113 LYS P N    1 
ATOM   784  C  CA   . LYS A 1 113 ? -2.213  -12.399 1.706   1.00 19.36 ? 113 LYS P CA   1 
ATOM   785  C  C    . LYS A 1 113 ? -1.757  -12.483 3.152   1.00 21.14 ? 113 LYS P C    1 
ATOM   786  O  O    . LYS A 1 113 ? -0.678  -13.014 3.429   1.00 18.80 ? 113 LYS P O    1 
ATOM   787  C  CB   . LYS A 1 113 ? -2.583  -13.805 1.216   1.00 25.36 ? 113 LYS P CB   1 
ATOM   788  C  CG   . LYS A 1 113 ? -3.898  -14.345 1.758   1.00 27.62 ? 113 LYS P CG   1 
ATOM   789  C  CD   . LYS A 1 113 ? -3.985  -15.852 1.549   1.00 36.96 ? 113 LYS P CD   1 
ATOM   790  C  CE   . LYS A 1 113 ? -5.414  -16.373 1.687   1.00 49.17 ? 113 LYS P CE   1 
ATOM   791  N  NZ   . LYS A 1 113 ? -6.202  -16.175 0.429   1.00 49.40 ? 113 LYS P NZ   1 
ATOM   792  N  N    . ILE A 1 114 ? -2.586  -11.987 4.070   1.00 18.53 ? 114 ILE P N    1 
ATOM   793  C  CA   . ILE A 1 114 ? -2.330  -12.138 5.496   1.00 19.22 ? 114 ILE P CA   1 
ATOM   794  C  C    . ILE A 1 114 ? -2.791  -13.527 5.894   1.00 22.34 ? 114 ILE P C    1 
ATOM   795  O  O    . ILE A 1 114 ? -3.970  -13.869 5.737   1.00 25.81 ? 114 ILE P O    1 
ATOM   796  C  CB   . ILE A 1 114 ? -3.112  -11.093 6.322   1.00 17.72 ? 114 ILE P CB   1 
ATOM   797  C  CG1  . ILE A 1 114 ? -2.636  -9.684  5.966   1.00 22.98 ? 114 ILE P CG1  1 
ATOM   798  C  CG2  . ILE A 1 114 ? -2.952  -11.357 7.835   1.00 18.49 ? 114 ILE P CG2  1 
ATOM   799  C  CD1  . ILE A 1 114 ? -3.591  -8.586  6.389   1.00 29.95 ? 114 ILE P CD1  1 
ATOM   800  N  N    . VAL A 1 115 ? -1.864  -14.341 6.384   1.00 19.37 ? 115 VAL P N    1 
ATOM   801  C  CA   . VAL A 1 115 ? -2.197  -15.720 6.709   1.00 20.24 ? 115 VAL P CA   1 
ATOM   802  C  C    . VAL A 1 115 ? -2.300  -15.953 8.209   1.00 21.15 ? 115 VAL P C    1 
ATOM   803  O  O    . VAL A 1 115 ? -2.768  -17.006 8.646   1.00 23.88 ? 115 VAL P O    1 
ATOM   804  C  CB   . VAL A 1 115 ? -1.232  -16.738 6.056   1.00 21.06 ? 115 VAL P CB   1 
ATOM   805  C  CG1  . VAL A 1 115 ? -1.355  -16.661 4.537   1.00 23.31 ? 115 VAL P CG1  1 
ATOM   806  C  CG2  . VAL A 1 115 ? 0.206   -16.495 6.499   1.00 21.95 ? 115 VAL P CG2  1 
ATOM   807  N  N    . SER A 1 116 ? -1.868  -14.970 8.992   1.00 17.91 ? 116 SER P N    1 
ATOM   808  C  CA   . SER A 1 116 ? -2.035  -15.019 10.446  1.00 20.10 ? 116 SER P CA   1 
ATOM   809  C  C    . SER A 1 116 ? -1.937  -13.606 11.000  1.00 23.27 ? 116 SER P C    1 
ATOM   810  O  O    . SER A 1 116 ? -1.270  -12.765 10.420  1.00 20.05 ? 116 SER P O    1 
ATOM   811  C  CB   . SER A 1 116 ? -0.963  -15.904 11.090  1.00 23.41 ? 116 SER P CB   1 
ATOM   812  O  OG   . SER A 1 116 ? -1.183  -16.010 12.494  1.00 26.68 ? 116 SER P OG   1 
ATOM   813  N  N    . HIS A 1 117 ? -2.612  -13.329 12.112  1.00 19.92 ? 117 HIS P N    1 
ATOM   814  C  CA   . HIS A 1 117 ? -2.501  -12.007 12.720  1.00 19.60 ? 117 HIS P CA   1 
ATOM   815  C  C    . HIS A 1 117 ? -2.664  -12.071 14.232  1.00 21.98 ? 117 HIS P C    1 
ATOM   816  O  O    . HIS A 1 117 ? -3.278  -13.007 14.769  1.00 23.01 ? 117 HIS P O    1 
ATOM   817  C  CB   . HIS A 1 117 ? -3.510  -11.029 12.104  1.00 20.58 ? 117 HIS P CB   1 
ATOM   818  C  CG   . HIS A 1 117 ? -4.938  -11.394 12.370  1.00 25.46 ? 117 HIS P CG   1 
ATOM   819  N  ND1  . HIS A 1 117 ? -5.552  -11.157 13.580  1.00 28.50 ? 117 HIS P ND1  1 
ATOM   820  C  CD2  . HIS A 1 117 ? -5.867  -11.990 11.586  1.00 28.97 ? 117 HIS P CD2  1 
ATOM   821  C  CE1  . HIS A 1 117 ? -6.799  -11.593 13.532  1.00 31.17 ? 117 HIS P CE1  1 
ATOM   822  N  NE2  . HIS A 1 117 ? -7.017  -12.101 12.332  1.00 31.11 ? 117 HIS P NE2  1 
ATOM   823  N  N    . SER A 1 118 ? -2.097  -11.081 14.912  1.00 20.48 ? 118 SER P N    1 
ATOM   824  C  CA   . SER A 1 118 ? -2.173  -11.000 16.363  1.00 19.86 ? 118 SER P CA   1 
ATOM   825  C  C    . SER A 1 118 ? -3.571  -10.626 16.820  1.00 21.57 ? 118 SER P C    1 
ATOM   826  O  O    . SER A 1 118 ? -4.342  -10.010 16.084  1.00 23.98 ? 118 SER P O    1 
ATOM   827  C  CB   . SER A 1 118 ? -1.189  -9.949  16.885  1.00 22.97 ? 118 SER P CB   1 
ATOM   828  O  OG   . SER A 1 118 ? -1.449  -8.677  16.303  1.00 21.11 ? 118 SER P OG   1 
ATOM   829  N  N    . VAL A 1 119 ? -3.896  -10.991 18.054  1.00 20.26 ? 119 VAL P N    1 
ATOM   830  C  CA   . VAL A 1 119 ? -5.125  -10.514 18.661  1.00 19.98 ? 119 VAL P CA   1 
ATOM   831  C  C    . VAL A 1 119 ? -4.982  -9.020  18.920  1.00 20.90 ? 119 VAL P C    1 
ATOM   832  O  O    . VAL A 1 119 ? -5.908  -8.240  18.695  1.00 22.21 ? 119 VAL P O    1 
ATOM   833  C  CB   . VAL A 1 119 ? -5.398  -11.260 19.977  1.00 19.61 ? 119 VAL P CB   1 
ATOM   834  C  CG1  . VAL A 1 119 ? -6.650  -10.701 20.668  1.00 21.39 ? 119 VAL P CG1  1 
ATOM   835  C  CG2  . VAL A 1 119 ? -5.538  -12.740 19.688  1.00 25.79 ? 119 VAL P CG2  1 
ATOM   836  N  N    . GLN A 1 120 ? -3.805  -8.624  19.387  1.00 19.65 ? 120 GLN P N    1 
ATOM   837  C  CA   . GLN A 1 120 ? -3.542  -7.224  19.675  1.00 23.99 ? 120 GLN P CA   1 
ATOM   838  C  C    . GLN A 1 120 ? -3.718  -6.397  18.414  1.00 22.59 ? 120 GLN P C    1 
ATOM   839  O  O    . GLN A 1 120 ? -3.354  -6.839  17.316  1.00 21.53 ? 120 GLN P O    1 
ATOM   840  C  CB   . GLN A 1 120 ? -2.118  -7.063  20.183  1.00 24.08 ? 120 GLN P CB   1 
ATOM   841  C  CG   . GLN A 1 120 ? -1.784  -5.702  20.753  1.00 27.24 ? 120 GLN P CG   1 
ATOM   842  C  CD   . GLN A 1 120 ? -0.460  -5.731  21.485  1.00 34.15 ? 120 GLN P CD   1 
ATOM   843  O  OE1  . GLN A 1 120 ? 0.567   -6.065  20.903  1.00 34.59 ? 120 GLN P OE1  1 
ATOM   844  N  NE2  . GLN A 1 120 ? -0.482  -5.418  22.777  1.00 30.17 ? 120 GLN P NE2  1 
ATOM   845  N  N    . ASP A 1 121 ? -4.289  -5.206  18.573  1.00 20.91 ? 121 ASP P N    1 
ATOM   846  C  CA   . ASP A 1 121 ? -4.425  -4.258  17.469  1.00 19.75 ? 121 ASP P CA   1 
ATOM   847  C  C    . ASP A 1 121 ? -3.377  -3.162  17.603  1.00 20.31 ? 121 ASP P C    1 
ATOM   848  O  O    . ASP A 1 121 ? -2.728  -3.024  18.647  1.00 22.40 ? 121 ASP P O    1 
ATOM   849  C  CB   . ASP A 1 121 ? -5.813  -3.604  17.481  1.00 23.30 ? 121 ASP P CB   1 
ATOM   850  C  CG   . ASP A 1 121 ? -6.940  -4.570  17.132  1.00 29.52 ? 121 ASP P CG   1 
ATOM   851  O  OD1  . ASP A 1 121 ? -6.718  -5.537  16.372  1.00 28.77 ? 121 ASP P OD1  1 
ATOM   852  O  OD2  . ASP A 1 121 ? -8.071  -4.344  17.614  1.00 40.44 ? 121 ASP P OD2  1 
ATOM   853  N  N    . ALA A 1 122 ? -3.194  -2.391  16.530  1.00 21.32 ? 122 ALA P N    1 
ATOM   854  C  CA   . ALA A 1 122 ? -2.343  -1.211  16.578  1.00 21.85 ? 122 ALA P CA   1 
ATOM   855  C  C    . ALA A 1 122 ? -2.865  -0.149  15.621  1.00 21.90 ? 122 ALA P C    1 
ATOM   856  O  O    . ALA A 1 122 ? -3.607  -0.447  14.682  1.00 23.07 ? 122 ALA P O    1 
ATOM   857  C  CB   . ALA A 1 122 ? -0.903  -1.565  16.229  1.00 24.39 ? 122 ALA P CB   1 
ATOM   858  N  N    . ALA A 1 123 ? -2.484  1.093   15.879  1.00 20.27 ? 123 ALA P N    1 
ATOM   859  C  CA   . ALA A 1 123 ? -2.797  2.183   14.963  1.00 21.96 ? 123 ALA P CA   1 
ATOM   860  C  C    . ALA A 1 123 ? -1.729  3.259   15.061  1.00 22.78 ? 123 ALA P C    1 
ATOM   861  O  O    . ALA A 1 123 ? -1.183  3.499   16.134  1.00 25.39 ? 123 ALA P O    1 
ATOM   862  C  CB   . ALA A 1 123 ? -4.171  2.757   15.277  1.00 22.43 ? 123 ALA P CB   1 
ATOM   863  N  N    . LEU A 1 124 ? -1.413  3.903   13.940  1.00 19.80 ? 124 LEU P N    1 
ATOM   864  C  CA   . LEU A 1 124 ? -0.486  5.015   13.984  1.00 21.85 ? 124 LEU P CA   1 
ATOM   865  C  C    . LEU A 1 124 ? -1.108  6.130   14.819  1.00 23.71 ? 124 LEU P C    1 
ATOM   866  O  O    . LEU A 1 124 ? -2.274  6.490   14.618  1.00 24.02 ? 124 LEU P O    1 
ATOM   867  C  CB   . LEU A 1 124 ? -0.195  5.529   12.574  1.00 22.46 ? 124 LEU P CB   1 
ATOM   868  C  CG   . LEU A 1 124 ? 0.467   4.527   11.625  1.00 25.38 ? 124 LEU P CG   1 
ATOM   869  C  CD1  . LEU A 1 124 ? 0.648   5.174   10.266  1.00 20.63 ? 124 LEU P CD1  1 
ATOM   870  C  CD2  . LEU A 1 124 ? 1.802   4.061   12.181  1.00 24.82 ? 124 LEU P CD2  1 
ATOM   871  N  N    . GLY A 1 125 ? -0.329  6.672   15.747  1.00 26.50 ? 125 GLY P N    1 
ATOM   872  C  CA   . GLY A 1 125 ? -0.799  7.761   16.586  1.00 30.12 ? 125 GLY P CA   1 
ATOM   873  C  C    . GLY A 1 125 ? -1.164  9.006   15.803  1.00 35.20 ? 125 GLY P C    1 
ATOM   874  O  O    . GLY A 1 125 ? -2.026  9.785   16.223  1.00 31.29 ? 125 GLY P O    1 
ATOM   875  N  N    . GLU A 1 126 ? -0.518  9.186   14.652  1.00 31.48 ? 126 GLU P N    1 
ATOM   876  C  CA   . GLU A 1 126 ? -0.731  10.364  13.821  1.00 32.96 ? 126 GLU P CA   1 
ATOM   877  C  C    . GLU A 1 126 ? -1.851  10.191  12.799  1.00 32.26 ? 126 GLU P C    1 
ATOM   878  O  O    . GLU A 1 126 ? -2.100  11.094  12.004  1.00 34.15 ? 126 GLU P O    1 
ATOM   879  C  CB   . GLU A 1 126 ? 0.553   10.725  13.074  1.00 35.33 ? 126 GLU P CB   1 
ATOM   880  C  CG   . GLU A 1 126 ? 1.821   10.616  13.899  1.00 38.16 ? 126 GLU P CG   1 
ATOM   881  C  CD   . GLU A 1 126 ? 2.149   11.891  14.637  1.00 49.40 ? 126 GLU P CD   1 
ATOM   882  O  OE1  . GLU A 1 126 ? 3.311   12.349  14.530  1.00 51.82 ? 126 GLU P OE1  1 
ATOM   883  O  OE2  . GLU A 1 126 ? 1.253   12.435  15.322  1.00 48.67 ? 126 GLU P OE2  1 
ATOM   884  N  N    . GLY A 1 127 ? -2.519  9.044   12.808  1.00 28.98 ? 127 GLY P N    1 
ATOM   885  C  CA   . GLY A 1 127 ? -3.518  8.749   11.790  1.00 25.57 ? 127 GLY P CA   1 
ATOM   886  C  C    . GLY A 1 127 ? -2.851  8.369   10.474  1.00 25.46 ? 127 GLY P C    1 
ATOM   887  O  O    . GLY A 1 127 ? -1.625  8.347   10.384  1.00 26.20 ? 127 GLY P O    1 
ATOM   888  N  N    . GLU A 1 128 ? -3.654  8.055   9.462   1.00 21.97 ? 128 GLU P N    1 
ATOM   889  C  CA   . GLU A 1 128 ? -3.107  7.639   8.165   1.00 22.54 ? 128 GLU P CA   1 
ATOM   890  C  C    . GLU A 1 128 ? -3.475  8.599   7.054   1.00 24.24 ? 128 GLU P C    1 
ATOM   891  O  O    . GLU A 1 128 ? -4.566  9.166   7.056   1.00 25.17 ? 128 GLU P O    1 
ATOM   892  C  CB   . GLU A 1 128 ? -3.615  6.247   7.793   1.00 22.28 ? 128 GLU P CB   1 
ATOM   893  C  CG   . GLU A 1 128 ? -3.178  5.170   8.763   1.00 20.22 ? 128 GLU P CG   1 
ATOM   894  C  CD   . GLU A 1 128 ? -3.444  3.775   8.245   1.00 23.02 ? 128 GLU P CD   1 
ATOM   895  O  OE1  . GLU A 1 128 ? -3.835  3.636   7.064   1.00 20.83 ? 128 GLU P OE1  1 
ATOM   896  O  OE2  . GLU A 1 128 ? -3.257  2.811   9.027   1.00 21.03 ? 128 GLU P OE2  1 
ATOM   897  N  N    . GLY A 1 129 ? -2.562  8.758   6.094   1.00 22.91 ? 129 GLY P N    1 
ATOM   898  C  CA   . GLY A 1 129 ? -2.858  9.452   4.858   1.00 25.22 ? 129 GLY P CA   1 
ATOM   899  C  C    . GLY A 1 129 ? -2.860  8.481   3.691   1.00 26.53 ? 129 GLY P C    1 
ATOM   900  O  O    . GLY A 1 129 ? -2.201  7.440   3.750   1.00 25.33 ? 129 GLY P O    1 
ATOM   901  N  N    . CYS A 1 130 ? -3.603  8.816   2.638   1.00 19.95 ? 130 CYS P N    1 
ATOM   902  C  CA   . CYS A 1 130 ? -3.733  7.955   1.464   1.00 22.90 ? 130 CYS P CA   1 
ATOM   903  C  C    . CYS A 1 130 ? -3.588  8.807   0.221   1.00 26.18 ? 130 CYS P C    1 
ATOM   904  O  O    . CYS A 1 130 ? -4.180  9.882   0.146   1.00 25.04 ? 130 CYS P O    1 
ATOM   905  C  CB   . CYS A 1 130 ? -5.104  7.275   1.444   1.00 23.97 ? 130 CYS P CB   1 
ATOM   906  S  SG   . CYS A 1 130 ? -5.352  6.042   0.118   1.00 25.38 ? 130 CYS P SG   1 
ATOM   907  N  N    . LEU A 1 131 ? -2.819  8.320   -0.751  1.00 20.92 ? 131 LEU P N    1 
ATOM   908  C  CA   . LEU A 1 131 ? -2.584  9.060   -1.996  1.00 21.23 ? 131 LEU P CA   1 
ATOM   909  C  C    . LEU A 1 131 ? -3.868  9.274   -2.784  1.00 25.43 ? 131 LEU P C    1 
ATOM   910  O  O    . LEU A 1 131 ? -3.958  10.187  -3.613  1.00 26.96 ? 131 LEU P O    1 
ATOM   911  C  CB   . LEU A 1 131 ? -1.573  8.316   -2.877  1.00 21.14 ? 131 LEU P CB   1 
ATOM   912  C  CG   . LEU A 1 131 ? -0.216  8.089   -2.215  1.00 26.35 ? 131 LEU P CG   1 
ATOM   913  C  CD1  . LEU A 1 131 ? 0.553   6.964   -2.894  1.00 24.96 ? 131 LEU P CD1  1 
ATOM   914  C  CD2  . LEU A 1 131 ? 0.587   9.384   -2.206  1.00 27.50 ? 131 LEU P CD2  1 
ATOM   915  N  N    . SER A 1 132 ? -4.851  8.419   -2.535  1.00 26.83 ? 132 SER P N    1 
ATOM   916  C  CA   . SER A 1 132 ? -6.121  8.465   -3.244  1.00 28.05 ? 132 SER P CA   1 
ATOM   917  C  C    . SER A 1 132 ? -7.164  9.295   -2.494  1.00 29.77 ? 132 SER P C    1 
ATOM   918  O  O    . SER A 1 132 ? -8.316  9.381   -2.923  1.00 29.71 ? 132 SER P O    1 
ATOM   919  C  CB   . SER A 1 132 ? -6.652  7.048   -3.483  1.00 27.84 ? 132 SER P CB   1 
ATOM   920  O  OG   . SER A 1 132 ? -5.775  6.320   -4.328  1.00 28.97 ? 132 SER P OG   1 
ATOM   921  N  N    . VAL A 1 133 ? -6.748  9.910   -1.388  1.00 28.51 ? 133 VAL P N    1 
ATOM   922  C  CA   . VAL A 1 133 ? -7.654  10.686  -0.540  1.00 30.04 ? 133 VAL P CA   1 
ATOM   923  C  C    . VAL A 1 133 ? -7.132  12.102  -0.350  1.00 29.93 ? 133 VAL P C    1 
ATOM   924  O  O    . VAL A 1 133 ? -6.132  12.325  0.331   1.00 31.11 ? 133 VAL P O    1 
ATOM   925  C  CB   . VAL A 1 133 ? -7.840  10.029  0.837   1.00 28.36 ? 133 VAL P CB   1 
ATOM   926  C  CG1  . VAL A 1 133 ? -8.798  10.854  1.699   1.00 31.17 ? 133 VAL P CG1  1 
ATOM   927  C  CG2  . VAL A 1 133 ? -8.368  8.625   0.669   1.00 28.22 ? 133 VAL P CG2  1 
ATOM   928  N  N    . ASP A 1 134 ? -7.815  13.061  -0.964  1.00 31.70 ? 134 ASP P N    1 
ATOM   929  C  CA   . ASP A 1 134 ? -7.362  14.446  -0.949  1.00 32.50 ? 134 ASP P CA   1 
ATOM   930  C  C    . ASP A 1 134 ? -8.078  15.256  0.115   1.00 37.14 ? 134 ASP P C    1 
ATOM   931  O  O    . ASP A 1 134 ? -8.693  16.285  -0.166  1.00 36.35 ? 134 ASP P O    1 
ATOM   932  C  CB   . ASP A 1 134 ? -7.561  15.071  -2.325  1.00 32.57 ? 134 ASP P CB   1 
ATOM   933  C  CG   . ASP A 1 134 ? -6.711  14.408  -3.378  1.00 34.89 ? 134 ASP P CG   1 
ATOM   934  O  OD1  . ASP A 1 134 ? -5.485  14.331  -3.165  1.00 33.97 ? 134 ASP P OD1  1 
ATOM   935  O  OD2  . ASP A 1 134 ? -7.268  13.941  -4.394  1.00 36.82 ? 134 ASP P OD2  1 
ATOM   936  N  N    . ARG A 1 135 ? -7.990  14.771  1.344   1.00 35.26 ? 135 ARG P N    1 
ATOM   937  C  CA   . ARG A 1 135 ? -8.602  15.431  2.482   1.00 39.15 ? 135 ARG P CA   1 
ATOM   938  C  C    . ARG A 1 135 ? -8.066  14.745  3.723   1.00 42.34 ? 135 ARG P C    1 
ATOM   939  O  O    . ARG A 1 135 ? -7.562  13.624  3.645   1.00 40.50 ? 135 ARG P O    1 
ATOM   940  C  CB   . ARG A 1 135 ? -10.128 15.322  2.418   1.00 34.15 ? 135 ARG P CB   1 
ATOM   941  C  CG   . ARG A 1 135 ? -10.645 13.902  2.265   1.00 39.85 ? 135 ARG P CG   1 
ATOM   942  C  CD   . ARG A 1 135 ? -12.165 13.850  2.159   1.00 39.35 ? 135 ARG P CD   1 
ATOM   943  N  NE   . ARG A 1 135 ? -12.644 12.472  2.043   1.00 38.64 ? 135 ARG P NE   1 
ATOM   944  C  CZ   . ARG A 1 135 ? -13.290 11.808  3.001   1.00 39.79 ? 135 ARG P CZ   1 
ATOM   945  N  NH1  . ARG A 1 135 ? -13.671 10.555  2.792   1.00 36.05 ? 135 ARG P NH1  1 
ATOM   946  N  NH2  . ARG A 1 135 ? -13.566 12.396  4.160   1.00 36.62 ? 135 ARG P NH2  1 
ATOM   947  N  N    . ASN A 1 136 ? -8.145  15.431  4.857   1.00 40.42 ? 136 ASN P N    1 
ATOM   948  C  CA   . ASN A 1 136 ? -7.735  14.840  6.118   1.00 45.16 ? 136 ASN P CA   1 
ATOM   949  C  C    . ASN A 1 136 ? -8.919  14.175  6.796   1.00 42.66 ? 136 ASN P C    1 
ATOM   950  O  O    . ASN A 1 136 ? -9.975  14.781  6.952   1.00 40.43 ? 136 ASN P O    1 
ATOM   951  C  CB   . ASN A 1 136 ? -7.106  15.892  7.034   1.00 47.83 ? 136 ASN P CB   1 
ATOM   952  C  CG   . ASN A 1 136 ? -5.769  16.385  6.515   1.00 55.19 ? 136 ASN P CG   1 
ATOM   953  O  OD1  . ASN A 1 136 ? -5.011  15.626  5.911   1.00 58.33 ? 136 ASN P OD1  1 
ATOM   954  N  ND2  . ASN A 1 136 ? -5.475  17.660  6.747   1.00 56.07 ? 136 ASN P ND2  1 
ATOM   955  N  N    . VAL A 1 137 ? -8.742  12.912  7.165   1.00 37.81 ? 137 VAL P N    1 
ATOM   956  C  CA   . VAL A 1 137 ? -9.771  12.160  7.858   1.00 36.15 ? 137 VAL P CA   1 
ATOM   957  C  C    . VAL A 1 137 ? -9.157  11.710  9.172   1.00 36.59 ? 137 VAL P C    1 
ATOM   958  O  O    . VAL A 1 137 ? -8.393  10.748  9.202   1.00 32.39 ? 137 VAL P O    1 
ATOM   959  C  CB   . VAL A 1 137 ? -10.233 10.949  7.028   1.00 36.42 ? 137 VAL P CB   1 
ATOM   960  C  CG1  . VAL A 1 137 ? -11.356 10.218  7.722   1.00 35.00 ? 137 VAL P CG1  1 
ATOM   961  C  CG2  . VAL A 1 137 ? -10.672 11.403  5.632   1.00 35.55 ? 137 VAL P CG2  1 
ATOM   962  N  N    . PRO A 1 138 ? -9.467  12.436  10.259  1.00 36.22 ? 138 PRO P N    1 
ATOM   963  C  CA   . PRO A 1 138 ? -8.843  12.226  11.568  1.00 35.46 ? 138 PRO P CA   1 
ATOM   964  C  C    . PRO A 1 138 ? -9.270  10.913  12.203  1.00 32.70 ? 138 PRO P C    1 
ATOM   965  O  O    . PRO A 1 138 ? -10.395 10.453  11.994  1.00 35.09 ? 138 PRO P O    1 
ATOM   966  C  CB   . PRO A 1 138 ? -9.373  13.401  12.404  1.00 38.19 ? 138 PRO P CB   1 
ATOM   967  C  CG   . PRO A 1 138 ? -9.855  14.407  11.406  1.00 39.33 ? 138 PRO P CG   1 
ATOM   968  C  CD   . PRO A 1 138 ? -10.377 13.592  10.267  1.00 39.59 ? 138 PRO P CD   1 
ATOM   969  N  N    . GLY A 1 139 ? -8.377  10.315  12.982  1.00 29.62 ? 139 GLY P N    1 
ATOM   970  C  CA   . GLY A 1 139 ? -8.741  9.132   13.732  1.00 30.39 ? 139 GLY P CA   1 
ATOM   971  C  C    . GLY A 1 139 ? -7.708  8.027   13.736  1.00 31.10 ? 139 GLY P C    1 
ATOM   972  O  O    . GLY A 1 139 ? -6.788  7.988   12.900  1.00 28.18 ? 139 GLY P O    1 
ATOM   973  N  N    . TYR A 1 140 ? -7.861  7.127   14.698  1.00 28.39 ? 140 TYR P N    1 
ATOM   974  C  CA   . TYR A 1 140 ? -7.024  5.947   14.775  1.00 28.48 ? 140 TYR P CA   1 
ATOM   975  C  C    . TYR A 1 140 ? -7.544  4.907   13.803  1.00 25.15 ? 140 TYR P C    1 
ATOM   976  O  O    . TYR A 1 140 ? -8.670  4.421   13.931  1.00 28.25 ? 140 TYR P O    1 
ATOM   977  C  CB   . TYR A 1 140 ? -7.026  5.378   16.193  1.00 28.65 ? 140 TYR P CB   1 
ATOM   978  C  CG   . TYR A 1 140 ? -6.317  6.256   17.205  1.00 30.40 ? 140 TYR P CG   1 
ATOM   979  C  CD1  . TYR A 1 140 ? -5.172  6.959   16.858  1.00 30.36 ? 140 TYR P CD1  1 
ATOM   980  C  CD2  . TYR A 1 140 ? -6.803  6.389   18.504  1.00 29.93 ? 140 TYR P CD2  1 
ATOM   981  C  CE1  . TYR A 1 140 ? -4.516  7.769   17.780  1.00 31.78 ? 140 TYR P CE1  1 
ATOM   982  C  CE2  . TYR A 1 140 ? -6.158  7.194   19.432  1.00 31.14 ? 140 TYR P CE2  1 
ATOM   983  C  CZ   . TYR A 1 140 ? -5.020  7.880   19.066  1.00 35.72 ? 140 TYR P CZ   1 
ATOM   984  O  OH   . TYR A 1 140 ? -4.380  8.684   19.987  1.00 32.01 ? 140 TYR P OH   1 
ATOM   985  N  N    . VAL A 1 141 ? -6.714  4.560   12.827  1.00 25.25 ? 141 VAL P N    1 
ATOM   986  C  CA   . VAL A 1 141 ? -7.058  3.512   11.880  1.00 23.32 ? 141 VAL P CA   1 
ATOM   987  C  C    . VAL A 1 141 ? -6.652  2.190   12.527  1.00 21.87 ? 141 VAL P C    1 
ATOM   988  O  O    . VAL A 1 141 ? -5.461  1.878   12.625  1.00 21.02 ? 141 VAL P O    1 
ATOM   989  C  CB   . VAL A 1 141 ? -6.302  3.700   10.542  1.00 22.62 ? 141 VAL P CB   1 
ATOM   990  C  CG1  . VAL A 1 141 ? -6.700  2.616   9.544   1.00 24.00 ? 141 VAL P CG1  1 
ATOM   991  C  CG2  . VAL A 1 141 ? -6.579  5.084   9.962   1.00 26.96 ? 141 VAL P CG2  1 
ATOM   992  N  N    . VAL A 1 142 ? -7.639  1.430   12.995  1.00 23.36 ? 142 VAL P N    1 
ATOM   993  C  CA   . VAL A 1 142 ? -7.373  0.216   13.768  1.00 21.24 ? 142 VAL P CA   1 
ATOM   994  C  C    . VAL A 1 142 ? -6.984  -0.978  12.903  1.00 21.77 ? 142 VAL P C    1 
ATOM   995  O  O    . VAL A 1 142 ? -7.769  -1.438  12.084  1.00 23.84 ? 142 VAL P O    1 
ATOM   996  C  CB   . VAL A 1 142 ? -8.590  -0.166  14.625  1.00 25.33 ? 142 VAL P CB   1 
ATOM   997  C  CG1  . VAL A 1 142 ? -8.303  -1.443  15.424  1.00 23.94 ? 142 VAL P CG1  1 
ATOM   998  C  CG2  . VAL A 1 142 ? -8.963  1.006   15.531  1.00 26.26 ? 142 VAL P CG2  1 
ATOM   999  N  N    . ARG A 1 143 ? -5.771  -1.487  13.112  1.00 19.48 ? 143 ARG P N    1 
ATOM   1000 C  CA   . ARG A 1 143 ? -5.270  -2.610  12.330  1.00 20.13 ? 143 ARG P CA   1 
ATOM   1001 C  C    . ARG A 1 143 ? -4.718  -3.703  13.242  1.00 22.06 ? 143 ARG P C    1 
ATOM   1002 O  O    . ARG A 1 143 ? -4.670  -3.539  14.460  1.00 22.15 ? 143 ARG P O    1 
ATOM   1003 C  CB   . ARG A 1 143 ? -4.172  -2.132  11.388  1.00 17.42 ? 143 ARG P CB   1 
ATOM   1004 C  CG   . ARG A 1 143 ? -4.628  -1.034  10.441  1.00 17.59 ? 143 ARG P CG   1 
ATOM   1005 C  CD   . ARG A 1 143 ? -3.555  -0.761  9.402   1.00 19.57 ? 143 ARG P CD   1 
ATOM   1006 N  NE   . ARG A 1 143 ? -3.974  0.264   8.442   1.00 20.10 ? 143 ARG P NE   1 
ATOM   1007 C  CZ   . ARG A 1 143 ? -4.798  0.050   7.425   1.00 19.69 ? 143 ARG P CZ   1 
ATOM   1008 N  NH1  . ARG A 1 143 ? -5.327  -1.151  7.228   1.00 21.88 ? 143 ARG P NH1  1 
ATOM   1009 N  NH2  . ARG A 1 143 ? -5.117  1.056   6.615   1.00 20.34 ? 143 ARG P NH2  1 
ATOM   1010 N  N    . HIS A 1 144 ? -4.310  -4.826  12.661  1.00 21.09 ? 144 HIS P N    1 
ATOM   1011 C  CA   . HIS A 1 144 ? -3.658  -5.867  13.460  1.00 19.82 ? 144 HIS P CA   1 
ATOM   1012 C  C    . HIS A 1 144 ? -2.268  -5.380  13.857  1.00 21.03 ? 144 HIS P C    1 
ATOM   1013 O  O    . HIS A 1 144 ? -1.585  -4.754  13.052  1.00 22.56 ? 144 HIS P O    1 
ATOM   1014 C  CB   . HIS A 1 144 ? -3.546  -7.154  12.656  1.00 20.08 ? 144 HIS P CB   1 
ATOM   1015 C  CG   . HIS A 1 144 ? -4.846  -7.632  12.094  1.00 23.54 ? 144 HIS P CG   1 
ATOM   1016 N  ND1  . HIS A 1 144 ? -5.928  -7.953  12.887  1.00 22.70 ? 144 HIS P ND1  1 
ATOM   1017 C  CD2  . HIS A 1 144 ? -5.236  -7.856  10.818  1.00 23.98 ? 144 HIS P CD2  1 
ATOM   1018 C  CE1  . HIS A 1 144 ? -6.928  -8.351  12.121  1.00 28.44 ? 144 HIS P CE1  1 
ATOM   1019 N  NE2  . HIS A 1 144 ? -6.534  -8.304  10.861  1.00 28.35 ? 144 HIS P NE2  1 
ATOM   1020 N  N    . ALA A 1 145 ? -1.831  -5.639  15.088  1.00 18.76 ? 145 ALA P N    1 
ATOM   1021 C  CA   . ALA A 1 145 ? -0.491  -5.180  15.469  1.00 20.28 ? 145 ALA P CA   1 
ATOM   1022 C  C    . ALA A 1 145 ? 0.591   -5.906  14.668  1.00 19.82 ? 145 ALA P C    1 
ATOM   1023 O  O    . ALA A 1 145 ? 1.564   -5.295  14.190  1.00 19.20 ? 145 ALA P O    1 
ATOM   1024 C  CB   . ALA A 1 145 ? -0.257  -5.365  16.957  1.00 23.81 ? 145 ALA P CB   1 
ATOM   1025 N  N    . ARG A 1 146 ? 0.431   -7.217  14.540  1.00 19.09 ? 146 ARG P N    1 
ATOM   1026 C  CA   . ARG A 1 146 ? 1.426   -8.043  13.869  1.00 21.84 ? 146 ARG P CA   1 
ATOM   1027 C  C    . ARG A 1 146 ? 0.733   -8.946  12.863  1.00 19.65 ? 146 ARG P C    1 
ATOM   1028 O  O    . ARG A 1 146 ? -0.374  -9.435  13.122  1.00 17.99 ? 146 ARG P O    1 
ATOM   1029 C  CB   . ARG A 1 146 ? 2.203   -8.874  14.909  1.00 22.29 ? 146 ARG P CB   1 
ATOM   1030 C  CG   . ARG A 1 146 ? 3.034   -8.012  15.867  1.00 22.46 ? 146 ARG P CG   1 
ATOM   1031 C  CD   . ARG A 1 146 ? 3.622   -8.789  17.038  1.00 25.43 ? 146 ARG P CD   1 
ATOM   1032 N  NE   . ARG A 1 146 ? 2.565   -9.321  17.895  1.00 26.71 ? 146 ARG P NE   1 
ATOM   1033 C  CZ   . ARG A 1 146 ? 1.940   -8.630  18.846  1.00 29.78 ? 146 ARG P CZ   1 
ATOM   1034 N  NH1  . ARG A 1 146 ? 2.256   -7.363  19.084  1.00 29.99 ? 146 ARG P NH1  1 
ATOM   1035 N  NH2  . ARG A 1 146 ? 0.986   -9.209  19.561  1.00 28.50 ? 146 ARG P NH2  1 
ATOM   1036 N  N    . VAL A 1 147 ? 1.377   -9.154  11.716  1.00 18.09 ? 147 VAL P N    1 
ATOM   1037 C  CA   . VAL A 1 147 ? 0.816   -9.984  10.661  1.00 19.46 ? 147 VAL P CA   1 
ATOM   1038 C  C    . VAL A 1 147 ? 1.877   -10.894 10.048  1.00 19.14 ? 147 VAL P C    1 
ATOM   1039 O  O    . VAL A 1 147 ? 3.049   -10.545 9.999   1.00 19.60 ? 147 VAL P O    1 
ATOM   1040 C  CB   . VAL A 1 147 ? 0.174   -9.137  9.538   1.00 15.83 ? 147 VAL P CB   1 
ATOM   1041 C  CG1  . VAL A 1 147 ? -1.124  -8.484  10.054  1.00 20.05 ? 147 VAL P CG1  1 
ATOM   1042 C  CG2  . VAL A 1 147 ? 1.159   -8.086  8.997   1.00 19.64 ? 147 VAL P CG2  1 
ATOM   1043 N  N    . THR A 1 148 ? 1.442   -12.070 9.610   1.00 18.85 ? 148 THR P N    1 
ATOM   1044 C  CA   . THR A 1 148 ? 2.260   -12.949 8.795   1.00 17.72 ? 148 THR P CA   1 
ATOM   1045 C  C    . THR A 1 148 ? 1.702   -12.849 7.385   1.00 19.84 ? 148 THR P C    1 
ATOM   1046 O  O    . THR A 1 148 ? 0.513   -13.089 7.174   1.00 19.69 ? 148 THR P O    1 
ATOM   1047 C  CB   . THR A 1 148 ? 2.151   -14.401 9.260   1.00 17.16 ? 148 THR P CB   1 
ATOM   1048 O  OG1  . THR A 1 148 ? 2.489   -14.479 10.647  1.00 18.16 ? 148 THR P OG1  1 
ATOM   1049 C  CG2  . THR A 1 148 ? 3.090   -15.284 8.462   1.00 18.37 ? 148 THR P CG2  1 
ATOM   1050 N  N    . VAL A 1 149 ? 2.561   -12.493 6.436   1.00 17.17 ? 149 VAL P N    1 
ATOM   1051 C  CA   . VAL A 1 149 ? 2.145   -12.219 5.069   1.00 17.04 ? 149 VAL P CA   1 
ATOM   1052 C  C    . VAL A 1 149 ? 2.802   -13.196 4.111   1.00 18.70 ? 149 VAL P C    1 
ATOM   1053 O  O    . VAL A 1 149 ? 4.026   -13.338 4.112   1.00 17.75 ? 149 VAL P O    1 
ATOM   1054 C  CB   . VAL A 1 149 ? 2.512   -10.763 4.677   1.00 18.00 ? 149 VAL P CB   1 
ATOM   1055 C  CG1  . VAL A 1 149 ? 2.133   -10.467 3.233   1.00 19.20 ? 149 VAL P CG1  1 
ATOM   1056 C  CG2  . VAL A 1 149 ? 1.814   -9.784  5.611   1.00 21.87 ? 149 VAL P CG2  1 
ATOM   1057 N  N    . ASP A 1 150 ? 1.981   -13.883 3.314   1.00 18.66 ? 150 ASP P N    1 
ATOM   1058 C  CA   . ASP A 1 150 ? 2.469   -14.668 2.188   1.00 16.59 ? 150 ASP P CA   1 
ATOM   1059 C  C    . ASP A 1 150 ? 2.397   -13.822 0.921   1.00 19.21 ? 150 ASP P C    1 
ATOM   1060 O  O    . ASP A 1 150 ? 1.436   -13.081 0.723   1.00 19.55 ? 150 ASP P O    1 
ATOM   1061 C  CB   . ASP A 1 150 ? 1.609   -15.908 1.966   1.00 19.73 ? 150 ASP P CB   1 
ATOM   1062 C  CG   . ASP A 1 150 ? 1.921   -17.016 2.936   1.00 25.90 ? 150 ASP P CG   1 
ATOM   1063 O  OD1  . ASP A 1 150 ? 2.735   -16.791 3.858   1.00 24.70 ? 150 ASP P OD1  1 
ATOM   1064 O  OD2  . ASP A 1 150 ? 1.331   -18.109 2.784   1.00 23.89 ? 150 ASP P OD2  1 
ATOM   1065 N  N    . TYR A 1 151 ? 3.403   -13.935 0.062   1.00 18.64 ? 151 TYR P N    1 
ATOM   1066 C  CA   . TYR A 1 151 ? 3.333   -13.308 -1.257  1.00 18.35 ? 151 TYR P CA   1 
ATOM   1067 C  C    . TYR A 1 151 ? 4.306   -13.977 -2.214  1.00 19.30 ? 151 TYR P C    1 
ATOM   1068 O  O    . TYR A 1 151 ? 5.172   -14.743 -1.790  1.00 20.36 ? 151 TYR P O    1 
ATOM   1069 C  CB   . TYR A 1 151 ? 3.614   -11.808 -1.174  1.00 18.71 ? 151 TYR P CB   1 
ATOM   1070 C  CG   . TYR A 1 151 ? 5.058   -11.468 -0.893  1.00 19.07 ? 151 TYR P CG   1 
ATOM   1071 C  CD1  . TYR A 1 151 ? 5.965   -11.307 -1.927  1.00 20.29 ? 151 TYR P CD1  1 
ATOM   1072 C  CD2  . TYR A 1 151 ? 5.512   -11.314 0.413   1.00 21.93 ? 151 TYR P CD2  1 
ATOM   1073 C  CE1  . TYR A 1 151 ? 7.291   -10.999 -1.674  1.00 20.88 ? 151 TYR P CE1  1 
ATOM   1074 C  CE2  . TYR A 1 151 ? 6.837   -11.000 0.674   1.00 20.78 ? 151 TYR P CE2  1 
ATOM   1075 C  CZ   . TYR A 1 151 ? 7.717   -10.851 -0.367  1.00 20.92 ? 151 TYR P CZ   1 
ATOM   1076 O  OH   . TYR A 1 151 ? 9.033   -10.543 -0.111  1.00 26.55 ? 151 TYR P OH   1 
ATOM   1077 N  N    . PHE A 1 152 ? 4.145   -13.698 -3.504  1.00 19.13 ? 152 PHE P N    1 
ATOM   1078 C  CA   . PHE A 1 152 ? 5.086   -14.164 -4.517  1.00 22.49 ? 152 PHE P CA   1 
ATOM   1079 C  C    . PHE A 1 152 ? 5.899   -13.009 -5.078  1.00 19.78 ? 152 PHE P C    1 
ATOM   1080 O  O    . PHE A 1 152 ? 5.385   -11.894 -5.240  1.00 19.09 ? 152 PHE P O    1 
ATOM   1081 C  CB   . PHE A 1 152 ? 4.341   -14.864 -5.652  1.00 24.10 ? 152 PHE P CB   1 
ATOM   1082 C  CG   . PHE A 1 152 ? 3.615   -16.092 -5.215  1.00 24.80 ? 152 PHE P CG   1 
ATOM   1083 C  CD1  . PHE A 1 152 ? 2.353   -16.002 -4.664  1.00 26.81 ? 152 PHE P CD1  1 
ATOM   1084 C  CD2  . PHE A 1 152 ? 4.206   -17.336 -5.328  1.00 28.68 ? 152 PHE P CD2  1 
ATOM   1085 C  CE1  . PHE A 1 152 ? 1.680   -17.133 -4.244  1.00 32.23 ? 152 PHE P CE1  1 
ATOM   1086 C  CE2  . PHE A 1 152 ? 3.543   -18.473 -4.906  1.00 29.22 ? 152 PHE P CE2  1 
ATOM   1087 C  CZ   . PHE A 1 152 ? 2.277   -18.374 -4.366  1.00 35.53 ? 152 PHE P CZ   1 
ATOM   1088 N  N    . ASP A 1 153 ? 7.172   -13.260 -5.364  1.00 21.71 ? 153 ASP P N    1 
ATOM   1089 C  CA   . ASP A 1 153 ? 7.970   -12.246 -6.015  1.00 22.36 ? 153 ASP P CA   1 
ATOM   1090 C  C    . ASP A 1 153 ? 7.823   -12.440 -7.521  1.00 24.00 ? 153 ASP P C    1 
ATOM   1091 O  O    . ASP A 1 153 ? 7.104   -13.341 -7.963  1.00 23.47 ? 153 ASP P O    1 
ATOM   1092 C  CB   . ASP A 1 153 ? 9.439   -12.300 -5.582  1.00 26.34 ? 153 ASP P CB   1 
ATOM   1093 C  CG   . ASP A 1 153 ? 10.084  -13.639 -5.860  1.00 29.06 ? 153 ASP P CG   1 
ATOM   1094 O  OD1  . ASP A 1 153 ? 9.621   -14.354 -6.778  1.00 29.39 ? 153 ASP P OD1  1 
ATOM   1095 O  OD2  . ASP A 1 153 ? 11.061  -13.980 -5.159  1.00 29.45 ? 153 ASP P OD2  1 
ATOM   1096 N  N    . LYS A 1 154 ? 8.508   -11.597 -8.280  1.00 25.79 ? 154 LYS P N    1 
ATOM   1097 C  CA   . LYS A 1 154 ? 8.396   -11.578 -9.747  1.00 28.58 ? 154 LYS P CA   1 
ATOM   1098 C  C    . LYS A 1 154 ? 8.741   -12.917 -10.413 1.00 35.46 ? 154 LYS P C    1 
ATOM   1099 O  O    . LYS A 1 154 ? 8.326   -13.178 -11.547 1.00 33.43 ? 154 LYS P O    1 
ATOM   1100 C  CB   . LYS A 1 154 ? 9.263   -10.457 -10.324 1.00 31.88 ? 154 LYS P CB   1 
ATOM   1101 C  CG   . LYS A 1 154 ? 10.724  -10.532 -9.900  1.00 37.93 ? 154 LYS P CG   1 
ATOM   1102 C  CD   . LYS A 1 154 ? 11.538  -9.359  -10.437 1.00 42.84 ? 154 LYS P CD   1 
ATOM   1103 C  CE   . LYS A 1 154 ? 11.216  -8.061  -9.704  1.00 44.62 ? 154 LYS P CE   1 
ATOM   1104 N  NZ   . LYS A 1 154 ? 12.196  -6.988  -10.039 1.00 47.73 ? 154 LYS P NZ   1 
ATOM   1105 N  N    . ASP A 1 155 ? 9.493   -13.759 -9.708  1.00 32.92 ? 155 ASP P N    1 
ATOM   1106 C  CA   . ASP A 1 155 ? 9.922   -15.051 -10.237 1.00 33.35 ? 155 ASP P CA   1 
ATOM   1107 C  C    . ASP A 1 155 ? 8.954   -16.167 -9.876  1.00 34.79 ? 155 ASP P C    1 
ATOM   1108 O  O    . ASP A 1 155 ? 9.185   -17.331 -10.204 1.00 37.22 ? 155 ASP P O    1 
ATOM   1109 C  CB   . ASP A 1 155 ? 11.317  -15.409 -9.717  1.00 37.84 ? 155 ASP P CB   1 
ATOM   1110 C  CG   . ASP A 1 155 ? 12.348  -14.351 -10.035 1.00 39.89 ? 155 ASP P CG   1 
ATOM   1111 O  OD1  . ASP A 1 155 ? 12.389  -13.881 -11.193 1.00 48.78 ? 155 ASP P OD1  1 
ATOM   1112 O  OD2  . ASP A 1 155 ? 13.127  -13.985 -9.129  1.00 44.98 ? 155 ASP P OD2  1 
ATOM   1113 N  N    . GLY A 1 156 ? 7.875   -15.818 -9.181  1.00 31.38 ? 156 GLY P N    1 
ATOM   1114 C  CA   . GLY A 1 156 ? 6.918   -16.808 -8.735  1.00 32.36 ? 156 GLY P CA   1 
ATOM   1115 C  C    . GLY A 1 156 ? 7.353   -17.575 -7.496  1.00 30.74 ? 156 GLY P C    1 
ATOM   1116 O  O    . GLY A 1 156 ? 6.706   -18.550 -7.113  1.00 30.23 ? 156 GLY P O    1 
ATOM   1117 N  N    . GLU A 1 157 ? 8.443   -17.135 -6.868  1.00 32.72 ? 157 GLU P N    1 
ATOM   1118 C  CA   . GLU A 1 157 ? 8.905   -17.736 -5.615  1.00 28.84 ? 157 GLU P CA   1 
ATOM   1119 C  C    . GLU A 1 157 ? 8.039   -17.226 -4.468  1.00 26.18 ? 157 GLU P C    1 
ATOM   1120 O  O    . GLU A 1 157 ? 7.760   -16.029 -4.384  1.00 26.73 ? 157 GLU P O    1 
ATOM   1121 C  CB   . GLU A 1 157 ? 10.362  -17.356 -5.339  1.00 31.36 ? 157 GLU P CB   1 
ATOM   1122 C  CG   . GLU A 1 157 ? 11.347  -17.718 -6.437  1.00 36.39 ? 157 GLU P CG   1 
ATOM   1123 C  CD   . GLU A 1 157 ? 11.732  -19.184 -6.416  1.00 44.23 ? 157 GLU P CD   1 
ATOM   1124 O  OE1  . GLU A 1 157 ? 11.144  -19.949 -5.624  1.00 49.01 ? 157 GLU P OE1  1 
ATOM   1125 O  OE2  . GLU A 1 157 ? 12.629  -19.573 -7.194  1.00 57.45 ? 157 GLU P OE2  1 
ATOM   1126 N  N    . LYS A 1 158 ? 7.635   -18.127 -3.581  1.00 27.17 ? 158 LYS P N    1 
ATOM   1127 C  CA   . LYS A 1 158 ? 6.788   -17.758 -2.449  1.00 26.47 ? 158 LYS P CA   1 
ATOM   1128 C  C    . LYS A 1 158 ? 7.620   -17.234 -1.282  1.00 25.97 ? 158 LYS P C    1 
ATOM   1129 O  O    . LYS A 1 158 ? 8.680   -17.774 -0.977  1.00 27.77 ? 158 LYS P O    1 
ATOM   1130 C  CB   . LYS A 1 158 ? 5.945   -18.950 -2.001  1.00 30.49 ? 158 LYS P CB   1 
ATOM   1131 C  CG   . LYS A 1 158 ? 4.833   -18.572 -1.045  1.00 28.14 ? 158 LYS P CG   1 
ATOM   1132 C  CD   . LYS A 1 158 ? 3.984   -19.769 -0.665  1.00 37.02 ? 158 LYS P CD   1 
ATOM   1133 C  CE   . LYS A 1 158 ? 2.847   -19.342 0.235   1.00 35.76 ? 158 LYS P CE   1 
ATOM   1134 N  NZ   . LYS A 1 158 ? 1.923   -20.469 0.556   1.00 38.13 ? 158 LYS P NZ   1 
ATOM   1135 N  N    . HIS A 1 159 ? 7.140   -16.171 -0.645  1.00 19.85 ? 159 HIS P N    1 
ATOM   1136 C  CA   . HIS A 1 159 ? 7.777   -15.635 0.553   1.00 20.42 ? 159 HIS P CA   1 
ATOM   1137 C  C    . HIS A 1 159 ? 6.767   -15.601 1.678   1.00 19.11 ? 159 HIS P C    1 
ATOM   1138 O  O    . HIS A 1 159 ? 5.580   -15.376 1.436   1.00 19.95 ? 159 HIS P O    1 
ATOM   1139 C  CB   . HIS A 1 159 ? 8.274   -14.214 0.294   1.00 20.65 ? 159 HIS P CB   1 
ATOM   1140 C  CG   . HIS A 1 159 ? 9.384   -14.142 -0.703  1.00 22.63 ? 159 HIS P CG   1 
ATOM   1141 N  ND1  . HIS A 1 159 ? 10.710  -14.118 -0.334  1.00 24.25 ? 159 HIS P ND1  1 
ATOM   1142 C  CD2  . HIS A 1 159 ? 9.365   -14.094 -2.057  1.00 22.50 ? 159 HIS P CD2  1 
ATOM   1143 C  CE1  . HIS A 1 159 ? 11.465  -14.059 -1.419  1.00 28.53 ? 159 HIS P CE1  1 
ATOM   1144 N  NE2  . HIS A 1 159 ? 10.671  -14.042 -2.477  1.00 25.62 ? 159 HIS P NE2  1 
ATOM   1145 N  N    . ARG A 1 160 ? 7.241   -15.834 2.900   1.00 20.19 ? 160 ARG P N    1 
ATOM   1146 C  CA   . ARG A 1 160 ? 6.408   -15.751 4.094   1.00 18.43 ? 160 ARG P CA   1 
ATOM   1147 C  C    . ARG A 1 160 ? 7.160   -14.895 5.108   1.00 19.97 ? 160 ARG P C    1 
ATOM   1148 O  O    . ARG A 1 160 ? 8.252   -15.264 5.556   1.00 20.66 ? 160 ARG P O    1 
ATOM   1149 C  CB   . ARG A 1 160 ? 6.135   -17.155 4.669   1.00 19.41 ? 160 ARG P CB   1 
ATOM   1150 C  CG   . ARG A 1 160 ? 5.247   -17.166 5.929   1.00 20.26 ? 160 ARG P CG   1 
ATOM   1151 C  CD   . ARG A 1 160 ? 4.686   -18.580 6.216   1.00 22.32 ? 160 ARG P CD   1 
ATOM   1152 N  NE   . ARG A 1 160 ? 3.609   -18.936 5.286   1.00 25.57 ? 160 ARG P NE   1 
ATOM   1153 C  CZ   . ARG A 1 160 ? 3.133   -20.164 5.085   1.00 31.18 ? 160 ARG P CZ   1 
ATOM   1154 N  NH1  . ARG A 1 160 ? 3.624   -21.208 5.748   1.00 25.49 ? 160 ARG P NH1  1 
ATOM   1155 N  NH2  . ARG A 1 160 ? 2.155   -20.352 4.202   1.00 30.18 ? 160 ARG P NH2  1 
ATOM   1156 N  N    . ILE A 1 161 ? 6.611   -13.728 5.431   1.00 19.09 ? 161 ILE P N    1 
ATOM   1157 C  CA   . ILE A 1 161 ? 7.297   -12.791 6.312   1.00 16.59 ? 161 ILE P CA   1 
ATOM   1158 C  C    . ILE A 1 161 ? 6.419   -12.365 7.475   1.00 19.65 ? 161 ILE P C    1 
ATOM   1159 O  O    . ILE A 1 161 ? 5.191   -12.396 7.390   1.00 18.84 ? 161 ILE P O    1 
ATOM   1160 C  CB   . ILE A 1 161 ? 7.814   -11.545 5.529   1.00 19.67 ? 161 ILE P CB   1 
ATOM   1161 C  CG1  . ILE A 1 161 ? 6.643   -10.710 5.003   1.00 17.70 ? 161 ILE P CG1  1 
ATOM   1162 C  CG2  . ILE A 1 161 ? 8.719   -11.991 4.398   1.00 20.27 ? 161 ILE P CG2  1 
ATOM   1163 C  CD1  . ILE A 1 161 ? 7.085   -9.418  4.275   1.00 18.94 ? 161 ILE P CD1  1 
ATOM   1164 N  N    . LYS A 1 162 ? 7.060   -11.999 8.580   1.00 19.09 ? 162 LYS P N    1 
ATOM   1165 C  CA   . LYS A 1 162 ? 6.339   -11.513 9.738   1.00 18.01 ? 162 LYS P CA   1 
ATOM   1166 C  C    . LYS A 1 162 ? 6.663   -10.050 9.965   1.00 18.91 ? 162 LYS P C    1 
ATOM   1167 O  O    . LYS A 1 162 ? 7.826   -9.660  9.978   1.00 21.39 ? 162 LYS P O    1 
ATOM   1168 C  CB   . LYS A 1 162 ? 6.670   -12.350 10.977  1.00 19.66 ? 162 LYS P CB   1 
ATOM   1169 C  CG   . LYS A 1 162 ? 6.045   -13.724 10.916  1.00 17.58 ? 162 LYS P CG   1 
ATOM   1170 C  CD   . LYS A 1 162 ? 6.481   -14.592 12.090  1.00 19.50 ? 162 LYS P CD   1 
ATOM   1171 C  CE   . LYS A 1 162 ? 5.614   -15.843 12.141  1.00 20.35 ? 162 LYS P CE   1 
ATOM   1172 N  NZ   . LYS A 1 162 ? 5.955   -16.752 13.279  1.00 17.95 ? 162 LYS P NZ   1 
ATOM   1173 N  N    . LEU A 1 163 ? 5.623   -9.243  10.138  1.00 18.87 ? 163 LEU P N    1 
ATOM   1174 C  CA   . LEU A 1 163 ? 5.793   -7.797  10.228  1.00 18.40 ? 163 LEU P CA   1 
ATOM   1175 C  C    . LEU A 1 163 ? 5.226   -7.264  11.530  1.00 18.38 ? 163 LEU P C    1 
ATOM   1176 O  O    . LEU A 1 163 ? 4.244   -7.783  12.043  1.00 20.01 ? 163 LEU P O    1 
ATOM   1177 C  CB   . LEU A 1 163 ? 5.062   -7.112  9.074   1.00 18.12 ? 163 LEU P CB   1 
ATOM   1178 C  CG   . LEU A 1 163 ? 5.546   -7.512  7.687   1.00 19.67 ? 163 LEU P CG   1 
ATOM   1179 C  CD1  . LEU A 1 163 ? 4.685   -6.838  6.659   1.00 21.93 ? 163 LEU P CD1  1 
ATOM   1180 C  CD2  . LEU A 1 163 ? 6.990   -7.116  7.539   1.00 22.07 ? 163 LEU P CD2  1 
ATOM   1181 N  N    . LYS A 1 164 ? 5.836   -6.201  12.042  1.00 20.02 ? 164 LYS P N    1 
ATOM   1182 C  CA   . LYS A 1 164 ? 5.315   -5.520  13.218  1.00 18.41 ? 164 LYS P CA   1 
ATOM   1183 C  C    . LYS A 1 164 ? 5.457   -4.017  13.021  1.00 23.03 ? 164 LYS P C    1 
ATOM   1184 O  O    . LYS A 1 164 ? 5.970   -3.575  11.994  1.00 20.42 ? 164 LYS P O    1 
ATOM   1185 C  CB   . LYS A 1 164 ? 6.063   -5.968  14.470  1.00 22.26 ? 164 LYS P CB   1 
ATOM   1186 C  CG   . LYS A 1 164 ? 7.528   -5.587  14.493  1.00 28.71 ? 164 LYS P CG   1 
ATOM   1187 C  CD   . LYS A 1 164 ? 8.191   -6.089  15.766  1.00 34.99 ? 164 LYS P CD   1 
ATOM   1188 C  CE   . LYS A 1 164 ? 9.663   -5.701  15.803  1.00 44.63 ? 164 LYS P CE   1 
ATOM   1189 N  NZ   . LYS A 1 164 ? 10.425  -6.321  14.683  1.00 44.92 ? 164 LYS P NZ   1 
ATOM   1190 N  N    . GLY A 1 165 ? 4.993   -3.237  13.996  1.00 23.17 ? 165 GLY P N    1 
ATOM   1191 C  CA   . GLY A 1 165 ? 5.185   -1.793  13.966  1.00 23.72 ? 165 GLY P CA   1 
ATOM   1192 C  C    . GLY A 1 165 ? 4.677   -1.133  12.695  1.00 23.84 ? 165 GLY P C    1 
ATOM   1193 O  O    . GLY A 1 165 ? 3.613   -1.482  12.184  1.00 22.59 ? 165 GLY P O    1 
ATOM   1194 N  N    . TYR A 1 166 ? 5.444   -0.167  12.189  1.00 20.53 ? 166 TYR P N    1 
ATOM   1195 C  CA   A TYR A 1 166 ? 5.082   0.594   10.993  0.51 24.73 ? 166 TYR P CA   1 
ATOM   1196 C  CA   B TYR A 1 166 ? 5.039   0.579   11.008  0.49 24.72 ? 166 TYR P CA   1 
ATOM   1197 C  C    . TYR A 1 166 ? 4.944   -0.308  9.762   1.00 21.39 ? 166 TYR P C    1 
ATOM   1198 O  O    . TYR A 1 166 ? 4.033   -0.140  8.949   1.00 20.20 ? 166 TYR P O    1 
ATOM   1199 C  CB   A TYR A 1 166 ? 6.142   1.677   10.745  0.51 24.56 ? 166 TYR P CB   1 
ATOM   1200 C  CB   B TYR A 1 166 ? 5.979   1.766   10.779  0.49 24.54 ? 166 TYR P CB   1 
ATOM   1201 C  CG   A TYR A 1 166 ? 5.749   2.796   9.796   0.51 27.68 ? 166 TYR P CG   1 
ATOM   1202 C  CG   B TYR A 1 166 ? 5.783   2.900   11.765  0.49 25.01 ? 166 TYR P CG   1 
ATOM   1203 C  CD1  A TYR A 1 166 ? 4.583   3.524   9.990   0.51 28.98 ? 166 TYR P CD1  1 
ATOM   1204 C  CD1  B TYR A 1 166 ? 5.304   4.137   11.346  0.49 31.00 ? 166 TYR P CD1  1 
ATOM   1205 C  CD2  A TYR A 1 166 ? 6.573   3.152   8.733   0.51 28.55 ? 166 TYR P CD2  1 
ATOM   1206 C  CD2  B TYR A 1 166 ? 6.073   2.736   13.111  0.49 31.14 ? 166 TYR P CD2  1 
ATOM   1207 C  CE1  A TYR A 1 166 ? 4.235   4.557   9.136   0.51 30.28 ? 166 TYR P CE1  1 
ATOM   1208 C  CE1  B TYR A 1 166 ? 5.125   5.177   12.242  0.49 31.65 ? 166 TYR P CE1  1 
ATOM   1209 C  CE2  A TYR A 1 166 ? 6.230   4.185   7.873   0.51 27.70 ? 166 TYR P CE2  1 
ATOM   1210 C  CE2  B TYR A 1 166 ? 5.894   3.769   14.014  0.49 31.14 ? 166 TYR P CE2  1 
ATOM   1211 C  CZ   A TYR A 1 166 ? 5.059   4.879   8.084   0.51 28.29 ? 166 TYR P CZ   1 
ATOM   1212 C  CZ   B TYR A 1 166 ? 5.421   4.985   13.575  0.49 32.34 ? 166 TYR P CZ   1 
ATOM   1213 O  OH   A TYR A 1 166 ? 4.713   5.907   7.245   0.51 31.81 ? 166 TYR P OH   1 
ATOM   1214 O  OH   B TYR A 1 166 ? 5.243   6.013   14.474  0.49 37.29 ? 166 TYR P OH   1 
ATOM   1215 N  N    . ASN A 1 167 ? 5.863   -1.262  9.619   1.00 23.00 ? 167 ASN P N    1 
ATOM   1216 C  CA   . ASN A 1 167 ? 5.826   -2.188  8.477   1.00 21.07 ? 167 ASN P CA   1 
ATOM   1217 C  C    . ASN A 1 167 ? 4.508   -2.936  8.389   1.00 17.71 ? 167 ASN P C    1 
ATOM   1218 O  O    . ASN A 1 167 ? 3.936   -3.101  7.301   1.00 17.81 ? 167 ASN P O    1 
ATOM   1219 C  CB   . ASN A 1 167 ? 6.930   -3.235  8.579   1.00 19.24 ? 167 ASN P CB   1 
ATOM   1220 C  CG   . ASN A 1 167 ? 8.310   -2.664  8.321   1.00 25.44 ? 167 ASN P CG   1 
ATOM   1221 O  OD1  . ASN A 1 167 ? 8.458   -1.537  7.855   1.00 25.28 ? 167 ASN P OD1  1 
ATOM   1222 N  ND2  . ASN A 1 167 ? 9.332   -3.454  8.623   1.00 28.85 ? 167 ASN P ND2  1 
ATOM   1223 N  N    . SER A 1 168 ? 4.046   -3.410  9.543   1.00 17.10 ? 168 SER P N    1 
ATOM   1224 C  CA   . SER A 1 168 ? 2.783   -4.124  9.619   1.00 17.46 ? 168 SER P CA   1 
ATOM   1225 C  C    . SER A 1 168 ? 1.642   -3.229  9.143   1.00 17.36 ? 168 SER P C    1 
ATOM   1226 O  O    . SER A 1 168 ? 0.817   -3.649  8.330   1.00 18.20 ? 168 SER P O    1 
ATOM   1227 C  CB   . SER A 1 168 ? 2.518   -4.602  11.055  1.00 16.62 ? 168 SER P CB   1 
ATOM   1228 O  OG   . SER A 1 168 ? 1.210   -5.113  11.160  1.00 19.03 ? 168 SER P OG   1 
ATOM   1229 N  N    . ILE A 1 169 ? 1.609   -1.990  9.629   1.00 16.32 ? 169 ILE P N    1 
ATOM   1230 C  CA   . ILE A 1 169 ? 0.567   -1.034  9.227   1.00 16.12 ? 169 ILE P CA   1 
ATOM   1231 C  C    . ILE A 1 169 ? 0.530   -0.777  7.709   1.00 18.72 ? 169 ILE P C    1 
ATOM   1232 O  O    . ILE A 1 169 ? -0.532  -0.805  7.082   1.00 19.53 ? 169 ILE P O    1 
ATOM   1233 C  CB   . ILE A 1 169 ? 0.753   0.332   9.931   1.00 20.44 ? 169 ILE P CB   1 
ATOM   1234 C  CG1  . ILE A 1 169 ? 0.702   0.181   11.456  1.00 21.78 ? 169 ILE P CG1  1 
ATOM   1235 C  CG2  . ILE A 1 169 ? -0.291  1.350   9.428   1.00 20.57 ? 169 ILE P CG2  1 
ATOM   1236 C  CD1  . ILE A 1 169 ? -0.638  -0.252  11.986  1.00 21.67 ? 169 ILE P CD1  1 
ATOM   1237 N  N    . VAL A 1 170 ? 1.693   -0.505  7.131   1.00 19.17 ? 170 VAL P N    1 
ATOM   1238 C  CA   . VAL A 1 170 ? 1.783   -0.172  5.709   1.00 17.59 ? 170 VAL P CA   1 
ATOM   1239 C  C    . VAL A 1 170 ? 1.291   -1.312  4.816   1.00 18.19 ? 170 VAL P C    1 
ATOM   1240 O  O    . VAL A 1 170 ? 0.498   -1.109  3.904   1.00 18.33 ? 170 VAL P O    1 
ATOM   1241 C  CB   . VAL A 1 170 ? 3.221   0.192   5.330   1.00 19.74 ? 170 VAL P CB   1 
ATOM   1242 C  CG1  . VAL A 1 170 ? 3.325   0.473   3.821   1.00 18.69 ? 170 VAL P CG1  1 
ATOM   1243 C  CG2  . VAL A 1 170 ? 3.680   1.398   6.145   1.00 22.55 ? 170 VAL P CG2  1 
ATOM   1244 N  N    . VAL A 1 171 ? 1.743   -2.528  5.100   1.00 18.80 ? 171 VAL P N    1 
ATOM   1245 C  CA   . VAL A 1 171 ? 1.341   -3.670  4.286   1.00 18.41 ? 171 VAL P CA   1 
ATOM   1246 C  C    . VAL A 1 171 ? -0.161  -3.915  4.370   1.00 18.09 ? 171 VAL P C    1 
ATOM   1247 O  O    . VAL A 1 171 ? -0.801  -4.209  3.365   1.00 18.38 ? 171 VAL P O    1 
ATOM   1248 C  CB   . VAL A 1 171 ? 2.157   -4.942  4.622   1.00 17.25 ? 171 VAL P CB   1 
ATOM   1249 C  CG1  . VAL A 1 171 ? 1.629   -6.136  3.830   1.00 18.83 ? 171 VAL P CG1  1 
ATOM   1250 C  CG2  . VAL A 1 171 ? 3.650   -4.697  4.297   1.00 18.17 ? 171 VAL P CG2  1 
ATOM   1251 N  N    . GLN A 1 172 ? -0.733  -3.755  5.562   1.00 16.78 ? 172 GLN P N    1 
ATOM   1252 C  CA   . GLN A 1 172 ? -2.164  -3.941  5.717   1.00 16.96 ? 172 GLN P CA   1 
ATOM   1253 C  C    . GLN A 1 172 ? -2.946  -2.887  4.951   1.00 17.27 ? 172 GLN P C    1 
ATOM   1254 O  O    . GLN A 1 172 ? -3.986  -3.180  4.374   1.00 19.52 ? 172 GLN P O    1 
ATOM   1255 C  CB   . GLN A 1 172 ? -2.541  -3.895  7.192   1.00 18.01 ? 172 GLN P CB   1 
ATOM   1256 C  CG   . GLN A 1 172 ? -2.050  -5.100  7.954   1.00 14.70 ? 172 GLN P CG   1 
ATOM   1257 C  CD   . GLN A 1 172 ? -2.406  -5.000  9.423   1.00 17.10 ? 172 GLN P CD   1 
ATOM   1258 O  OE1  . GLN A 1 172 ? -3.571  -5.111  9.792   1.00 20.20 ? 172 GLN P OE1  1 
ATOM   1259 N  NE2  . GLN A 1 172 ? -1.405  -4.742  10.262  1.00 18.32 ? 172 GLN P NE2  1 
ATOM   1260 N  N    . HIS A 1 173 ? -2.437  -1.663  4.972   1.00 17.41 ? 173 HIS P N    1 
ATOM   1261 C  CA   . HIS A 1 173 ? -3.013  -0.558  4.214   1.00 18.78 ? 173 HIS P CA   1 
ATOM   1262 C  C    . HIS A 1 173 ? -3.072  -0.889  2.713   1.00 19.06 ? 173 HIS P C    1 
ATOM   1263 O  O    . HIS A 1 173 ? -4.110  -0.724  2.070   1.00 17.69 ? 173 HIS P O    1 
ATOM   1264 C  CB   . HIS A 1 173 ? -2.179  0.703   4.439   1.00 18.46 ? 173 HIS P CB   1 
ATOM   1265 C  CG   . HIS A 1 173 ? -2.698  1.910   3.722   1.00 20.48 ? 173 HIS P CG   1 
ATOM   1266 N  ND1  . HIS A 1 173 ? -3.319  2.953   4.375   1.00 18.66 ? 173 HIS P ND1  1 
ATOM   1267 C  CD2  . HIS A 1 173 ? -2.679  2.243   2.410   1.00 24.32 ? 173 HIS P CD2  1 
ATOM   1268 C  CE1  . HIS A 1 173 ? -3.658  3.879   3.496   1.00 23.93 ? 173 HIS P CE1  1 
ATOM   1269 N  NE2  . HIS A 1 173 ? -3.286  3.468   2.297   1.00 21.48 ? 173 HIS P NE2  1 
ATOM   1270 N  N    . GLU A 1 174 ? -1.963  -1.380  2.169   1.00 16.82 ? 174 GLU P N    1 
ATOM   1271 C  CA   . GLU A 1 174 ? -1.898  -1.671  0.731   1.00 18.83 ? 174 GLU P CA   1 
ATOM   1272 C  C    . GLU A 1 174 ? -2.753  -2.886  0.371   1.00 19.96 ? 174 GLU P C    1 
ATOM   1273 O  O    . GLU A 1 174 ? -3.427  -2.909  -0.662  1.00 18.84 ? 174 GLU P O    1 
ATOM   1274 C  CB   . GLU A 1 174 ? -0.451  -1.869  0.259   1.00 19.05 ? 174 GLU P CB   1 
ATOM   1275 C  CG   . GLU A 1 174 ? 0.490   -0.695  0.563   1.00 20.11 ? 174 GLU P CG   1 
ATOM   1276 C  CD   . GLU A 1 174 ? -0.113  0.668   0.247   1.00 21.25 ? 174 GLU P CD   1 
ATOM   1277 O  OE1  . GLU A 1 174 ? -0.936  0.766   -0.687  1.00 20.65 ? 174 GLU P OE1  1 
ATOM   1278 O  OE2  . GLU A 1 174 ? 0.239   1.639   0.948   1.00 22.85 ? 174 GLU P OE2  1 
ATOM   1279 N  N    . ILE A 1 175 ? -2.730  -3.904  1.224   1.00 18.42 ? 175 ILE P N    1 
ATOM   1280 C  CA   . ILE A 1 175 ? -3.592  -5.055  1.000   1.00 17.02 ? 175 ILE P CA   1 
ATOM   1281 C  C    . ILE A 1 175 ? -5.065  -4.645  1.042   1.00 20.87 ? 175 ILE P C    1 
ATOM   1282 O  O    . ILE A 1 175 ? -5.880  -5.148  0.269   1.00 20.75 ? 175 ILE P O    1 
ATOM   1283 C  CB   . ILE A 1 175 ? -3.295  -6.195  1.987   1.00 18.23 ? 175 ILE P CB   1 
ATOM   1284 C  CG1  . ILE A 1 175 ? -1.943  -6.835  1.638   1.00 17.94 ? 175 ILE P CG1  1 
ATOM   1285 C  CG2  . ILE A 1 175 ? -4.405  -7.232  1.931   1.00 24.03 ? 175 ILE P CG2  1 
ATOM   1286 C  CD1  . ILE A 1 175 ? -1.438  -7.829  2.670   1.00 18.89 ? 175 ILE P CD1  1 
ATOM   1287 N  N    . ASP A 1 176 ? -5.402  -3.709  1.923   1.00 21.05 ? 176 ASP P N    1 
ATOM   1288 C  CA   . ASP A 1 176 ? -6.779  -3.210  1.982   1.00 19.98 ? 176 ASP P CA   1 
ATOM   1289 C  C    . ASP A 1 176 ? -7.172  -2.666  0.602   1.00 22.77 ? 176 ASP P C    1 
ATOM   1290 O  O    . ASP A 1 176 ? -8.259  -2.943  0.102   1.00 22.27 ? 176 ASP P O    1 
ATOM   1291 C  CB   . ASP A 1 176 ? -6.923  -2.113  3.039   1.00 19.62 ? 176 ASP P CB   1 
ATOM   1292 C  CG   . ASP A 1 176 ? -7.398  -2.639  4.400   1.00 22.51 ? 176 ASP P CG   1 
ATOM   1293 O  OD1  . ASP A 1 176 ? -7.741  -3.837  4.518   1.00 23.86 ? 176 ASP P OD1  1 
ATOM   1294 O  OD2  . ASP A 1 176 ? -7.434  -1.834  5.356   1.00 22.80 ? 176 ASP P OD2  1 
ATOM   1295 N  N    . HIS A 1 177 ? -6.277  -1.907  -0.021  1.00 21.07 ? 177 HIS P N    1 
ATOM   1296 C  CA   . HIS A 1 177 ? -6.548  -1.383  -1.365  1.00 22.21 ? 177 HIS P CA   1 
ATOM   1297 C  C    . HIS A 1 177 ? -6.925  -2.459  -2.381  1.00 24.74 ? 177 HIS P C    1 
ATOM   1298 O  O    . HIS A 1 177 ? -7.801  -2.238  -3.215  1.00 22.55 ? 177 HIS P O    1 
ATOM   1299 C  CB   . HIS A 1 177 ? -5.367  -0.577  -1.908  1.00 23.22 ? 177 HIS P CB   1 
ATOM   1300 C  CG   . HIS A 1 177 ? -5.334  0.842   -1.433  1.00 21.55 ? 177 HIS P CG   1 
ATOM   1301 N  ND1  . HIS A 1 177 ? -6.442  1.658   -1.464  1.00 21.93 ? 177 HIS P ND1  1 
ATOM   1302 C  CD2  . HIS A 1 177 ? -4.329  1.588   -0.919  1.00 18.93 ? 177 HIS P CD2  1 
ATOM   1303 C  CE1  . HIS A 1 177 ? -6.118  2.856   -1.007  1.00 22.56 ? 177 HIS P CE1  1 
ATOM   1304 N  NE2  . HIS A 1 177 ? -4.842  2.839   -0.672  1.00 19.62 ? 177 HIS P NE2  1 
ATOM   1305 N  N    . ILE A 1 178 ? -6.259  -3.612  -2.342  1.00 20.23 ? 178 ILE P N    1 
ATOM   1306 C  CA   . ILE A 1 178 ? -6.587  -4.649  -3.311  1.00 18.17 ? 178 ILE P CA   1 
ATOM   1307 C  C    . ILE A 1 178 ? -7.865  -5.399  -2.917  1.00 21.26 ? 178 ILE P C    1 
ATOM   1308 O  O    . ILE A 1 178 ? -8.356  -6.226  -3.682  1.00 21.07 ? 178 ILE P O    1 
ATOM   1309 C  CB   . ILE A 1 178 ? -5.417  -5.633  -3.585  1.00 17.14 ? 178 ILE P CB   1 
ATOM   1310 C  CG1  . ILE A 1 178 ? -5.065  -6.447  -2.338  1.00 19.47 ? 178 ILE P CG1  1 
ATOM   1311 C  CG2  . ILE A 1 178 ? -4.176  -4.889  -4.112  1.00 17.07 ? 178 ILE P CG2  1 
ATOM   1312 C  CD1  . ILE A 1 178 ? -3.944  -7.460  -2.593  1.00 21.21 ? 178 ILE P CD1  1 
ATOM   1313 N  N    . ASN A 1 179 ? -8.397  -5.101  -1.733  1.00 20.54 ? 179 ASN P N    1 
ATOM   1314 C  CA   . ASN A 1 179 ? -9.694  -5.641  -1.315  1.00 23.36 ? 179 ASN P CA   1 
ATOM   1315 C  C    . ASN A 1 179 ? -10.818 -4.610  -1.289  1.00 26.28 ? 179 ASN P C    1 
ATOM   1316 O  O    . ASN A 1 179 ? -11.888 -4.861  -0.718  1.00 25.11 ? 179 ASN P O    1 
ATOM   1317 C  CB   . ASN A 1 179 ? -9.586  -6.302  0.057   1.00 21.13 ? 179 ASN P CB   1 
ATOM   1318 C  CG   . ASN A 1 179 ? -8.820  -7.591  0.007   1.00 24.67 ? 179 ASN P CG   1 
ATOM   1319 O  OD1  . ASN A 1 179 ? -8.879  -8.313  -0.988  1.00 24.05 ? 179 ASN P OD1  1 
ATOM   1320 N  ND2  . ASN A 1 179 ? -8.093  -7.896  1.078   1.00 25.11 ? 179 ASN P ND2  1 
ATOM   1321 N  N    . GLY A 1 180 ? -10.561 -3.452  -1.889  1.00 26.53 ? 180 GLY P N    1 
ATOM   1322 C  CA   . GLY A 1 180 ? -11.556 -2.405  -2.028  1.00 27.84 ? 180 GLY P CA   1 
ATOM   1323 C  C    . GLY A 1 180 ? -11.844 -1.675  -0.734  1.00 27.22 ? 180 GLY P C    1 
ATOM   1324 O  O    . GLY A 1 180 ? -12.925 -1.113  -0.555  1.00 27.29 ? 180 GLY P O    1 
ATOM   1325 N  N    . ILE A 1 181 ? -10.872 -1.676  0.172   1.00 25.02 ? 181 ILE P N    1 
ATOM   1326 C  CA   . ILE A 1 181 ? -11.066 -1.106  1.504   1.00 26.60 ? 181 ILE P CA   1 
ATOM   1327 C  C    . ILE A 1 181 ? -10.211 0.153   1.670   1.00 26.74 ? 181 ILE P C    1 
ATOM   1328 O  O    . ILE A 1 181 ? -9.060  0.185   1.236   1.00 22.49 ? 181 ILE P O    1 
ATOM   1329 C  CB   . ILE A 1 181 ? -10.709 -2.140  2.595   1.00 23.90 ? 181 ILE P CB   1 
ATOM   1330 C  CG1  . ILE A 1 181 ? -11.687 -3.319  2.567   1.00 23.95 ? 181 ILE P CG1  1 
ATOM   1331 C  CG2  . ILE A 1 181 ? -10.719 -1.503  3.978   1.00 25.88 ? 181 ILE P CG2  1 
ATOM   1332 C  CD1  . ILE A 1 181 ? -11.194 -4.522  3.369   1.00 27.82 ? 181 ILE P CD1  1 
ATOM   1333 N  N    . MET A 1 182 ? -10.780 1.193   2.278   1.00 26.09 ? 182 MET P N    1 
ATOM   1334 C  CA   . MET A 1 182 ? -10.073 2.462   2.496   1.00 24.04 ? 182 MET P CA   1 
ATOM   1335 C  C    . MET A 1 182 ? -9.770  2.661   3.982   1.00 27.22 ? 182 MET P C    1 
ATOM   1336 O  O    . MET A 1 182 ? -10.483 2.138   4.835   1.00 25.74 ? 182 MET P O    1 
ATOM   1337 C  CB   . MET A 1 182 ? -10.919 3.627   1.987   1.00 26.87 ? 182 MET P CB   1 
ATOM   1338 C  CG   . MET A 1 182 ? -11.352 3.503   0.531   1.00 29.40 ? 182 MET P CG   1 
ATOM   1339 S  SD   . MET A 1 182 ? -9.998  3.708   -0.644  1.00 31.45 ? 182 MET P SD   1 
ATOM   1340 C  CE   . MET A 1 182 ? -9.460  5.374   -0.251  1.00 27.23 ? 182 MET P CE   1 
ATOM   1341 N  N    . PHE A 1 183 ? -8.725  3.423   4.296   1.00 25.46 ? 183 PHE P N    1 
ATOM   1342 C  CA   . PHE A 1 183 ? -8.269  3.516   5.684   1.00 26.66 ? 183 PHE P CA   1 
ATOM   1343 C  C    . PHE A 1 183 ? -9.371  3.963   6.654   1.00 29.48 ? 183 PHE P C    1 
ATOM   1344 O  O    . PHE A 1 183 ? -9.477  3.451   7.780   1.00 24.53 ? 183 PHE P O    1 
ATOM   1345 C  CB   . PHE A 1 183 ? -7.010  4.392   5.808   1.00 24.20 ? 183 PHE P CB   1 
ATOM   1346 C  CG   . PHE A 1 183 ? -7.260  5.866   5.642   1.00 26.59 ? 183 PHE P CG   1 
ATOM   1347 C  CD1  . PHE A 1 183 ? -7.640  6.644   6.726   1.00 27.58 ? 183 PHE P CD1  1 
ATOM   1348 C  CD2  . PHE A 1 183 ? -7.076  6.481   4.413   1.00 26.31 ? 183 PHE P CD2  1 
ATOM   1349 C  CE1  . PHE A 1 183 ? -7.857  8.005   6.585   1.00 25.03 ? 183 PHE P CE1  1 
ATOM   1350 C  CE2  . PHE A 1 183 ? -7.288  7.844   4.258   1.00 28.38 ? 183 PHE P CE2  1 
ATOM   1351 C  CZ   . PHE A 1 183 ? -7.683  8.609   5.345   1.00 26.62 ? 183 PHE P CZ   1 
ATOM   1352 N  N    . TYR A 1 184 ? -10.207 4.899   6.218   1.00 28.71 ? 184 TYR P N    1 
ATOM   1353 C  CA   . TYR A 1 184 ? -11.243 5.419   7.107   1.00 27.51 ? 184 TYR P CA   1 
ATOM   1354 C  C    . TYR A 1 184 ? -12.341 4.399   7.410   1.00 30.02 ? 184 TYR P C    1 
ATOM   1355 O  O    . TYR A 1 184 ? -13.151 4.602   8.319   1.00 30.00 ? 184 TYR P O    1 
ATOM   1356 C  CB   . TYR A 1 184 ? -11.820 6.738   6.581   1.00 28.74 ? 184 TYR P CB   1 
ATOM   1357 C  CG   . TYR A 1 184 ? -12.180 6.716   5.117   1.00 24.67 ? 184 TYR P CG   1 
ATOM   1358 C  CD1  . TYR A 1 184 ? -13.352 6.126   4.678   1.00 28.33 ? 184 TYR P CD1  1 
ATOM   1359 C  CD2  . TYR A 1 184 ? -11.352 7.305   4.178   1.00 30.18 ? 184 TYR P CD2  1 
ATOM   1360 C  CE1  . TYR A 1 184 ? -13.685 6.107   3.328   1.00 29.72 ? 184 TYR P CE1  1 
ATOM   1361 C  CE2  . TYR A 1 184 ? -11.673 7.296   2.836   1.00 30.95 ? 184 TYR P CE2  1 
ATOM   1362 C  CZ   . TYR A 1 184 ? -12.837 6.696   2.415   1.00 29.97 ? 184 TYR P CZ   1 
ATOM   1363 O  OH   . TYR A 1 184 ? -13.145 6.694   1.070   1.00 37.95 ? 184 TYR P OH   1 
ATOM   1364 N  N    . ASP A 1 185 ? -12.368 3.297   6.666   1.00 25.87 ? 185 ASP P N    1 
ATOM   1365 C  CA   . ASP A 1 185 ? -13.287 2.213   6.984   1.00 31.35 ? 185 ASP P CA   1 
ATOM   1366 C  C    . ASP A 1 185 ? -12.986 1.620   8.361   1.00 31.70 ? 185 ASP P C    1 
ATOM   1367 O  O    . ASP A 1 185 ? -13.857 1.012   8.977   1.00 29.23 ? 185 ASP P O    1 
ATOM   1368 C  CB   . ASP A 1 185 ? -13.226 1.104   5.929   1.00 29.15 ? 185 ASP P CB   1 
ATOM   1369 C  CG   . ASP A 1 185 ? -13.687 1.568   4.562   1.00 32.27 ? 185 ASP P CG   1 
ATOM   1370 O  OD1  . ASP A 1 185 ? -14.304 2.657   4.468   1.00 30.36 ? 185 ASP P OD1  1 
ATOM   1371 O  OD2  . ASP A 1 185 ? -13.435 0.843   3.576   1.00 33.20 ? 185 ASP P OD2  1 
ATOM   1372 N  N    . ARG A 1 186 ? -11.754 1.800   8.835   1.00 27.47 ? 186 ARG P N    1 
ATOM   1373 C  CA   . ARG A 1 186 ? -11.310 1.167   10.078  1.00 27.81 ? 186 ARG P CA   1 
ATOM   1374 C  C    . ARG A 1 186 ? -11.151 2.148   11.235  1.00 27.34 ? 186 ARG P C    1 
ATOM   1375 O  O    . ARG A 1 186 ? -10.563 1.808   12.261  1.00 27.73 ? 186 ARG P O    1 
ATOM   1376 C  CB   . ARG A 1 186 ? -9.987  0.425   9.864   1.00 28.11 ? 186 ARG P CB   1 
ATOM   1377 C  CG   . ARG A 1 186 ? -10.061 -0.668  8.811   1.00 27.84 ? 186 ARG P CG   1 
ATOM   1378 C  CD   . ARG A 1 186 ? -8.765  -1.453  8.745   1.00 25.43 ? 186 ARG P CD   1 
ATOM   1379 N  NE   . ARG A 1 186 ? -8.811  -2.457  7.694   1.00 24.49 ? 186 ARG P NE   1 
ATOM   1380 C  CZ   . ARG A 1 186 ? -9.458  -3.612  7.790   1.00 26.78 ? 186 ARG P CZ   1 
ATOM   1381 N  NH1  . ARG A 1 186 ? -10.125 -3.912  8.904   1.00 29.14 ? 186 ARG P NH1  1 
ATOM   1382 N  NH2  . ARG A 1 186 ? -9.448  -4.462  6.772   1.00 25.45 ? 186 ARG P NH2  1 
ATOM   1383 N  N    . ILE A 1 187 ? -11.661 3.363   11.065  1.00 29.90 ? 187 ILE P N    1 
ATOM   1384 C  CA   . ILE A 1 187 ? -11.669 4.342   12.145  1.00 29.98 ? 187 ILE P CA   1 
ATOM   1385 C  C    . ILE A 1 187 ? -12.963 4.177   12.932  1.00 34.54 ? 187 ILE P C    1 
ATOM   1386 O  O    . ILE A 1 187 ? -14.021 3.915   12.354  1.00 31.85 ? 187 ILE P O    1 
ATOM   1387 C  CB   . ILE A 1 187 ? -11.572 5.783   11.602  1.00 32.72 ? 187 ILE P CB   1 
ATOM   1388 C  CG1  . ILE A 1 187 ? -10.256 5.977   10.834  1.00 30.42 ? 187 ILE P CG1  1 
ATOM   1389 C  CG2  . ILE A 1 187 ? -11.694 6.796   12.741  1.00 33.12 ? 187 ILE P CG2  1 
ATOM   1390 C  CD1  . ILE A 1 187 ? -10.120 7.330   10.144  1.00 28.13 ? 187 ILE P CD1  1 
ATOM   1391 N  N    . ASN A 1 188 ? -12.875 4.309   14.251  1.00 33.29 ? 188 ASN P N    1 
ATOM   1392 C  CA   . ASN A 1 188 ? -14.057 4.207   15.093  1.00 38.88 ? 188 ASN P CA   1 
ATOM   1393 C  C    . ASN A 1 188 ? -15.019 5.347   14.783  1.00 39.47 ? 188 ASN P C    1 
ATOM   1394 O  O    . ASN A 1 188 ? -14.683 6.520   14.960  1.00 39.94 ? 188 ASN P O    1 
ATOM   1395 C  CB   . ASN A 1 188 ? -13.661 4.214   16.569  1.00 36.28 ? 188 ASN P CB   1 
ATOM   1396 C  CG   . ASN A 1 188 ? -14.789 3.757   17.473  1.00 43.97 ? 188 ASN P CG   1 
ATOM   1397 O  OD1  . ASN A 1 188 ? -15.942 4.133   17.278  1.00 40.35 ? 188 ASN P OD1  1 
ATOM   1398 N  ND2  . ASN A 1 188 ? -14.462 2.925   18.455  1.00 38.77 ? 188 ASN P ND2  1 
ATOM   1399 N  N    . GLU A 1 189 ? -16.210 4.998   14.311  1.00 47.31 ? 189 GLU P N    1 
ATOM   1400 C  CA   . GLU A 1 189 ? -17.164 5.999   13.843  1.00 52.78 ? 189 GLU P CA   1 
ATOM   1401 C  C    . GLU A 1 189 ? -17.569 6.995   14.933  1.00 53.22 ? 189 GLU P C    1 
ATOM   1402 O  O    . GLU A 1 189 ? -17.512 8.209   14.726  1.00 57.18 ? 189 GLU P O    1 
ATOM   1403 C  CB   . GLU A 1 189 ? -18.400 5.331   13.236  1.00 53.20 ? 189 GLU P CB   1 
ATOM   1404 C  CG   . GLU A 1 189 ? -19.232 6.267   12.364  1.00 57.67 ? 189 GLU P CG   1 
ATOM   1405 C  CD   . GLU A 1 189 ? -20.126 5.524   11.384  1.00 62.18 ? 189 GLU P CD   1 
ATOM   1406 O  OE1  . GLU A 1 189 ? -20.808 6.194   10.577  1.00 61.44 ? 189 GLU P OE1  1 
ATOM   1407 O  OE2  . GLU A 1 189 ? -20.145 4.274   11.418  1.00 63.41 ? 189 GLU P OE2  1 
ATOM   1408 N  N    . LYS A 1 190 ? -17.969 6.485   16.092  1.00 53.39 ? 190 LYS P N    1 
ATOM   1409 C  CA   . LYS A 1 190 ? -18.381 7.361   17.186  1.00 52.26 ? 190 LYS P CA   1 
ATOM   1410 C  C    . LYS A 1 190 ? -17.216 8.193   17.725  1.00 55.47 ? 190 LYS P C    1 
ATOM   1411 O  O    . LYS A 1 190 ? -17.186 9.413   17.544  1.00 58.21 ? 190 LYS P O    1 
ATOM   1412 C  CB   . LYS A 1 190 ? -19.071 6.567   18.293  1.00 58.96 ? 190 LYS P CB   1 
ATOM   1413 C  CG   . LYS A 1 190 ? -20.474 6.122   17.907  1.00 60.85 ? 190 LYS P CG   1 
ATOM   1414 C  CD   . LYS A 1 190 ? -21.288 7.303   17.378  1.00 55.24 ? 190 LYS P CD   1 
ATOM   1415 C  CE   . LYS A 1 190 ? -22.553 6.843   16.674  1.00 49.41 ? 190 LYS P CE   1 
ATOM   1416 N  NZ   . LYS A 1 190 ? -22.238 5.997   15.488  1.00 52.58 ? 190 LYS P NZ   1 
ATOM   1417 N  N    . ASP A 1 191 ? -16.254 7.539   18.369  1.00 48.46 ? 191 ASP P N    1 
ATOM   1418 C  CA   . ASP A 1 191 ? -15.061 8.244   18.830  1.00 45.60 ? 191 ASP P CA   1 
ATOM   1419 C  C    . ASP A 1 191 ? -13.810 7.838   18.044  1.00 41.71 ? 191 ASP P C    1 
ATOM   1420 O  O    . ASP A 1 191 ? -13.196 6.813   18.331  1.00 38.05 ? 191 ASP P O    1 
ATOM   1421 C  CB   . ASP A 1 191 ? -14.843 8.032   20.329  1.00 43.30 ? 191 ASP P CB   1 
ATOM   1422 C  CG   . ASP A 1 191 ? -13.692 8.861   20.868  1.00 46.09 ? 191 ASP P CG   1 
ATOM   1423 O  OD1  . ASP A 1 191 ? -13.261 9.803   20.167  1.00 49.14 ? 191 ASP P OD1  1 
ATOM   1424 O  OD2  . ASP A 1 191 ? -13.225 8.575   21.991  1.00 49.32 ? 191 ASP P OD2  1 
ATOM   1425 N  N    . PRO A 1 192 ? -13.424 8.658   17.057  1.00 41.34 ? 192 PRO P N    1 
ATOM   1426 C  CA   . PRO A 1 192 ? -12.278 8.356   16.189  1.00 35.48 ? 192 PRO P CA   1 
ATOM   1427 C  C    . PRO A 1 192 ? -10.981 8.125   16.965  1.00 37.93 ? 192 PRO P C    1 
ATOM   1428 O  O    . PRO A 1 192 ? -10.095 7.415   16.482  1.00 35.98 ? 192 PRO P O    1 
ATOM   1429 C  CB   . PRO A 1 192 ? -12.152 9.616   15.326  1.00 38.00 ? 192 PRO P CB   1 
ATOM   1430 C  CG   . PRO A 1 192 ? -13.520 10.215  15.335  1.00 44.48 ? 192 PRO P CG   1 
ATOM   1431 C  CD   . PRO A 1 192 ? -14.065 9.936   16.703  1.00 43.43 ? 192 PRO P CD   1 
ATOM   1432 N  N    . PHE A 1 193 ? -10.867 8.716   18.149  1.00 35.55 ? 193 PHE P N    1 
ATOM   1433 C  CA   . PHE A 1 193 ? -9.654  8.567   18.947  1.00 33.91 ? 193 PHE P CA   1 
ATOM   1434 C  C    . PHE A 1 193 ? -9.825  7.709   20.209  1.00 33.82 ? 193 PHE P C    1 
ATOM   1435 O  O    . PHE A 1 193 ? -9.068  7.845   21.167  1.00 33.55 ? 193 PHE P O    1 
ATOM   1436 C  CB   . PHE A 1 193 ? -9.078  9.935   19.303  1.00 32.34 ? 193 PHE P CB   1 
ATOM   1437 C  CG   . PHE A 1 193 ? -8.608  10.721  18.111  1.00 36.78 ? 193 PHE P CG   1 
ATOM   1438 C  CD1  . PHE A 1 193 ? -9.383  11.744  17.587  1.00 38.16 ? 193 PHE P CD1  1 
ATOM   1439 C  CD2  . PHE A 1 193 ? -7.395  10.427  17.506  1.00 34.43 ? 193 PHE P CD2  1 
ATOM   1440 C  CE1  . PHE A 1 193 ? -8.947  12.473  16.486  1.00 36.48 ? 193 PHE P CE1  1 
ATOM   1441 C  CE2  . PHE A 1 193 ? -6.955  11.148  16.403  1.00 37.37 ? 193 PHE P CE2  1 
ATOM   1442 C  CZ   . PHE A 1 193 ? -7.735  12.171  15.894  1.00 37.51 ? 193 PHE P CZ   1 
ATOM   1443 N  N    . ALA A 1 194 ? -10.804 6.815   20.195  1.00 35.16 ? 194 ALA P N    1 
ATOM   1444 C  CA   . ALA A 1 194 ? -10.953 5.856   21.286  1.00 35.75 ? 194 ALA P CA   1 
ATOM   1445 C  C    . ALA A 1 194 ? -9.705  4.981   21.386  1.00 36.52 ? 194 ALA P C    1 
ATOM   1446 O  O    . ALA A 1 194 ? -9.157  4.554   20.366  1.00 33.76 ? 194 ALA P O    1 
ATOM   1447 C  CB   . ALA A 1 194 ? -12.188 4.991   21.065  1.00 39.71 ? 194 ALA P CB   1 
ATOM   1448 N  N    . VAL A 1 195 ? -9.241  4.731   22.606  1.00 34.23 ? 195 VAL P N    1 
ATOM   1449 C  CA   . VAL A 1 195 ? -8.165  3.768   22.812  1.00 30.23 ? 195 VAL P CA   1 
ATOM   1450 C  C    . VAL A 1 195 ? -8.735  2.509   23.451  1.00 37.27 ? 195 VAL P C    1 
ATOM   1451 O  O    . VAL A 1 195 ? -8.760  2.369   24.676  1.00 34.40 ? 195 VAL P O    1 
ATOM   1452 C  CB   . VAL A 1 195 ? -7.022  4.340   23.660  1.00 35.95 ? 195 VAL P CB   1 
ATOM   1453 C  CG1  . VAL A 1 195 ? -5.886  3.330   23.758  1.00 35.62 ? 195 VAL P CG1  1 
ATOM   1454 C  CG2  . VAL A 1 195 ? -6.518  5.646   23.051  1.00 36.55 ? 195 VAL P CG2  1 
ATOM   1455 N  N    . LYS A 1 196 ? -9.213  1.602   22.610  1.00 33.68 ? 196 LYS P N    1 
ATOM   1456 C  CA   . LYS A 1 196 ? -9.819  0.368   23.078  1.00 33.07 ? 196 LYS P CA   1 
ATOM   1457 C  C    . LYS A 1 196 ? -8.817  -0.539  23.782  1.00 29.01 ? 196 LYS P C    1 
ATOM   1458 O  O    . LYS A 1 196 ? -7.608  -0.435  23.587  1.00 27.25 ? 196 LYS P O    1 
ATOM   1459 C  CB   . LYS A 1 196 ? -10.472 -0.377  21.912  1.00 39.51 ? 196 LYS P CB   1 
ATOM   1460 C  CG   . LYS A 1 196 ? -11.807 0.204   21.467  1.00 45.56 ? 196 LYS P CG   1 
ATOM   1461 C  CD   . LYS A 1 196 ? -12.905 -0.851  21.550  1.00 59.00 ? 196 LYS P CD   1 
ATOM   1462 C  CE   . LYS A 1 196 ? -14.123 -0.473  20.717  1.00 59.66 ? 196 LYS P CE   1 
ATOM   1463 N  NZ   . LYS A 1 196 ? -15.142 -1.565  20.714  1.00 66.65 ? 196 LYS P NZ   1 
ATOM   1464 N  N    . ASP A 1 197 ? -9.329  -1.430  24.616  1.00 28.39 ? 197 ASP P N    1 
ATOM   1465 C  CA   . ASP A 1 197 ? -8.480  -2.419  25.238  1.00 29.44 ? 197 ASP P CA   1 
ATOM   1466 C  C    . ASP A 1 197 ? -7.820  -3.256  24.143  1.00 29.25 ? 197 ASP P C    1 
ATOM   1467 O  O    . ASP A 1 197 ? -8.493  -3.712  23.219  1.00 27.72 ? 197 ASP P O    1 
ATOM   1468 C  CB   . ASP A 1 197 ? -9.313  -3.307  26.161  1.00 27.38 ? 197 ASP P CB   1 
ATOM   1469 C  CG   . ASP A 1 197 ? -8.462  -4.157  27.054  1.00 33.49 ? 197 ASP P CG   1 
ATOM   1470 O  OD1  . ASP A 1 197 ? -7.819  -3.602  27.970  1.00 33.26 ? 197 ASP P OD1  1 
ATOM   1471 O  OD2  . ASP A 1 197 ? -8.438  -5.385  26.833  1.00 36.11 ? 197 ASP P OD2  1 
ATOM   1472 N  N    . GLY A 1 198 ? -6.505  -3.435  24.229  1.00 24.43 ? 198 GLY P N    1 
ATOM   1473 C  CA   . GLY A 1 198 ? -5.793  -4.245  23.258  1.00 22.59 ? 198 GLY P CA   1 
ATOM   1474 C  C    . GLY A 1 198 ? -5.310  -3.457  22.048  1.00 23.21 ? 198 GLY P C    1 
ATOM   1475 O  O    . GLY A 1 198 ? -4.755  -4.034  21.116  1.00 24.84 ? 198 GLY P O    1 
ATOM   1476 N  N    . LEU A 1 199 ? -5.509  -2.143  22.070  1.00 21.85 ? 199 LEU P N    1 
ATOM   1477 C  CA   . LEU A 1 199 ? -5.039  -1.278  20.976  1.00 20.95 ? 199 LEU P CA   1 
ATOM   1478 C  C    . LEU A 1 199 ? -3.709  -0.607  21.306  1.00 24.00 ? 199 LEU P C    1 
ATOM   1479 O  O    . LEU A 1 199 ? -3.600  0.179   22.252  1.00 28.31 ? 199 LEU P O    1 
ATOM   1480 C  CB   . LEU A 1 199 ? -6.091  -0.229  20.607  1.00 24.37 ? 199 LEU P CB   1 
ATOM   1481 C  CG   . LEU A 1 199 ? -5.745  0.724   19.443  1.00 24.84 ? 199 LEU P CG   1 
ATOM   1482 C  CD1  . LEU A 1 199 ? -5.598  -0.058  18.153  1.00 21.81 ? 199 LEU P CD1  1 
ATOM   1483 C  CD2  . LEU A 1 199 ? -6.809  1.791   19.271  1.00 25.31 ? 199 LEU P CD2  1 
ATOM   1484 N  N    . LEU A 1 200 ? -2.695  -0.927  20.514  1.00 24.70 ? 200 LEU P N    1 
ATOM   1485 C  CA   . LEU A 1 200 ? -1.374  -0.349  20.677  1.00 24.65 ? 200 LEU P CA   1 
ATOM   1486 C  C    . LEU A 1 200 ? -1.275  0.900   19.794  1.00 28.79 ? 200 LEU P C    1 
ATOM   1487 O  O    . LEU A 1 200 ? -1.457  0.820   18.583  1.00 28.73 ? 200 LEU P O    1 
ATOM   1488 C  CB   . LEU A 1 200 ? -0.328  -1.382  20.261  1.00 29.20 ? 200 LEU P CB   1 
ATOM   1489 C  CG   . LEU A 1 200 ? 1.145   -1.099  20.532  1.00 35.76 ? 200 LEU P CG   1 
ATOM   1490 C  CD1  . LEU A 1 200 ? 1.370   -0.882  22.021  1.00 37.06 ? 200 LEU P CD1  1 
ATOM   1491 C  CD2  . LEU A 1 200 ? 1.977   -2.270  20.030  1.00 35.43 ? 200 LEU P CD2  1 
ATOM   1492 N  N    . ILE A 1 201 ? -1.008  2.055   20.397  1.00 28.03 ? 201 ILE P N    1 
ATOM   1493 C  CA   . ILE A 1 201 ? -0.854  3.291   19.627  1.00 27.95 ? 201 ILE P CA   1 
ATOM   1494 C  C    . ILE A 1 201 ? 0.613   3.517   19.306  1.00 32.93 ? 201 ILE P C    1 
ATOM   1495 O  O    . ILE A 1 201 ? 1.444   3.621   20.207  1.00 34.25 ? 201 ILE P O    1 
ATOM   1496 C  CB   . ILE A 1 201 ? -1.416  4.514   20.383  1.00 29.94 ? 201 ILE P CB   1 
ATOM   1497 C  CG1  . ILE A 1 201 ? -2.911  4.333   20.643  1.00 27.34 ? 201 ILE P CG1  1 
ATOM   1498 C  CG2  . ILE A 1 201 ? -1.139  5.802   19.617  1.00 31.13 ? 201 ILE P CG2  1 
ATOM   1499 C  CD1  . ILE A 1 201 ? -3.732  4.066   19.394  1.00 27.13 ? 201 ILE P CD1  1 
ATOM   1500 N  N    . LEU A 1 202 ? 0.921   3.577   18.014  1.00 28.38 ? 202 LEU P N    1 
ATOM   1501 C  CA   . LEU A 1 202 ? 2.294   3.692   17.543  1.00 29.75 ? 202 LEU P CA   1 
ATOM   1502 C  C    . LEU A 1 202 ? 2.709   5.153   17.408  1.00 34.47 ? 202 LEU P C    1 
ATOM   1503 O  O    . LEU A 1 202 ? 2.077   5.924   16.684  1.00 32.54 ? 202 LEU P O    1 
ATOM   1504 C  CB   . LEU A 1 202 ? 2.453   2.990   16.192  1.00 30.10 ? 202 LEU P CB   1 
ATOM   1505 C  CG   . LEU A 1 202 ? 2.029   1.521   16.144  1.00 30.09 ? 202 LEU P CG   1 
ATOM   1506 C  CD1  . LEU A 1 202 ? 2.112   0.995   14.714  1.00 24.38 ? 202 LEU P CD1  1 
ATOM   1507 C  CD2  . LEU A 1 202 ? 2.877   0.683   17.080  1.00 31.52 ? 202 LEU P CD2  1 
ATOM   1508 N  N    . GLU A 1 203 ? 3.780   5.521   18.098  1.00 36.12 ? 203 GLU P N    1 
ATOM   1509 C  CA   . GLU A 1 203 ? 4.270   6.890   18.052  1.00 46.49 ? 203 GLU P CA   1 
ATOM   1510 C  C    . GLU A 1 203 ? 5.588   7.025   18.805  1.00 51.57 ? 203 GLU P C    1 
ATOM   1511 O  O    . GLU A 1 203 ? 5.615   7.186   20.025  1.00 52.63 ? 203 GLU P O    1 
ATOM   1512 C  CB   . GLU A 1 203 ? 3.226   7.847   18.636  1.00 43.14 ? 203 GLU P CB   1 
ATOM   1513 C  CG   . GLU A 1 203 ? 2.972   9.082   17.785  1.00 50.65 ? 203 GLU P CG   1 
ATOM   1514 C  CD   . GLU A 1 203 ? 1.904   9.983   18.375  1.00 52.80 ? 203 GLU P CD   1 
ATOM   1515 O  OE1  . GLU A 1 203 ? 0.773   9.499   18.606  1.00 53.97 ? 203 GLU P OE1  1 
ATOM   1516 O  OE2  . GLU A 1 203 ? 2.200   11.170  18.620  1.00 60.09 ? 203 GLU P OE2  1 
ATOM   1517 O  OXT  . GLU A 1 203 ? 6.660   6.979   18.200  1.00 61.57 ? 203 GLU P OXT  1 
HETATM 1518 NI NI   . NI  B 2 .   ? -3.588  4.262   0.292   1.00 26.08 ? 204 NI  P NI   1 
HETATM 1519 S  S    . SO4 C 3 .   ? 1.064   -12.768 18.501  1.00 38.96 ? 205 SO4 P S    1 
HETATM 1520 O  O1   . SO4 C 3 .   ? 0.359   -11.894 19.438  1.00 38.06 ? 205 SO4 P O1   1 
HETATM 1521 O  O2   . SO4 C 3 .   ? 1.673   -11.971 17.432  1.00 38.53 ? 205 SO4 P O2   1 
HETATM 1522 O  O3   . SO4 C 3 .   ? 0.108   -13.710 17.929  1.00 36.22 ? 205 SO4 P O3   1 
HETATM 1523 O  O4   . SO4 C 3 .   ? 2.124   -13.498 19.194  1.00 43.83 ? 205 SO4 P O4   1 
HETATM 1524 S  S    . SO4 D 3 .   ? 11.821  -6.667  -4.459  1.00 49.45 ? 206 SO4 P S    1 
HETATM 1525 O  O1   . SO4 D 3 .   ? 12.364  -7.052  -5.764  1.00 52.21 ? 206 SO4 P O1   1 
HETATM 1526 O  O2   . SO4 D 3 .   ? 12.852  -6.823  -3.430  1.00 47.92 ? 206 SO4 P O2   1 
HETATM 1527 O  O3   . SO4 D 3 .   ? 11.420  -5.262  -4.525  1.00 45.36 ? 206 SO4 P O3   1 
HETATM 1528 O  O4   . SO4 D 3 .   ? 10.671  -7.511  -4.129  1.00 35.06 ? 206 SO4 P O4   1 
HETATM 1529 S  S    . SO4 E 3 .   ? 8.456   0.335   -24.883 1.00 58.49 ? 207 SO4 P S    1 
HETATM 1530 O  O1   . SO4 E 3 .   ? 7.953   -0.856  -25.569 1.00 62.77 ? 207 SO4 P O1   1 
HETATM 1531 O  O2   . SO4 E 3 .   ? 9.834   0.592   -25.307 1.00 54.02 ? 207 SO4 P O2   1 
HETATM 1532 O  O3   . SO4 E 3 .   ? 7.615   1.485   -25.208 1.00 47.56 ? 207 SO4 P O3   1 
HETATM 1533 O  O4   . SO4 E 3 .   ? 8.436   0.122   -23.438 1.00 50.39 ? 207 SO4 P O4   1 
HETATM 1534 S  S    . SO4 F 3 .   ? -9.881  -7.701  8.958   1.00 58.46 ? 208 SO4 P S    1 
HETATM 1535 O  O1   . SO4 F 3 .   ? -11.232 -7.175  8.745   1.00 52.18 ? 208 SO4 P O1   1 
HETATM 1536 O  O2   . SO4 F 3 .   ? -9.185  -7.791  7.678   1.00 52.73 ? 208 SO4 P O2   1 
HETATM 1537 O  O3   . SO4 F 3 .   ? -9.146  -6.808  9.855   1.00 49.04 ? 208 SO4 P O3   1 
HETATM 1538 O  O4   . SO4 F 3 .   ? -9.959  -9.033  9.553   1.00 57.48 ? 208 SO4 P O4   1 
HETATM 1539 C  C01  . 3LI G 4 .   ? -3.100  11.589  8.670   1.00 32.27 ? 209 3LI P C01  1 
HETATM 1540 N  N02  . 3LI G 4 .   ? -1.791  11.421  9.242   1.00 32.88 ? 209 3LI P N02  1 
HETATM 1541 C  C03  . 3LI G 4 .   ? -0.686  11.580  8.459   1.00 32.90 ? 209 3LI P C03  1 
HETATM 1542 O  O04  . 3LI G 4 .   ? -0.671  11.879  7.273   1.00 38.13 ? 209 3LI P O04  1 
HETATM 1543 C  C05  . 3LI G 4 .   ? 0.568   11.378  9.171   1.00 31.14 ? 209 3LI P C05  1 
HETATM 1544 C  C06  . 3LI G 4 .   ? 1.139   12.456  9.803   1.00 34.24 ? 209 3LI P C06  1 
HETATM 1545 C  C07  . 3LI G 4 .   ? 2.322   12.270  10.472  1.00 33.44 ? 209 3LI P C07  1 
HETATM 1546 C  C08  . 3LI G 4 .   ? 2.905   11.025  10.503  1.00 34.02 ? 209 3LI P C08  1 
HETATM 1547 C  C09  . 3LI G 4 .   ? 2.319   9.958   9.861   1.00 29.29 ? 209 3LI P C09  1 
HETATM 1548 C  C10  . 3LI G 4 .   ? 2.972   8.622   9.912   1.00 31.64 ? 209 3LI P C10  1 
HETATM 1549 C  C11  . 3LI G 4 .   ? 1.138   10.128  9.182   1.00 26.66 ? 209 3LI P C11  1 
HETATM 1550 N  N12  . 3LI G 4 .   ? 0.519   9.055   8.534   1.00 27.99 ? 209 3LI P N12  1 
HETATM 1551 C  C13  . 3LI G 4 .   ? 1.044   8.483   7.373   1.00 25.31 ? 209 3LI P C13  1 
HETATM 1552 N  N14  . 3LI G 4 .   ? 0.379   7.456   6.837   1.00 24.84 ? 209 3LI P N14  1 
HETATM 1553 C  C15  . 3LI G 4 .   ? 0.904   6.926   5.728   1.00 23.34 ? 209 3LI P C15  1 
HETATM 1554 N  N16  . 3LI G 4 .   ? 2.024   7.390   5.177   1.00 23.98 ? 209 3LI P N16  1 
HETATM 1555 C  C17  . 3LI G 4 .   ? 2.630   8.418   5.778   1.00 26.32 ? 209 3LI P C17  1 
HETATM 1556 N  N18  . 3LI G 4 .   ? 2.168   8.999   6.883   1.00 24.75 ? 209 3LI P N18  1 
HETATM 1557 N  N19  . 3LI G 4 .   ? 3.803   8.940   5.212   1.00 26.22 ? 209 3LI P N19  1 
HETATM 1558 C  C20  . 3LI G 4 .   ? 4.611   9.717   6.121   1.00 27.96 ? 209 3LI P C20  1 
HETATM 1559 C  C21  . 3LI G 4 .   ? 5.561   10.534  5.272   1.00 30.26 ? 209 3LI P C21  1 
HETATM 1560 N  N22  . 3LI G 4 .   ? 6.293   9.644   4.388   1.00 28.62 ? 209 3LI P N22  1 
HETATM 1561 C  C23  . 3LI G 4 .   ? 5.456   8.861   3.502   1.00 26.09 ? 209 3LI P C23  1 
HETATM 1562 C  C24  . 3LI G 4 .   ? 4.517   8.024   4.350   1.00 27.89 ? 209 3LI P C24  1 
HETATM 1563 C  C25  . 3LI G 4 .   ? 7.226   10.397  3.657   1.00 34.85 ? 209 3LI P C25  1 
HETATM 1564 C  C26  . 3LI G 4 .   ? 6.954   11.697  3.302   1.00 31.99 ? 209 3LI P C26  1 
HETATM 1565 C  C27  . 3LI G 4 .   ? 7.872   12.434  2.591   1.00 38.70 ? 209 3LI P C27  1 
HETATM 1566 C  C28  . 3LI G 4 .   ? 9.078   11.880  2.233   1.00 35.97 ? 209 3LI P C28  1 
HETATM 1567 C  C29  . 3LI G 4 .   ? 9.362   10.586  2.588   1.00 37.36 ? 209 3LI P C29  1 
HETATM 1568 C  C30  . 3LI G 4 .   ? 8.435   9.857   3.293   1.00 32.99 ? 209 3LI P C30  1 
HETATM 1569 CL CL31 . 3LI G 4 .   ? 8.810   8.239   3.728   1.00 40.10 ? 209 3LI P CL31 1 
HETATM 1570 N  N32  . 3LI G 4 .   ? 0.242   5.847   5.108   1.00 20.94 ? 209 3LI P N32  1 
HETATM 1571 C  C33  . 3LI G 4 .   ? -0.578  5.140   6.071   1.00 22.48 ? 209 3LI P C33  1 
HETATM 1572 S  S34  . 3LI G 4 .   ? -0.158  3.383   6.023   1.00 21.43 ? 209 3LI P S34  1 
HETATM 1573 C  C35  . 3LI G 4 .   ? 0.684   3.562   4.431   1.00 19.65 ? 209 3LI P C35  1 
HETATM 1574 C  C36  . 3LI G 4 .   ? 1.201   4.991   4.412   1.00 20.57 ? 209 3LI P C36  1 
HETATM 1575 C  C37  . 3LI G 4 .   ? 1.303   5.401   2.975   1.00 24.00 ? 209 3LI P C37  1 
HETATM 1576 O  O38  . 3LI G 4 .   ? 2.326   5.226   2.333   1.00 23.63 ? 209 3LI P O38  1 
HETATM 1577 N  N39  . 3LI G 4 .   ? 0.164   5.966   2.457   1.00 23.13 ? 209 3LI P N39  1 
HETATM 1578 C  C40  . 3LI G 4 .   ? 0.179   6.287   1.050   1.00 25.85 ? 209 3LI P C40  1 
HETATM 1579 C  C41  . 3LI G 4 .   ? -0.887  5.462   0.402   1.00 25.33 ? 209 3LI P C41  1 
HETATM 1580 O  O42  . 3LI G 4 .   ? -2.013  5.884   0.198   1.00 32.38 ? 209 3LI P O42  1 
HETATM 1581 N  N43  . 3LI G 4 .   ? -0.481  4.198   0.069   1.00 24.57 ? 209 3LI P N43  1 
HETATM 1582 O  O44  . 3LI G 4 .   ? -1.598  3.458   -0.391  1.00 21.59 ? 209 3LI P O44  1 
HETATM 1583 C  C1   . GOL H 5 .   ? 3.092   -12.597 12.881  1.00 23.78 ? 210 GOL P C1   1 
HETATM 1584 O  O1   . GOL H 5 .   ? 1.697   -12.510 12.735  1.00 34.23 ? 210 GOL P O1   1 
HETATM 1585 C  C2   . GOL H 5 .   ? 3.341   -13.167 14.276  1.00 40.32 ? 210 GOL P C2   1 
HETATM 1586 O  O2   . GOL H 5 .   ? 3.840   -12.148 15.119  1.00 46.60 ? 210 GOL P O2   1 
HETATM 1587 C  C3   . GOL H 5 .   ? 2.027   -13.685 14.851  1.00 33.01 ? 210 GOL P C3   1 
HETATM 1588 O  O3   . GOL H 5 .   ? 1.345   -14.462 13.889  1.00 40.72 ? 210 GOL P O3   1 
HETATM 1589 O  O    . HOH I 6 .   ? -5.833  -3.711  8.649   1.00 24.14 ? 211 HOH P O    1 
HETATM 1590 O  O    . HOH I 6 .   ? 7.601   5.321   -11.985 1.00 21.34 ? 212 HOH P O    1 
HETATM 1591 O  O    . HOH I 6 .   ? 3.815   -8.266  -21.193 1.00 23.66 ? 213 HOH P O    1 
HETATM 1592 O  O    . HOH I 6 .   ? 0.963   -8.665  -21.583 1.00 22.55 ? 214 HOH P O    1 
HETATM 1593 O  O    . HOH I 6 .   ? 6.734   -14.988 -13.327 1.00 27.68 ? 215 HOH P O    1 
HETATM 1594 O  O    . HOH I 6 .   ? -0.235  -8.083  -18.660 1.00 23.89 ? 216 HOH P O    1 
HETATM 1595 O  O    . HOH I 6 .   ? 7.640   -13.923 -16.080 1.00 23.16 ? 217 HOH P O    1 
HETATM 1596 O  O    . HOH I 6 .   ? 0.747   -16.979 -17.009 1.00 23.90 ? 218 HOH P O    1 
HETATM 1597 O  O    . HOH I 6 .   ? -7.878  -6.370  3.572   1.00 25.71 ? 219 HOH P O    1 
HETATM 1598 O  O    . HOH I 6 .   ? 8.451   4.212   -24.115 1.00 26.75 ? 220 HOH P O    1 
HETATM 1599 O  O    . HOH I 6 .   ? 7.867   7.664   -10.682 1.00 22.93 ? 221 HOH P O    1 
HETATM 1600 O  O    . HOH I 6 .   ? 8.580   -5.589  10.974  1.00 24.09 ? 222 HOH P O    1 
HETATM 1601 O  O    . HOH I 6 .   ? 7.038   -15.896 15.834  1.00 24.08 ? 223 HOH P O    1 
HETATM 1602 O  O    . HOH I 6 .   ? -4.029  5.504   12.710  1.00 22.54 ? 224 HOH P O    1 
HETATM 1603 O  O    . HOH I 6 .   ? -0.732  -19.165 -11.430 1.00 29.87 ? 225 HOH P O    1 
HETATM 1604 O  O    . HOH I 6 .   ? -7.203  -6.874  28.224  1.00 31.06 ? 226 HOH P O    1 
HETATM 1605 O  O    . HOH I 6 .   ? -2.973  2.984   11.705  1.00 21.98 ? 227 HOH P O    1 
HETATM 1606 O  O    . HOH I 6 .   ? -7.854  -3.502  -14.411 1.00 33.91 ? 228 HOH P O    1 
HETATM 1607 O  O    . HOH I 6 .   ? 8.312   -6.517  -10.427 1.00 27.70 ? 229 HOH P O    1 
HETATM 1608 O  O    . HOH I 6 .   ? -5.074  -11.092 -0.001  1.00 25.69 ? 230 HOH P O    1 
HETATM 1609 O  O    . HOH I 6 .   ? -3.674  -11.758 -2.971  1.00 25.07 ? 231 HOH P O    1 
HETATM 1610 O  O    . HOH I 6 .   ? -3.873  -14.483 -2.880  1.00 33.29 ? 232 HOH P O    1 
HETATM 1611 O  O    . HOH I 6 .   ? -2.963  -17.178 -9.329  1.00 34.65 ? 233 HOH P O    1 
HETATM 1612 O  O    . HOH I 6 .   ? -9.414  -2.849  -8.032  1.00 27.39 ? 234 HOH P O    1 
HETATM 1613 O  O    . HOH I 6 .   ? 8.297   -1.192  11.279  1.00 29.74 ? 235 HOH P O    1 
HETATM 1614 O  O    . HOH I 6 .   ? 7.970   0.172   13.689  1.00 33.27 ? 236 HOH P O    1 
HETATM 1615 O  O    . HOH I 6 .   ? -4.592  -15.563 12.878  1.00 27.62 ? 237 HOH P O    1 
HETATM 1616 O  O    . HOH I 6 .   ? -1.655  -10.546 20.531  1.00 25.56 ? 238 HOH P O    1 
HETATM 1617 O  O    . HOH I 6 .   ? -1.517  -15.564 -2.439  1.00 35.58 ? 239 HOH P O    1 
HETATM 1618 O  O    . HOH I 6 .   ? 13.160  -5.867  2.823   1.00 37.98 ? 240 HOH P O    1 
HETATM 1619 O  O    . HOH I 6 .   ? 10.337  -9.153  2.262   1.00 35.80 ? 241 HOH P O    1 
HETATM 1620 O  O    . HOH I 6 .   ? 8.070   -19.203 1.712   1.00 32.02 ? 242 HOH P O    1 
HETATM 1621 O  O    . HOH I 6 .   ? -8.760  -13.449 -8.831  1.00 35.96 ? 243 HOH P O    1 
HETATM 1622 O  O    . HOH I 6 .   ? 4.828   -10.381 13.194  1.00 24.81 ? 244 HOH P O    1 
HETATM 1623 O  O    . HOH I 6 .   ? -7.122  0.880   4.681   1.00 25.10 ? 245 HOH P O    1 
HETATM 1624 O  O    . HOH I 6 .   ? -10.011 -2.659  11.672  1.00 31.50 ? 246 HOH P O    1 
HETATM 1625 O  O    . HOH I 6 .   ? -3.552  5.496   -13.987 1.00 27.67 ? 247 HOH P O    1 
HETATM 1626 O  O    . HOH I 6 .   ? 12.722  -3.121  -5.272  1.00 37.69 ? 248 HOH P O    1 
HETATM 1627 O  O    . HOH I 6 .   ? -1.882  -12.913 19.376  1.00 29.54 ? 249 HOH P O    1 
HETATM 1628 O  O    . HOH I 6 .   ? 11.071  4.795   -25.124 1.00 25.53 ? 250 HOH P O    1 
HETATM 1629 O  O    . HOH I 6 .   ? 10.780  -10.109 -2.189  1.00 34.45 ? 251 HOH P O    1 
HETATM 1630 O  O    . HOH I 6 .   ? -0.984  -19.163 -15.368 1.00 34.92 ? 252 HOH P O    1 
HETATM 1631 O  O    . HOH I 6 .   ? 4.920   -6.577  -23.253 1.00 30.64 ? 253 HOH P O    1 
HETATM 1632 O  O    . HOH I 6 .   ? 1.633   -2.567  14.270  1.00 26.05 ? 254 HOH P O    1 
HETATM 1633 O  O    . HOH I 6 .   ? -6.475  1.071   1.908   1.00 20.47 ? 255 HOH P O    1 
HETATM 1634 O  O    . HOH I 6 .   ? 14.306  8.163   -2.495  1.00 30.75 ? 256 HOH P O    1 
HETATM 1635 O  O    . HOH I 6 .   ? -6.595  8.851   10.120  1.00 29.63 ? 257 HOH P O    1 
HETATM 1636 O  O    . HOH I 6 .   ? 0.415   -7.290  -24.267 1.00 38.53 ? 258 HOH P O    1 
HETATM 1637 O  O    . HOH I 6 .   ? -6.211  -7.912  15.676  1.00 30.56 ? 259 HOH P O    1 
HETATM 1638 O  O    . HOH I 6 .   ? -10.593 4.842   15.656  1.00 30.61 ? 260 HOH P O    1 
HETATM 1639 O  O    . HOH I 6 .   ? -6.864  3.882   2.204   1.00 24.13 ? 261 HOH P O    1 
HETATM 1640 O  O    . HOH I 6 .   ? 13.929  6.449   -0.304  1.00 31.96 ? 262 HOH P O    1 
HETATM 1641 O  O    . HOH I 6 .   ? 2.340   14.464  -10.269 1.00 26.40 ? 263 HOH P O    1 
HETATM 1642 O  O    . HOH I 6 .   ? -4.977  -1.818  -17.236 1.00 30.54 ? 264 HOH P O    1 
HETATM 1643 O  O    . HOH I 6 .   ? -5.076  11.321  2.808   1.00 31.24 ? 265 HOH P O    1 
HETATM 1644 O  O    . HOH I 6 .   ? 3.493   -3.363  16.443  1.00 28.89 ? 266 HOH P O    1 
HETATM 1645 O  O    . HOH I 6 .   ? 1.062   10.333  -15.653 1.00 33.11 ? 267 HOH P O    1 
HETATM 1646 O  O    . HOH I 6 .   ? 7.281   -7.565  -23.628 1.00 31.66 ? 268 HOH P O    1 
HETATM 1647 O  O    . HOH I 6 .   ? -5.413  -10.673 3.351   1.00 25.54 ? 269 HOH P O    1 
HETATM 1648 O  O    . HOH I 6 .   ? 1.982   -6.070  25.341  1.00 38.08 ? 270 HOH P O    1 
HETATM 1649 O  O    . HOH I 6 .   ? 4.403   -5.498  18.033  1.00 31.88 ? 271 HOH P O    1 
HETATM 1650 O  O    . HOH I 6 .   ? 6.599   -18.429 -12.807 1.00 40.48 ? 272 HOH P O    1 
HETATM 1651 O  O    . HOH I 6 .   ? 1.783   -19.566 -7.758  1.00 48.37 ? 273 HOH P O    1 
HETATM 1652 O  O    . HOH I 6 .   ? 5.909   9.941   -17.813 1.00 28.27 ? 274 HOH P O    1 
HETATM 1653 O  O    . HOH I 6 .   ? -3.382  12.940  -3.455  1.00 29.30 ? 275 HOH P O    1 
HETATM 1654 O  O    . HOH I 6 .   ? -10.041 9.510   -9.979  1.00 29.44 ? 276 HOH P O    1 
HETATM 1655 O  O    . HOH I 6 .   ? 2.929   6.116   -21.457 1.00 31.36 ? 277 HOH P O    1 
HETATM 1656 O  O    . HOH I 6 .   ? -15.478 -6.320  -6.184  1.00 37.47 ? 278 HOH P O    1 
HETATM 1657 O  O    . HOH I 6 .   ? 11.584  2.375   -26.071 1.00 38.12 ? 279 HOH P O    1 
HETATM 1658 O  O    . HOH I 6 .   ? -7.276  -1.015  -15.845 1.00 36.93 ? 280 HOH P O    1 
# 
